data_7EOI
# 
_entry.id   7EOI 
# 
_audit_conform.dict_name       mmcif_pdbx.dic 
_audit_conform.dict_version    5.380 
_audit_conform.dict_location   http://mmcif.pdb.org/dictionaries/ascii/mmcif_pdbx.dic 
# 
loop_
_database_2.database_id 
_database_2.database_code 
_database_2.pdbx_database_accession 
_database_2.pdbx_DOI 
PDB   7EOI         pdb_00007eoi 10.2210/pdb7eoi/pdb 
WWPDB D_1300021883 ?            ?                   
# 
_pdbx_database_status.status_code                     REL 
_pdbx_database_status.status_code_sf                  REL 
_pdbx_database_status.status_code_mr                  ? 
_pdbx_database_status.entry_id                        7EOI 
_pdbx_database_status.recvd_initial_deposition_date   2021-04-22 
_pdbx_database_status.SG_entry                        N 
_pdbx_database_status.deposit_site                    PDBJ 
_pdbx_database_status.process_site                    PDBJ 
_pdbx_database_status.status_code_cs                  ? 
_pdbx_database_status.status_code_nmr_data            ? 
_pdbx_database_status.methods_development_category    ? 
_pdbx_database_status.pdb_format_compatible           Y 
# 
loop_
_audit_author.name 
_audit_author.pdbx_ordinal 
_audit_author.identifier_ORCID 
'Huang, K.Y.' 1 0000-0002-7508-5446 
'Ren, A.M.'   2 0000-0002-5420-4899 
# 
_citation.abstract                  ? 
_citation.abstract_id_CAS           ? 
_citation.book_id_ISBN              ? 
_citation.book_publisher            ? 
_citation.book_publisher_city       ? 
_citation.book_title                ? 
_citation.coordinate_linkage        ? 
_citation.country                   US 
_citation.database_id_Medline       ? 
_citation.details                   ? 
_citation.id                        primary 
_citation.journal_abbrev            Nat.Chem.Biol. 
_citation.journal_id_ASTM           ? 
_citation.journal_id_CSD            ? 
_citation.journal_id_ISSN           1552-4469 
_citation.journal_full              ? 
_citation.journal_issue             ? 
_citation.journal_volume            17 
_citation.language                  ? 
_citation.page_first                1289 
_citation.page_last                 1295 
_citation.title                     'Structure-based investigation of fluorogenic Pepper aptamer.' 
_citation.year                      2021 
_citation.database_id_CSD           ? 
_citation.pdbx_database_id_DOI      10.1038/s41589-021-00884-6 
_citation.pdbx_database_id_PubMed   34725509 
_citation.pdbx_database_id_patent   ? 
_citation.unpublished_flag          ? 
# 
loop_
_citation_author.citation_id 
_citation_author.name 
_citation_author.ordinal 
_citation_author.identifier_ORCID 
primary 'Huang, K.' 1 ? 
primary 'Chen, X.'  2 ? 
primary 'Li, C.'    3 ? 
primary 'Song, Q.'  4 ? 
primary 'Li, H.'    5 ? 
primary 'Zhu, L.'   6 ? 
primary 'Yang, Y.'  7 ? 
primary 'Ren, A.'   8 ? 
# 
_cell.angle_alpha                  90.000 
_cell.angle_alpha_esd              ? 
_cell.angle_beta                   122.780 
_cell.angle_beta_esd               ? 
_cell.angle_gamma                  90.000 
_cell.angle_gamma_esd              ? 
_cell.entry_id                     7EOI 
_cell.details                      ? 
_cell.formula_units_Z              ? 
_cell.length_a                     85.619 
_cell.length_a_esd                 ? 
_cell.length_b                     34.702 
_cell.length_b_esd                 ? 
_cell.length_c                     54.141 
_cell.length_c_esd                 ? 
_cell.volume                       ? 
_cell.volume_esd                   ? 
_cell.Z_PDB                        4 
_cell.reciprocal_angle_alpha       ? 
_cell.reciprocal_angle_beta        ? 
_cell.reciprocal_angle_gamma       ? 
_cell.reciprocal_angle_alpha_esd   ? 
_cell.reciprocal_angle_beta_esd    ? 
_cell.reciprocal_angle_gamma_esd   ? 
_cell.reciprocal_length_a          ? 
_cell.reciprocal_length_b          ? 
_cell.reciprocal_length_c          ? 
_cell.reciprocal_length_a_esd      ? 
_cell.reciprocal_length_b_esd      ? 
_cell.reciprocal_length_c_esd      ? 
_cell.pdbx_unique_axis             ? 
# 
_symmetry.entry_id                         7EOI 
_symmetry.cell_setting                     ? 
_symmetry.Int_Tables_number                5 
_symmetry.space_group_name_Hall            ? 
_symmetry.space_group_name_H-M             'C 1 2 1' 
_symmetry.pdbx_full_space_group_name_H-M   ? 
# 
loop_
_entity.id 
_entity.type 
_entity.src_method 
_entity.pdbx_description 
_entity.formula_weight 
_entity.pdbx_number_of_molecules 
_entity.pdbx_ec 
_entity.pdbx_mutation 
_entity.pdbx_fragment 
_entity.details 
1 polymer     man 'Pepper (49-MER)'                                                                        15773.372 1  ? ? ? ? 
2 non-polymer syn '4-[(~{Z})-1-cyano-2-[4-[2-hydroxyethyl(methyl)amino]phenyl]ethenyl]benzenecarbonitrile' 303.358   1  ? ? ? ? 
3 non-polymer syn 'MANGANESE (II) ION'                                                                     54.938    6  ? ? ? ? 
4 non-polymer syn 'MAGNESIUM ION'                                                                          24.305    2  ? ? ? ? 
5 water       nat water                                                                                    18.015    85 ? ? ? ? 
# 
_entity_poly.entity_id                      1 
_entity_poly.type                           polyribonucleotide 
_entity_poly.nstd_linkage                   no 
_entity_poly.nstd_monomer                   no 
_entity_poly.pdbx_seq_one_letter_code       GGCGCACUGGCGCUGCGCCUUCGGGCGCCAAUCGUAGCGUGUCGGCGCC 
_entity_poly.pdbx_seq_one_letter_code_can   GGCGCACUGGCGCUGCGCCUUCGGGCGCCAAUCGUAGCGUGUCGGCGCC 
_entity_poly.pdbx_strand_id                 A 
_entity_poly.pdbx_target_identifier         ? 
# 
loop_
_entity_poly_seq.entity_id 
_entity_poly_seq.num 
_entity_poly_seq.mon_id 
_entity_poly_seq.hetero 
1 1  G n 
1 2  G n 
1 3  C n 
1 4  G n 
1 5  C n 
1 6  A n 
1 7  C n 
1 8  U n 
1 9  G n 
1 10 G n 
1 11 C n 
1 12 G n 
1 13 C n 
1 14 U n 
1 15 G n 
1 16 C n 
1 17 G n 
1 18 C n 
1 19 C n 
1 20 U n 
1 21 U n 
1 22 C n 
1 23 G n 
1 24 G n 
1 25 G n 
1 26 C n 
1 27 G n 
1 28 C n 
1 29 C n 
1 30 A n 
1 31 A n 
1 32 U n 
1 33 C n 
1 34 G n 
1 35 U n 
1 36 A n 
1 37 G n 
1 38 C n 
1 39 G n 
1 40 U n 
1 41 G n 
1 42 U n 
1 43 C n 
1 44 G n 
1 45 G n 
1 46 C n 
1 47 G n 
1 48 C n 
1 49 C n 
# 
_entity_src_gen.entity_id                          1 
_entity_src_gen.pdbx_src_id                        1 
_entity_src_gen.pdbx_alt_source_flag               sample 
_entity_src_gen.pdbx_seq_type                      'Biological sequence' 
_entity_src_gen.pdbx_beg_seq_num                   1 
_entity_src_gen.pdbx_end_seq_num                   49 
_entity_src_gen.gene_src_common_name               ? 
_entity_src_gen.gene_src_genus                     ? 
_entity_src_gen.pdbx_gene_src_gene                 ? 
_entity_src_gen.gene_src_species                   ? 
_entity_src_gen.gene_src_strain                    ? 
_entity_src_gen.gene_src_tissue                    ? 
_entity_src_gen.gene_src_tissue_fraction           ? 
_entity_src_gen.gene_src_details                   ? 
_entity_src_gen.pdbx_gene_src_fragment             ? 
_entity_src_gen.pdbx_gene_src_scientific_name      'synthetic construct' 
_entity_src_gen.pdbx_gene_src_ncbi_taxonomy_id     32630 
_entity_src_gen.pdbx_gene_src_variant              ? 
_entity_src_gen.pdbx_gene_src_cell_line            ? 
_entity_src_gen.pdbx_gene_src_atcc                 ? 
_entity_src_gen.pdbx_gene_src_organ                ? 
_entity_src_gen.pdbx_gene_src_organelle            ? 
_entity_src_gen.pdbx_gene_src_cell                 ? 
_entity_src_gen.pdbx_gene_src_cellular_location    ? 
_entity_src_gen.host_org_common_name               ? 
_entity_src_gen.pdbx_host_org_scientific_name      'in vitro transcription vector pT7-TP(deltai)' 
_entity_src_gen.pdbx_host_org_ncbi_taxonomy_id     905931 
_entity_src_gen.host_org_genus                     ? 
_entity_src_gen.pdbx_host_org_gene                 ? 
_entity_src_gen.pdbx_host_org_organ                ? 
_entity_src_gen.host_org_species                   ? 
_entity_src_gen.pdbx_host_org_tissue               ? 
_entity_src_gen.pdbx_host_org_tissue_fraction      ? 
_entity_src_gen.pdbx_host_org_strain               ? 
_entity_src_gen.pdbx_host_org_variant              ? 
_entity_src_gen.pdbx_host_org_cell_line            ? 
_entity_src_gen.pdbx_host_org_atcc                 ? 
_entity_src_gen.pdbx_host_org_culture_collection   ? 
_entity_src_gen.pdbx_host_org_cell                 ? 
_entity_src_gen.pdbx_host_org_organelle            ? 
_entity_src_gen.pdbx_host_org_cellular_location    ? 
_entity_src_gen.pdbx_host_org_vector_type          ? 
_entity_src_gen.pdbx_host_org_vector               ? 
_entity_src_gen.host_org_details                   ? 
_entity_src_gen.expression_system_id               ? 
_entity_src_gen.plasmid_name                       ? 
_entity_src_gen.plasmid_details                    ? 
_entity_src_gen.pdbx_description                   ? 
# 
_struct_ref.id                         1 
_struct_ref.db_name                    PDB 
_struct_ref.db_code                    7EOI 
_struct_ref.pdbx_db_accession          7EOI 
_struct_ref.pdbx_db_isoform            ? 
_struct_ref.entity_id                  1 
_struct_ref.pdbx_seq_one_letter_code   ? 
_struct_ref.pdbx_align_begin           1 
# 
_struct_ref_seq.align_id                      1 
_struct_ref_seq.ref_id                        1 
_struct_ref_seq.pdbx_PDB_id_code              7EOI 
_struct_ref_seq.pdbx_strand_id                A 
_struct_ref_seq.seq_align_beg                 1 
_struct_ref_seq.pdbx_seq_align_beg_ins_code   ? 
_struct_ref_seq.seq_align_end                 49 
_struct_ref_seq.pdbx_seq_align_end_ins_code   ? 
_struct_ref_seq.pdbx_db_accession             7EOI 
_struct_ref_seq.db_align_beg                  1 
_struct_ref_seq.pdbx_db_align_beg_ins_code    ? 
_struct_ref_seq.db_align_end                  49 
_struct_ref_seq.pdbx_db_align_end_ins_code    ? 
_struct_ref_seq.pdbx_auth_seq_align_beg       1 
_struct_ref_seq.pdbx_auth_seq_align_end       49 
# 
loop_
_chem_comp.id 
_chem_comp.type 
_chem_comp.mon_nstd_flag 
_chem_comp.name 
_chem_comp.pdbx_synonyms 
_chem_comp.formula 
_chem_comp.formula_weight 
A   'RNA linking' y "ADENOSINE-5'-MONOPHOSPHATE"                                                             ? 'C10 H14 N5 O7 P' 
347.221 
C   'RNA linking' y "CYTIDINE-5'-MONOPHOSPHATE"                                                              ? 'C9 H14 N3 O8 P'  
323.197 
G   'RNA linking' y "GUANOSINE-5'-MONOPHOSPHATE"                                                             ? 'C10 H14 N5 O8 P' 
363.221 
HOH non-polymer   . WATER                                                                                    ? 'H2 O'            
18.015  
J8F non-polymer   . '4-[(~{Z})-1-cyano-2-[4-[2-hydroxyethyl(methyl)amino]phenyl]ethenyl]benzenecarbonitrile' ? 'C19 H17 N3 O'    
303.358 
MG  non-polymer   . 'MAGNESIUM ION'                                                                          ? 'Mg 2'            
24.305  
MN  non-polymer   . 'MANGANESE (II) ION'                                                                     ? 'Mn 2'            
54.938  
U   'RNA linking' y "URIDINE-5'-MONOPHOSPHATE"                                                               ? 'C9 H13 N2 O9 P'  
324.181 
# 
_exptl.absorpt_coefficient_mu     ? 
_exptl.absorpt_correction_T_max   ? 
_exptl.absorpt_correction_T_min   ? 
_exptl.absorpt_correction_type    ? 
_exptl.absorpt_process_details    ? 
_exptl.entry_id                   7EOI 
_exptl.crystals_number            1 
_exptl.details                    ? 
_exptl.method                     'X-RAY DIFFRACTION' 
_exptl.method_details             ? 
# 
_exptl_crystal.colour                      ? 
_exptl_crystal.density_diffrn              ? 
_exptl_crystal.density_Matthews            2.14 
_exptl_crystal.density_method              ? 
_exptl_crystal.density_percent_sol         42.62 
_exptl_crystal.description                 ? 
_exptl_crystal.F_000                       ? 
_exptl_crystal.id                          1 
_exptl_crystal.preparation                 ? 
_exptl_crystal.size_max                    ? 
_exptl_crystal.size_mid                    ? 
_exptl_crystal.size_min                    ? 
_exptl_crystal.size_rad                    ? 
_exptl_crystal.colour_lustre               ? 
_exptl_crystal.colour_modifier             ? 
_exptl_crystal.colour_primary              ? 
_exptl_crystal.density_meas                ? 
_exptl_crystal.density_meas_esd            ? 
_exptl_crystal.density_meas_gt             ? 
_exptl_crystal.density_meas_lt             ? 
_exptl_crystal.density_meas_temp           ? 
_exptl_crystal.density_meas_temp_esd       ? 
_exptl_crystal.density_meas_temp_gt        ? 
_exptl_crystal.density_meas_temp_lt        ? 
_exptl_crystal.pdbx_crystal_image_url      ? 
_exptl_crystal.pdbx_crystal_image_format   ? 
_exptl_crystal.pdbx_mosaicity              ? 
_exptl_crystal.pdbx_mosaicity_esd          ? 
# 
_exptl_crystal_grow.apparatus       ? 
_exptl_crystal_grow.atmosphere      ? 
_exptl_crystal_grow.crystal_id      1 
_exptl_crystal_grow.details         ? 
_exptl_crystal_grow.method          'VAPOR DIFFUSION, SITTING DROP' 
_exptl_crystal_grow.method_ref      ? 
_exptl_crystal_grow.pH              ? 
_exptl_crystal_grow.pressure        ? 
_exptl_crystal_grow.pressure_esd    ? 
_exptl_crystal_grow.seeding         ? 
_exptl_crystal_grow.seeding_ref     ? 
_exptl_crystal_grow.temp            289 
_exptl_crystal_grow.temp_details    ? 
_exptl_crystal_grow.temp_esd        ? 
_exptl_crystal_grow.time            ? 
_exptl_crystal_grow.pdbx_details    
'0.1 M ammonium chloride, 0.005 M magnesium chloride, 0.025 M HEPES, pH 7.0, 1.25 M 1,6-hexanediol, 40% MPD' 
_exptl_crystal_grow.pdbx_pH_range   ? 
# 
_diffrn.ambient_environment              ? 
_diffrn.ambient_temp                     100 
_diffrn.ambient_temp_details             ? 
_diffrn.ambient_temp_esd                 ? 
_diffrn.crystal_id                       1 
_diffrn.crystal_support                  ? 
_diffrn.crystal_treatment                ? 
_diffrn.details                          ? 
_diffrn.id                               1 
_diffrn.ambient_pressure                 ? 
_diffrn.ambient_pressure_esd             ? 
_diffrn.ambient_pressure_gt              ? 
_diffrn.ambient_pressure_lt              ? 
_diffrn.ambient_temp_gt                  ? 
_diffrn.ambient_temp_lt                  ? 
_diffrn.pdbx_serial_crystal_experiment   N 
# 
_diffrn_detector.details                      ? 
_diffrn_detector.detector                     PIXEL 
_diffrn_detector.diffrn_id                    1 
_diffrn_detector.type                         'DECTRIS PILATUS 6M' 
_diffrn_detector.area_resol_mean              ? 
_diffrn_detector.dtime                        ? 
_diffrn_detector.pdbx_frames_total            ? 
_diffrn_detector.pdbx_collection_time_total   ? 
_diffrn_detector.pdbx_collection_date         2020-07-05 
_diffrn_detector.pdbx_frequency               ? 
# 
_diffrn_radiation.collimation                      ? 
_diffrn_radiation.diffrn_id                        1 
_diffrn_radiation.filter_edge                      ? 
_diffrn_radiation.inhomogeneity                    ? 
_diffrn_radiation.monochromator                    ? 
_diffrn_radiation.polarisn_norm                    ? 
_diffrn_radiation.polarisn_ratio                   ? 
_diffrn_radiation.probe                            ? 
_diffrn_radiation.type                             ? 
_diffrn_radiation.xray_symbol                      ? 
_diffrn_radiation.wavelength_id                    1 
_diffrn_radiation.pdbx_monochromatic_or_laue_m_l   M 
_diffrn_radiation.pdbx_wavelength_list             ? 
_diffrn_radiation.pdbx_wavelength                  ? 
_diffrn_radiation.pdbx_diffrn_protocol             'SINGLE WAVELENGTH' 
_diffrn_radiation.pdbx_analyzer                    ? 
_diffrn_radiation.pdbx_scattering_type             x-ray 
# 
_diffrn_radiation_wavelength.id           1 
_diffrn_radiation_wavelength.wavelength   1.192 
_diffrn_radiation_wavelength.wt           1.0 
# 
_diffrn_source.current                     ? 
_diffrn_source.details                     ? 
_diffrn_source.diffrn_id                   1 
_diffrn_source.power                       ? 
_diffrn_source.size                        ? 
_diffrn_source.source                      SYNCHROTRON 
_diffrn_source.target                      ? 
_diffrn_source.type                        'SSRF BEAMLINE BL19U1' 
_diffrn_source.voltage                     ? 
_diffrn_source.take-off_angle              ? 
_diffrn_source.pdbx_wavelength_list        1.192 
_diffrn_source.pdbx_wavelength             ? 
_diffrn_source.pdbx_synchrotron_beamline   BL19U1 
_diffrn_source.pdbx_synchrotron_site       SSRF 
# 
_reflns.B_iso_Wilson_estimate                          ? 
_reflns.entry_id                                       7EOI 
_reflns.data_reduction_details                         ? 
_reflns.data_reduction_method                          ? 
_reflns.d_resolution_high                              1.900 
_reflns.d_resolution_low                               50.000 
_reflns.details                                        ? 
_reflns.limit_h_max                                    ? 
_reflns.limit_h_min                                    ? 
_reflns.limit_k_max                                    ? 
_reflns.limit_k_min                                    ? 
_reflns.limit_l_max                                    ? 
_reflns.limit_l_min                                    ? 
_reflns.number_all                                     ? 
_reflns.number_obs                                     15509 
_reflns.observed_criterion                             ? 
_reflns.observed_criterion_F_max                       ? 
_reflns.observed_criterion_F_min                       ? 
_reflns.observed_criterion_I_max                       ? 
_reflns.observed_criterion_I_min                       ? 
_reflns.observed_criterion_sigma_F                     ? 
_reflns.observed_criterion_sigma_I                     ? 
_reflns.percent_possible_obs                           77.200 
_reflns.R_free_details                                 ? 
_reflns.Rmerge_F_all                                   ? 
_reflns.Rmerge_F_obs                                   ? 
_reflns.Friedel_coverage                               ? 
_reflns.number_gt                                      ? 
_reflns.threshold_expression                           ? 
_reflns.pdbx_redundancy                                5.700 
_reflns.pdbx_Rmerge_I_obs                              0.173 
_reflns.pdbx_Rmerge_I_all                              ? 
_reflns.pdbx_Rsym_value                                ? 
_reflns.pdbx_netI_over_av_sigmaI                       ? 
_reflns.pdbx_netI_over_sigmaI                          3.900 
_reflns.pdbx_res_netI_over_av_sigmaI_2                 ? 
_reflns.pdbx_res_netI_over_sigmaI_2                    ? 
_reflns.pdbx_chi_squared                               2.054 
_reflns.pdbx_scaling_rejects                           ? 
_reflns.pdbx_d_res_high_opt                            ? 
_reflns.pdbx_d_res_low_opt                             ? 
_reflns.pdbx_d_res_opt_method                          ? 
_reflns.phase_calculation_details                      ? 
_reflns.pdbx_Rrim_I_all                                0.188 
_reflns.pdbx_Rpim_I_all                                0.073 
_reflns.pdbx_d_opt                                     ? 
_reflns.pdbx_number_measured_all                       ? 
_reflns.pdbx_diffrn_id                                 1 
_reflns.pdbx_ordinal                                   1 
_reflns.pdbx_CC_half                                   ? 
_reflns.pdbx_CC_star                                   ? 
_reflns.pdbx_R_split                                   ? 
_reflns.pdbx_aniso_diffraction_limit_axis_1_ortho[1]   ? 
_reflns.pdbx_aniso_diffraction_limit_axis_1_ortho[2]   ? 
_reflns.pdbx_aniso_diffraction_limit_axis_1_ortho[3]   ? 
_reflns.pdbx_aniso_diffraction_limit_axis_2_ortho[1]   ? 
_reflns.pdbx_aniso_diffraction_limit_axis_2_ortho[2]   ? 
_reflns.pdbx_aniso_diffraction_limit_axis_2_ortho[3]   ? 
_reflns.pdbx_aniso_diffraction_limit_axis_3_ortho[1]   ? 
_reflns.pdbx_aniso_diffraction_limit_axis_3_ortho[2]   ? 
_reflns.pdbx_aniso_diffraction_limit_axis_3_ortho[3]   ? 
_reflns.pdbx_aniso_diffraction_limit_1                 ? 
_reflns.pdbx_aniso_diffraction_limit_2                 ? 
_reflns.pdbx_aniso_diffraction_limit_3                 ? 
_reflns.pdbx_aniso_B_tensor_eigenvector_1_ortho[1]     ? 
_reflns.pdbx_aniso_B_tensor_eigenvector_1_ortho[2]     ? 
_reflns.pdbx_aniso_B_tensor_eigenvector_1_ortho[3]     ? 
_reflns.pdbx_aniso_B_tensor_eigenvector_2_ortho[1]     ? 
_reflns.pdbx_aniso_B_tensor_eigenvector_2_ortho[2]     ? 
_reflns.pdbx_aniso_B_tensor_eigenvector_2_ortho[3]     ? 
_reflns.pdbx_aniso_B_tensor_eigenvector_3_ortho[1]     ? 
_reflns.pdbx_aniso_B_tensor_eigenvector_3_ortho[2]     ? 
_reflns.pdbx_aniso_B_tensor_eigenvector_3_ortho[3]     ? 
_reflns.pdbx_aniso_B_tensor_eigenvalue_1               ? 
_reflns.pdbx_aniso_B_tensor_eigenvalue_2               ? 
_reflns.pdbx_aniso_B_tensor_eigenvalue_3               ? 
_reflns.pdbx_orthogonalization_convention              ? 
_reflns.pdbx_percent_possible_ellipsoidal              ? 
_reflns.pdbx_percent_possible_spherical                ? 
_reflns.pdbx_percent_possible_ellipsoidal_anomalous    ? 
_reflns.pdbx_percent_possible_spherical_anomalous      ? 
_reflns.pdbx_redundancy_anomalous                      ? 
_reflns.pdbx_CC_half_anomalous                         ? 
_reflns.pdbx_absDiff_over_sigma_anomalous              ? 
_reflns.pdbx_percent_possible_anomalous                ? 
_reflns.pdbx_observed_signal_threshold                 ? 
_reflns.pdbx_signal_type                               ? 
_reflns.pdbx_signal_details                            ? 
_reflns.pdbx_signal_software_id                        ? 
# 
loop_
_reflns_shell.d_res_high 
_reflns_shell.d_res_low 
_reflns_shell.meanI_over_sigI_all 
_reflns_shell.meanI_over_sigI_obs 
_reflns_shell.number_measured_all 
_reflns_shell.number_measured_obs 
_reflns_shell.number_possible 
_reflns_shell.number_unique_all 
_reflns_shell.number_unique_obs 
_reflns_shell.percent_possible_all 
_reflns_shell.percent_possible_obs 
_reflns_shell.Rmerge_F_all 
_reflns_shell.Rmerge_F_obs 
_reflns_shell.Rmerge_I_all 
_reflns_shell.Rmerge_I_obs 
_reflns_shell.meanI_over_sigI_gt 
_reflns_shell.meanI_over_uI_all 
_reflns_shell.meanI_over_uI_gt 
_reflns_shell.number_measured_gt 
_reflns_shell.number_unique_gt 
_reflns_shell.percent_possible_gt 
_reflns_shell.Rmerge_F_gt 
_reflns_shell.Rmerge_I_gt 
_reflns_shell.pdbx_redundancy 
_reflns_shell.pdbx_Rsym_value 
_reflns_shell.pdbx_chi_squared 
_reflns_shell.pdbx_netI_over_sigmaI_all 
_reflns_shell.pdbx_netI_over_sigmaI_obs 
_reflns_shell.pdbx_Rrim_I_all 
_reflns_shell.pdbx_Rpim_I_all 
_reflns_shell.pdbx_rejects 
_reflns_shell.pdbx_ordinal 
_reflns_shell.pdbx_diffrn_id 
_reflns_shell.pdbx_CC_half 
_reflns_shell.pdbx_CC_star 
_reflns_shell.pdbx_R_split 
_reflns_shell.pdbx_percent_possible_ellipsoidal 
_reflns_shell.pdbx_percent_possible_spherical 
_reflns_shell.pdbx_percent_possible_ellipsoidal_anomalous 
_reflns_shell.pdbx_percent_possible_spherical_anomalous 
_reflns_shell.pdbx_redundancy_anomalous 
_reflns_shell.pdbx_CC_half_anomalous 
_reflns_shell.pdbx_absDiff_over_sigma_anomalous 
_reflns_shell.pdbx_percent_possible_anomalous 
1.900 1.970  ? ? ? ? ? ? 208  19.300 ? ? ? ? 0.553 ? ? ? ? ? ? ? ? 2.800 ? 0.663 ? ? 0.648 0.326 ? 1  1 0.757 ? ? ? ? ? ? ? ? ? ? 
1.970 2.050  ? ? ? ? ? ? 488  45.600 ? ? ? ? 0.581 ? ? ? ? ? ? ? ? 3.200 ? 0.685 ? ? 0.670 0.321 ? 2  1 0.635 ? ? ? ? ? ? ? ? ? ? 
2.050 2.140  ? ? ? ? ? ? 622  58.700 ? ? ? ? 0.547 ? ? ? ? ? ? ? ? 4.000 ? 0.659 ? ? 0.615 0.273 ? 3  1 0.777 ? ? ? ? ? ? ? ? ? ? 
2.140 2.250  ? ? ? ? ? ? 741  68.200 ? ? ? ? 0.570 ? ? ? ? ? ? ? ? 4.500 ? 0.764 ? ? 0.636 0.274 ? 4  1 0.792 ? ? ? ? ? ? ? ? ? ? 
2.250 2.390  ? ? ? ? ? ? 932  87.000 ? ? ? ? 0.425 ? ? ? ? ? ? ? ? 5.400 ? 0.798 ? ? 0.467 0.188 ? 5  1 0.850 ? ? ? ? ? ? ? ? ? ? 
2.390 2.580  ? ? ? ? ? ? 1062 97.900 ? ? ? ? 0.376 ? ? ? ? ? ? ? ? 6.100 ? 0.709 ? ? 0.411 0.163 ? 6  1 0.928 ? ? ? ? ? ? ? ? ? ? 
2.580 2.840  ? ? ? ? ? ? 1051 97.800 ? ? ? ? 0.261 ? ? ? ? ? ? ? ? 6.400 ? 0.837 ? ? 0.283 0.109 ? 7  1 0.958 ? ? ? ? ? ? ? ? ? ? 
2.840 3.250  ? ? ? ? ? ? 1071 98.900 ? ? ? ? 0.171 ? ? ? ? ? ? ? ? 6.700 ? 1.495 ? ? 0.185 0.071 ? 8  1 0.976 ? ? ? ? ? ? ? ? ? ? 
3.250 4.090  ? ? ? ? ? ? 1067 98.100 ? ? ? ? 0.146 ? ? ? ? ? ? ? ? 6.700 ? 2.422 ? ? 0.158 0.060 ? 9  1 0.979 ? ? ? ? ? ? ? ? ? ? 
4.090 50.000 ? ? ? ? ? ? 1122 98.200 ? ? ? ? 0.157 ? ? ? ? ? ? ? ? 6.500 ? 6.639 ? ? 0.170 0.066 ? 10 1 0.776 ? ? ? ? ? ? ? ? ? ? 
# 
_refine.aniso_B[1][1]                            ? 
_refine.aniso_B[1][2]                            ? 
_refine.aniso_B[1][3]                            ? 
_refine.aniso_B[2][2]                            ? 
_refine.aniso_B[2][3]                            ? 
_refine.aniso_B[3][3]                            ? 
_refine.B_iso_max                                116.970 
_refine.B_iso_mean                               42.0224 
_refine.B_iso_min                                18.730 
_refine.correlation_coeff_Fo_to_Fc               ? 
_refine.correlation_coeff_Fo_to_Fc_free          ? 
_refine.details                                  ? 
_refine.diff_density_max                         ? 
_refine.diff_density_max_esd                     ? 
_refine.diff_density_min                         ? 
_refine.diff_density_min_esd                     ? 
_refine.diff_density_rms                         ? 
_refine.diff_density_rms_esd                     ? 
_refine.entry_id                                 7EOI 
_refine.pdbx_refine_id                           'X-RAY DIFFRACTION' 
_refine.ls_abs_structure_details                 ? 
_refine.ls_abs_structure_Flack                   ? 
_refine.ls_abs_structure_Flack_esd               ? 
_refine.ls_abs_structure_Rogers                  ? 
_refine.ls_abs_structure_Rogers_esd              ? 
_refine.ls_d_res_high                            1.9200 
_refine.ls_d_res_low                             35.9930 
_refine.ls_extinction_coef                       ? 
_refine.ls_extinction_coef_esd                   ? 
_refine.ls_extinction_expression                 ? 
_refine.ls_extinction_method                     ? 
_refine.ls_goodness_of_fit_all                   ? 
_refine.ls_goodness_of_fit_all_esd               ? 
_refine.ls_goodness_of_fit_obs                   ? 
_refine.ls_goodness_of_fit_obs_esd               ? 
_refine.ls_hydrogen_treatment                    ? 
_refine.ls_matrix_type                           ? 
_refine.ls_number_constraints                    ? 
_refine.ls_number_parameters                     ? 
_refine.ls_number_reflns_all                     ? 
_refine.ls_number_reflns_obs                     15509 
_refine.ls_number_reflns_R_free                  711 
_refine.ls_number_reflns_R_work                  14798 
_refine.ls_number_restraints                     ? 
_refine.ls_percent_reflns_obs                    77.5300 
_refine.ls_percent_reflns_R_free                 4.5800 
_refine.ls_R_factor_all                          ? 
_refine.ls_R_factor_obs                          0.2166 
_refine.ls_R_factor_R_free                       0.2431 
_refine.ls_R_factor_R_free_error                 ? 
_refine.ls_R_factor_R_free_error_details         ? 
_refine.ls_R_factor_R_work                       0.2152 
_refine.ls_R_Fsqd_factor_obs                     ? 
_refine.ls_R_I_factor_obs                        ? 
_refine.ls_redundancy_reflns_all                 ? 
_refine.ls_redundancy_reflns_obs                 ? 
_refine.ls_restrained_S_all                      ? 
_refine.ls_restrained_S_obs                      ? 
_refine.ls_shift_over_esd_max                    ? 
_refine.ls_shift_over_esd_mean                   ? 
_refine.ls_structure_factor_coef                 ? 
_refine.ls_weighting_details                     ? 
_refine.ls_weighting_scheme                      ? 
_refine.ls_wR_factor_all                         ? 
_refine.ls_wR_factor_obs                         ? 
_refine.ls_wR_factor_R_free                      ? 
_refine.ls_wR_factor_R_work                      ? 
_refine.occupancy_max                            ? 
_refine.occupancy_min                            ? 
_refine.solvent_model_details                    'FLAT BULK SOLVENT MODEL' 
_refine.solvent_model_param_bsol                 ? 
_refine.solvent_model_param_ksol                 ? 
_refine.pdbx_R_complete                          ? 
_refine.ls_R_factor_gt                           ? 
_refine.ls_goodness_of_fit_gt                    ? 
_refine.ls_goodness_of_fit_ref                   ? 
_refine.ls_shift_over_su_max                     ? 
_refine.ls_shift_over_su_max_lt                  ? 
_refine.ls_shift_over_su_mean                    ? 
_refine.ls_shift_over_su_mean_lt                 ? 
_refine.pdbx_ls_sigma_I                          ? 
_refine.pdbx_ls_sigma_F                          1.350 
_refine.pdbx_ls_sigma_Fsqd                       ? 
_refine.pdbx_data_cutoff_high_absF               ? 
_refine.pdbx_data_cutoff_high_rms_absF           ? 
_refine.pdbx_data_cutoff_low_absF                ? 
_refine.pdbx_isotropic_thermal_model             ? 
_refine.pdbx_ls_cross_valid_method               THROUGHOUT 
_refine.pdbx_method_to_determine_struct          'MOLECULAR REPLACEMENT' 
_refine.pdbx_starting_model                      7EOG 
_refine.pdbx_stereochemistry_target_values       ML 
_refine.pdbx_R_Free_selection_details            ? 
_refine.pdbx_stereochem_target_val_spec_case     ? 
_refine.pdbx_overall_ESU_R                       ? 
_refine.pdbx_overall_ESU_R_Free                  ? 
_refine.pdbx_solvent_vdw_probe_radii             1.1100 
_refine.pdbx_solvent_ion_probe_radii             ? 
_refine.pdbx_solvent_shrinkage_radii             0.9000 
_refine.pdbx_real_space_R                        ? 
_refine.pdbx_density_correlation                 ? 
_refine.pdbx_pd_number_of_powder_patterns        ? 
_refine.pdbx_pd_number_of_points                 ? 
_refine.pdbx_pd_meas_number_of_points            ? 
_refine.pdbx_pd_proc_ls_prof_R_factor            ? 
_refine.pdbx_pd_proc_ls_prof_wR_factor           ? 
_refine.pdbx_pd_Marquardt_correlation_coeff      ? 
_refine.pdbx_pd_Fsqrd_R_factor                   ? 
_refine.pdbx_pd_ls_matrix_band_width             ? 
_refine.pdbx_overall_phase_error                 34.3300 
_refine.pdbx_overall_SU_R_free_Cruickshank_DPI   ? 
_refine.pdbx_overall_SU_R_free_Blow_DPI          ? 
_refine.pdbx_overall_SU_R_Blow_DPI               ? 
_refine.pdbx_TLS_residual_ADP_flag               ? 
_refine.pdbx_diffrn_id                           1 
_refine.overall_SU_B                             ? 
_refine.overall_SU_ML                            0.2600 
_refine.overall_SU_R_Cruickshank_DPI             ? 
_refine.overall_SU_R_free                        ? 
_refine.overall_FOM_free_R_set                   ? 
_refine.overall_FOM_work_R_set                   ? 
_refine.pdbx_average_fsc_overall                 ? 
_refine.pdbx_average_fsc_work                    ? 
_refine.pdbx_average_fsc_free                    ? 
# 
_refine_hist.pdbx_refine_id                   'X-RAY DIFFRACTION' 
_refine_hist.cycle_id                         final 
_refine_hist.details                          ? 
_refine_hist.d_res_high                       1.9200 
_refine_hist.d_res_low                        35.9930 
_refine_hist.number_atoms_solvent             85 
_refine_hist.number_atoms_total               1161 
_refine_hist.number_reflns_all                ? 
_refine_hist.number_reflns_obs                ? 
_refine_hist.number_reflns_R_free             ? 
_refine_hist.number_reflns_R_work             ? 
_refine_hist.R_factor_all                     ? 
_refine_hist.R_factor_obs                     ? 
_refine_hist.R_factor_R_free                  ? 
_refine_hist.R_factor_R_work                  ? 
_refine_hist.pdbx_number_residues_total       49 
_refine_hist.pdbx_B_iso_mean_ligand           35.14 
_refine_hist.pdbx_B_iso_mean_solvent          33.25 
_refine_hist.pdbx_number_atoms_protein        0 
_refine_hist.pdbx_number_atoms_nucleic_acid   1045 
_refine_hist.pdbx_number_atoms_ligand         31 
_refine_hist.pdbx_number_atoms_lipid          ? 
_refine_hist.pdbx_number_atoms_carb           ? 
_refine_hist.pdbx_pseudo_atom_details         ? 
# 
loop_
_refine_ls_shell.pdbx_refine_id 
_refine_ls_shell.d_res_high 
_refine_ls_shell.d_res_low 
_refine_ls_shell.number_reflns_all 
_refine_ls_shell.number_reflns_obs 
_refine_ls_shell.number_reflns_R_free 
_refine_ls_shell.number_reflns_R_work 
_refine_ls_shell.percent_reflns_obs 
_refine_ls_shell.percent_reflns_R_free 
_refine_ls_shell.R_factor_all 
_refine_ls_shell.R_factor_obs 
_refine_ls_shell.R_factor_R_free 
_refine_ls_shell.R_factor_R_free_error 
_refine_ls_shell.R_factor_R_work 
_refine_ls_shell.redundancy_reflns_all 
_refine_ls_shell.redundancy_reflns_obs 
_refine_ls_shell.wR_factor_all 
_refine_ls_shell.wR_factor_obs 
_refine_ls_shell.wR_factor_R_free 
_refine_ls_shell.wR_factor_R_work 
_refine_ls_shell.pdbx_R_complete 
_refine_ls_shell.pdbx_total_number_of_bins_used 
_refine_ls_shell.pdbx_phase_error 
_refine_ls_shell.pdbx_fsc_work 
_refine_ls_shell.pdbx_fsc_free 
'X-RAY DIFFRACTION' 1.9200 2.0681  . . 64  1364 36.0000 . . . 0.3531 0.0000 0.2817 . . . . . . . . . . . 
'X-RAY DIFFRACTION' 2.0681 2.2762  . . 128 2353 62.0000 . . . 0.2660 0.0000 0.3050 . . . . . . . . . . . 
'X-RAY DIFFRACTION' 2.2762 2.6055  . . 152 3554 92.0000 . . . 0.3260 0.0000 0.2745 . . . . . . . . . . . 
'X-RAY DIFFRACTION' 2.6055 3.2823  . . 170 3769 98.0000 . . . 0.2929 0.0000 0.2374 . . . . . . . . . . . 
'X-RAY DIFFRACTION' 3.2823 35.9930 . . 197 3758 98.0000 . . . 0.2002 0.0000 0.1771 . . . . . . . . . . . 
# 
_struct.entry_id                     7EOI 
_struct.title                        'Crystal structure of the Pepper aptamer in complex with HBC, manganese soak' 
_struct.pdbx_model_details           ? 
_struct.pdbx_formula_weight          ? 
_struct.pdbx_formula_weight_method   ? 
_struct.pdbx_model_type_details      ? 
_struct.pdbx_CASP_flag               N 
# 
_struct_keywords.entry_id        7EOI 
_struct_keywords.text            'Fluorescent RNA, Aptamer, HBC, RNA' 
_struct_keywords.pdbx_keywords   RNA 
# 
loop_
_struct_asym.id 
_struct_asym.pdbx_blank_PDB_chainid_flag 
_struct_asym.pdbx_modified 
_struct_asym.entity_id 
_struct_asym.details 
A N N 1 ? 
B N N 2 ? 
C N N 3 ? 
D N N 3 ? 
E N N 3 ? 
F N N 3 ? 
G N N 3 ? 
H N N 3 ? 
I N N 4 ? 
J N N 4 ? 
K N N 5 ? 
# 
loop_
_struct_conn.id 
_struct_conn.conn_type_id 
_struct_conn.pdbx_leaving_atom_flag 
_struct_conn.pdbx_PDB_id 
_struct_conn.ptnr1_label_asym_id 
_struct_conn.ptnr1_label_comp_id 
_struct_conn.ptnr1_label_seq_id 
_struct_conn.ptnr1_label_atom_id 
_struct_conn.pdbx_ptnr1_label_alt_id 
_struct_conn.pdbx_ptnr1_PDB_ins_code 
_struct_conn.pdbx_ptnr1_standard_comp_id 
_struct_conn.ptnr1_symmetry 
_struct_conn.ptnr2_label_asym_id 
_struct_conn.ptnr2_label_comp_id 
_struct_conn.ptnr2_label_seq_id 
_struct_conn.ptnr2_label_atom_id 
_struct_conn.pdbx_ptnr2_label_alt_id 
_struct_conn.pdbx_ptnr2_PDB_ins_code 
_struct_conn.ptnr1_auth_asym_id 
_struct_conn.ptnr1_auth_comp_id 
_struct_conn.ptnr1_auth_seq_id 
_struct_conn.ptnr2_auth_asym_id 
_struct_conn.ptnr2_auth_comp_id 
_struct_conn.ptnr2_auth_seq_id 
_struct_conn.ptnr2_symmetry 
_struct_conn.pdbx_ptnr3_label_atom_id 
_struct_conn.pdbx_ptnr3_label_seq_id 
_struct_conn.pdbx_ptnr3_label_comp_id 
_struct_conn.pdbx_ptnr3_label_asym_id 
_struct_conn.pdbx_ptnr3_label_alt_id 
_struct_conn.pdbx_ptnr3_PDB_ins_code 
_struct_conn.details 
_struct_conn.pdbx_dist_value 
_struct_conn.pdbx_value_order 
_struct_conn.pdbx_role 
metalc1  metalc ? ? A G  1  N7  ? ? ? 1_555 C MN  .  MN ? ? A G  1   A MN  102 1_555 ? ? ? ? ? ? ?                       2.279 ? ? 
metalc2  metalc ? ? A C  7  OP2 ? ? ? 1_555 E MN  .  MN ? ? A C  7   A MN  104 1_555 ? ? ? ? ? ? ?                       2.035 ? ? 
metalc3  metalc ? ? A U  8  OP2 ? ? ? 1_555 E MN  .  MN ? ? A U  8   A MN  104 1_555 ? ? ? ? ? ? ?                       2.006 ? ? 
metalc4  metalc ? ? A G  9  N7  ? ? ? 1_555 E MN  .  MN ? ? A G  9   A MN  104 1_555 ? ? ? ? ? ? ?                       2.297 ? ? 
metalc5  metalc ? ? A G  9  OP2 ? ? ? 1_555 I MG  .  MG ? ? A G  9   A MG  108 1_555 ? ? ? ? ? ? ?                       2.246 ? ? 
metalc6  metalc ? ? A A  30 OP2 ? ? ? 1_555 F MN  .  MN ? ? A A  30  A MN  105 1_555 ? ? ? ? ? ? ?                       2.146 ? ? 
metalc7  metalc ? ? A U  32 OP2 ? ? ? 1_555 G MN  .  MN ? ? A U  32  A MN  106 1_555 ? ? ? ? ? ? ?                       2.116 ? ? 
metalc8  metalc ? ? A C  33 OP1 ? ? ? 1_555 I MG  .  MG ? ? A C  33  A MG  108 4_545 ? ? ? ? ? ? ?                       2.143 ? ? 
metalc9  metalc ? ? A G  41 N7  ? ? ? 1_555 H MN  .  MN ? ? A G  41  A MN  107 1_555 ? ? ? ? ? ? ?                       2.465 ? ? 
metalc10 metalc ? ? A U  42 OP2 ? ? ? 1_555 D MN  .  MN ? ? A U  42  A MN  103 1_555 ? ? ? ? ? ? ?                       2.012 ? ? 
metalc11 metalc ? ? C MN .  MN  ? ? ? 1_555 K HOH .  O  ? ? A MN 102 A HOH 210 1_555 ? ? ? ? ? ? ?                       2.438 ? ? 
metalc12 metalc ? ? C MN .  MN  ? ? ? 1_555 K HOH .  O  ? ? A MN 102 A HOH 215 1_555 ? ? ? ? ? ? ?                       2.111 ? ? 
metalc13 metalc ? ? C MN .  MN  ? ? ? 1_555 K HOH .  O  ? ? A MN 102 A HOH 233 1_555 ? ? ? ? ? ? ?                       2.534 ? ? 
metalc14 metalc ? ? C MN .  MN  ? ? ? 1_555 K HOH .  O  ? ? A MN 102 A HOH 259 1_555 ? ? ? ? ? ? ?                       2.232 ? ? 
metalc15 metalc ? ? C MN .  MN  ? ? ? 1_555 K HOH .  O  ? ? A MN 102 A HOH 285 1_555 ? ? ? ? ? ? ?                       2.134 ? ? 
metalc16 metalc ? ? D MN .  MN  ? ? ? 1_555 K HOH .  O  ? ? A MN 103 A HOH 223 1_555 ? ? ? ? ? ? ?                       2.293 ? ? 
metalc17 metalc ? ? D MN .  MN  ? ? ? 1_555 K HOH .  O  ? ? A MN 103 A HOH 249 1_555 ? ? ? ? ? ? ?                       2.315 ? ? 
metalc18 metalc ? ? D MN .  MN  ? ? ? 1_555 K HOH .  O  ? ? A MN 103 A HOH 258 1_555 ? ? ? ? ? ? ?                       2.357 ? ? 
metalc19 metalc ? ? D MN .  MN  ? ? ? 1_555 K HOH .  O  ? ? A MN 103 A HOH 265 1_555 ? ? ? ? ? ? ?                       2.373 ? ? 
metalc20 metalc ? ? D MN .  MN  ? ? ? 1_555 K HOH .  O  ? ? A MN 103 A HOH 278 1_555 ? ? ? ? ? ? ?                       2.245 ? ? 
metalc21 metalc ? ? E MN .  MN  ? ? ? 1_555 K HOH .  O  ? ? A MN 104 A HOH 248 1_555 ? ? ? ? ? ? ?                       2.021 ? ? 
metalc22 metalc ? ? E MN .  MN  ? ? ? 1_555 K HOH .  O  ? ? A MN 104 A HOH 252 1_555 ? ? ? ? ? ? ?                       2.206 ? ? 
metalc23 metalc ? ? E MN .  MN  ? ? ? 1_555 K HOH .  O  ? ? A MN 104 A HOH 257 1_555 ? ? ? ? ? ? ?                       2.156 ? ? 
metalc24 metalc ? ? F MN .  MN  ? ? ? 1_555 K HOH .  O  ? ? A MN 105 A HOH 213 1_555 ? ? ? ? ? ? ?                       2.201 ? ? 
metalc25 metalc ? ? F MN .  MN  ? ? ? 1_555 K HOH .  O  ? ? A MN 105 A HOH 219 1_555 ? ? ? ? ? ? ?                       2.305 ? ? 
metalc26 metalc ? ? F MN .  MN  ? ? ? 1_555 K HOH .  O  ? ? A MN 105 A HOH 241 1_555 ? ? ? ? ? ? ?                       2.136 ? ? 
metalc27 metalc ? ? F MN .  MN  ? ? ? 1_555 K HOH .  O  ? ? A MN 105 A HOH 251 1_555 ? ? ? ? ? ? ?                       2.118 ? ? 
metalc28 metalc ? ? F MN .  MN  ? ? ? 1_555 K HOH .  O  ? ? A MN 105 A HOH 263 1_555 ? ? ? ? ? ? ?                       2.158 ? ? 
metalc29 metalc ? ? G MN .  MN  ? ? ? 1_555 K HOH .  O  ? ? A MN 106 A HOH 226 1_555 ? ? ? ? ? ? ?                       1.958 ? ? 
metalc30 metalc ? ? G MN .  MN  ? ? ? 1_555 K HOH .  O  ? ? A MN 106 A HOH 240 1_555 ? ? ? ? ? ? ?                       2.050 ? ? 
metalc31 metalc ? ? G MN .  MN  ? ? ? 1_555 K HOH .  O  ? ? A MN 106 A HOH 253 1_555 ? ? ? ? ? ? ?                       2.050 ? ? 
metalc32 metalc ? ? G MN .  MN  ? ? ? 1_555 K HOH .  O  ? ? A MN 106 A HOH 264 1_555 ? ? ? ? ? ? ?                       2.181 ? ? 
metalc33 metalc ? ? G MN .  MN  ? ? ? 1_555 K HOH .  O  ? ? A MN 106 A HOH 268 1_555 ? ? ? ? ? ? ?                       2.203 ? ? 
metalc34 metalc ? ? H MN .  MN  ? ? ? 1_555 K HOH .  O  ? ? A MN 107 A HOH 202 1_555 ? ? ? ? ? ? ?                       2.215 ? ? 
metalc35 metalc ? ? H MN .  MN  ? ? ? 1_555 K HOH .  O  ? ? A MN 107 A HOH 220 1_555 ? ? ? ? ? ? ?                       2.311 ? ? 
metalc36 metalc ? ? H MN .  MN  ? ? ? 1_555 K HOH .  O  ? ? A MN 107 A HOH 244 1_555 ? ? ? ? ? ? ?                       2.423 ? ? 
metalc37 metalc ? ? H MN .  MN  ? ? ? 1_555 K HOH .  O  ? ? A MN 107 A HOH 256 1_555 ? ? ? ? ? ? ?                       2.256 ? ? 
metalc38 metalc ? ? H MN .  MN  ? ? ? 1_555 K HOH .  O  ? ? A MN 107 A HOH 284 1_555 ? ? ? ? ? ? ?                       2.327 ? ? 
metalc39 metalc ? ? I MG .  MG  ? ? ? 1_555 K HOH .  O  ? ? A MG 108 A HOH 206 4_555 ? ? ? ? ? ? ?                       1.813 ? ? 
metalc40 metalc ? ? I MG .  MG  ? ? ? 1_555 K HOH .  O  ? ? A MG 108 A HOH 231 1_555 ? ? ? ? ? ? ?                       1.919 ? ? 
metalc41 metalc ? ? I MG .  MG  ? ? ? 1_555 K HOH .  O  ? ? A MG 108 A HOH 247 4_555 ? ? ? ? ? ? ?                       2.159 ? ? 
metalc42 metalc ? ? I MG .  MG  ? ? ? 1_555 K HOH .  O  ? ? A MG 108 A HOH 277 4_555 ? ? ? ? ? ? ?                       2.300 ? ? 
metalc43 metalc ? ? J MG .  MG  ? ? ? 1_555 K HOH .  O  ? ? A MG 109 A HOH 262 1_555 ? ? ? ? ? ? ?                       1.950 ? ? 
metalc44 metalc ? ? J MG .  MG  ? ? ? 1_555 K HOH .  O  ? ? A MG 109 A HOH 275 1_555 ? ? ? ? ? ? ?                       1.848 ? ? 
metalc45 metalc ? ? J MG .  MG  ? ? ? 1_555 K HOH .  O  ? ? A MG 109 A HOH 276 1_555 ? ? ? ? ? ? ?                       2.087 ? ? 
metalc46 metalc ? ? J MG .  MG  ? ? ? 1_555 K HOH .  O  ? ? A MG 109 A HOH 280 1_555 ? ? ? ? ? ? ?                       2.158 ? ? 
metalc47 metalc ? ? J MG .  MG  ? ? ? 1_555 K HOH .  O  ? ? A MG 109 A HOH 282 1_555 ? ? ? ? ? ? ?                       2.035 ? ? 
metalc48 metalc ? ? J MG .  MG  ? ? ? 1_555 K HOH .  O  ? ? A MG 109 A HOH 283 1_555 ? ? ? ? ? ? ?                       2.210 ? ? 
hydrog1  hydrog ? ? A G  1  N1  ? ? ? 1_555 A C   49 N3 ? ? A G  1   A C   49  1_555 ? ? ? ? ? ? WATSON-CRICK            ?     ? ? 
hydrog2  hydrog ? ? A G  1  N2  ? ? ? 1_555 A C   49 O2 ? ? A G  1   A C   49  1_555 ? ? ? ? ? ? WATSON-CRICK            ?     ? ? 
hydrog3  hydrog ? ? A G  1  O6  ? ? ? 1_555 A C   49 N4 ? ? A G  1   A C   49  1_555 ? ? ? ? ? ? WATSON-CRICK            ?     ? ? 
hydrog4  hydrog ? ? A G  2  N1  ? ? ? 1_555 A C   48 N3 ? ? A G  2   A C   48  1_555 ? ? ? ? ? ? WATSON-CRICK            ?     ? ? 
hydrog5  hydrog ? ? A G  2  N2  ? ? ? 1_555 A C   48 O2 ? ? A G  2   A C   48  1_555 ? ? ? ? ? ? WATSON-CRICK            ?     ? ? 
hydrog6  hydrog ? ? A G  2  O6  ? ? ? 1_555 A C   48 N4 ? ? A G  2   A C   48  1_555 ? ? ? ? ? ? WATSON-CRICK            ?     ? ? 
hydrog7  hydrog ? ? A C  3  N3  ? ? ? 1_555 A G   47 N1 ? ? A C  3   A G   47  1_555 ? ? ? ? ? ? WATSON-CRICK            ?     ? ? 
hydrog8  hydrog ? ? A C  3  N4  ? ? ? 1_555 A G   47 O6 ? ? A C  3   A G   47  1_555 ? ? ? ? ? ? WATSON-CRICK            ?     ? ? 
hydrog9  hydrog ? ? A C  3  O2  ? ? ? 1_555 A G   47 N2 ? ? A C  3   A G   47  1_555 ? ? ? ? ? ? WATSON-CRICK            ?     ? ? 
hydrog10 hydrog ? ? A G  4  N1  ? ? ? 1_555 A C   46 N3 ? ? A G  4   A C   46  1_555 ? ? ? ? ? ? WATSON-CRICK            ?     ? ? 
hydrog11 hydrog ? ? A G  4  N2  ? ? ? 1_555 A C   46 O2 ? ? A G  4   A C   46  1_555 ? ? ? ? ? ? WATSON-CRICK            ?     ? ? 
hydrog12 hydrog ? ? A G  4  O6  ? ? ? 1_555 A C   46 N4 ? ? A G  4   A C   46  1_555 ? ? ? ? ? ? WATSON-CRICK            ?     ? ? 
hydrog13 hydrog ? ? A C  5  N3  ? ? ? 1_555 A G   45 N1 ? ? A C  5   A G   45  1_555 ? ? ? ? ? ? WATSON-CRICK            ?     ? ? 
hydrog14 hydrog ? ? A C  5  N4  ? ? ? 1_555 A G   45 O6 ? ? A C  5   A G   45  1_555 ? ? ? ? ? ? WATSON-CRICK            ?     ? ? 
hydrog15 hydrog ? ? A C  5  O2  ? ? ? 1_555 A G   45 N2 ? ? A C  5   A G   45  1_555 ? ? ? ? ? ? WATSON-CRICK            ?     ? ? 
hydrog16 hydrog ? ? A C  7  N3  ? ? ? 1_555 A G   44 N1 ? ? A C  7   A G   44  1_555 ? ? ? ? ? ? WATSON-CRICK            ?     ? ? 
hydrog17 hydrog ? ? A C  7  N4  ? ? ? 1_555 A G   44 O6 ? ? A C  7   A G   44  1_555 ? ? ? ? ? ? WATSON-CRICK            ?     ? ? 
hydrog18 hydrog ? ? A C  7  O2  ? ? ? 1_555 A G   44 N2 ? ? A C  7   A G   44  1_555 ? ? ? ? ? ? WATSON-CRICK            ?     ? ? 
hydrog19 hydrog ? ? A U  8  O4  ? ? ? 1_555 A G   41 N2 ? ? A U  8   A G   41  1_555 ? ? ? ? ? ? 'U-G MISPAIR'           ?     ? ? 
hydrog20 hydrog ? ? A U  8  N3  ? ? ? 1_555 A U   42 O4 ? ? A U  8   A U   42  1_555 ? ? ? ? ? ? TYPE_16_PAIR            ?     ? ? 
hydrog21 hydrog ? ? A U  8  O2  ? ? ? 1_555 A U   42 N3 ? ? A U  8   A U   42  1_555 ? ? ? ? ? ? TYPE_16_PAIR            ?     ? ? 
hydrog22 hydrog ? ? A G  9  N1  ? ? ? 1_555 A C   33 O2 ? ? A G  9   A C   33  1_555 ? ? ? ? ? ? 'REVERSED WATSON-CRICK' ?     ? ? 
hydrog23 hydrog ? ? A G  9  N2  ? ? ? 1_555 A C   33 N3 ? ? A G  9   A C   33  1_555 ? ? ? ? ? ? 'REVERSED WATSON-CRICK' ?     ? ? 
hydrog24 hydrog ? ? A G  10 N1  ? ? ? 1_555 A U   40 O2 ? ? A G  10  A U   40  1_555 ? ? ? ? ? ? TYPE_28_PAIR            ?     ? ? 
hydrog25 hydrog ? ? A G  10 O6  ? ? ? 1_555 A U   40 N3 ? ? A G  10  A U   40  1_555 ? ? ? ? ? ? TYPE_28_PAIR            ?     ? ? 
hydrog26 hydrog ? ? A C  11 N3  ? ? ? 1_555 A G   39 N1 ? ? A C  11  A G   39  1_555 ? ? ? ? ? ? WATSON-CRICK            ?     ? ? 
hydrog27 hydrog ? ? A C  11 N4  ? ? ? 1_555 A G   39 O6 ? ? A C  11  A G   39  1_555 ? ? ? ? ? ? WATSON-CRICK            ?     ? ? 
hydrog28 hydrog ? ? A C  11 O2  ? ? ? 1_555 A G   39 N2 ? ? A C  11  A G   39  1_555 ? ? ? ? ? ? WATSON-CRICK            ?     ? ? 
hydrog29 hydrog ? ? A G  12 N1  ? ? ? 1_555 A C   38 N3 ? ? A G  12  A C   38  1_555 ? ? ? ? ? ? WATSON-CRICK            ?     ? ? 
hydrog30 hydrog ? ? A G  12 N2  ? ? ? 1_555 A C   38 O2 ? ? A G  12  A C   38  1_555 ? ? ? ? ? ? WATSON-CRICK            ?     ? ? 
hydrog31 hydrog ? ? A G  12 O6  ? ? ? 1_555 A C   38 N4 ? ? A G  12  A C   38  1_555 ? ? ? ? ? ? WATSON-CRICK            ?     ? ? 
hydrog32 hydrog ? ? A C  13 N3  ? ? ? 1_555 A G   37 N1 ? ? A C  13  A G   37  1_555 ? ? ? ? ? ? WATSON-CRICK            ?     ? ? 
hydrog33 hydrog ? ? A C  13 N4  ? ? ? 1_555 A G   37 O6 ? ? A C  13  A G   37  1_555 ? ? ? ? ? ? WATSON-CRICK            ?     ? ? 
hydrog34 hydrog ? ? A C  13 O2  ? ? ? 1_555 A G   37 N2 ? ? A C  13  A G   37  1_555 ? ? ? ? ? ? WATSON-CRICK            ?     ? ? 
hydrog35 hydrog ? ? A U  14 N3  ? ? ? 1_555 A A   36 N1 ? ? A U  14  A A   36  1_555 ? ? ? ? ? ? WATSON-CRICK            ?     ? ? 
hydrog36 hydrog ? ? A U  14 O4  ? ? ? 1_555 A A   36 N6 ? ? A U  14  A A   36  1_555 ? ? ? ? ? ? WATSON-CRICK            ?     ? ? 
hydrog37 hydrog ? ? A G  15 N1  ? ? ? 1_555 A C   28 N3 ? ? A G  15  A C   28  1_555 ? ? ? ? ? ? WATSON-CRICK            ?     ? ? 
hydrog38 hydrog ? ? A G  15 N2  ? ? ? 1_555 A C   28 O2 ? ? A G  15  A C   28  1_555 ? ? ? ? ? ? WATSON-CRICK            ?     ? ? 
hydrog39 hydrog ? ? A G  15 O6  ? ? ? 1_555 A C   28 N4 ? ? A G  15  A C   28  1_555 ? ? ? ? ? ? WATSON-CRICK            ?     ? ? 
hydrog40 hydrog ? ? A C  16 N3  ? ? ? 1_555 A G   27 N1 ? ? A C  16  A G   27  1_555 ? ? ? ? ? ? WATSON-CRICK            ?     ? ? 
hydrog41 hydrog ? ? A C  16 N4  ? ? ? 1_555 A G   27 O6 ? ? A C  16  A G   27  1_555 ? ? ? ? ? ? WATSON-CRICK            ?     ? ? 
hydrog42 hydrog ? ? A C  16 O2  ? ? ? 1_555 A G   27 N2 ? ? A C  16  A G   27  1_555 ? ? ? ? ? ? WATSON-CRICK            ?     ? ? 
hydrog43 hydrog ? ? A G  17 N1  ? ? ? 1_555 A C   26 N3 ? ? A G  17  A C   26  1_555 ? ? ? ? ? ? WATSON-CRICK            ?     ? ? 
hydrog44 hydrog ? ? A G  17 N2  ? ? ? 1_555 A C   26 O2 ? ? A G  17  A C   26  1_555 ? ? ? ? ? ? WATSON-CRICK            ?     ? ? 
hydrog45 hydrog ? ? A G  17 O6  ? ? ? 1_555 A C   26 N4 ? ? A G  17  A C   26  1_555 ? ? ? ? ? ? WATSON-CRICK            ?     ? ? 
hydrog46 hydrog ? ? A C  18 N3  ? ? ? 1_555 A G   25 N1 ? ? A C  18  A G   25  1_555 ? ? ? ? ? ? WATSON-CRICK            ?     ? ? 
hydrog47 hydrog ? ? A C  18 N4  ? ? ? 1_555 A G   25 O6 ? ? A C  18  A G   25  1_555 ? ? ? ? ? ? WATSON-CRICK            ?     ? ? 
hydrog48 hydrog ? ? A C  18 O2  ? ? ? 1_555 A G   25 N2 ? ? A C  18  A G   25  1_555 ? ? ? ? ? ? WATSON-CRICK            ?     ? ? 
hydrog49 hydrog ? ? A C  19 N3  ? ? ? 1_555 A G   24 N1 ? ? A C  19  A G   24  1_555 ? ? ? ? ? ? WATSON-CRICK            ?     ? ? 
hydrog50 hydrog ? ? A C  19 N4  ? ? ? 1_555 A G   24 O6 ? ? A C  19  A G   24  1_555 ? ? ? ? ? ? WATSON-CRICK            ?     ? ? 
hydrog51 hydrog ? ? A C  19 O2  ? ? ? 1_555 A G   24 N2 ? ? A C  19  A G   24  1_555 ? ? ? ? ? ? WATSON-CRICK            ?     ? ? 
hydrog52 hydrog ? ? A U  20 O4  ? ? ? 1_555 A C   22 N4 ? ? A U  20  A C   22  1_555 ? ? ? ? ? ? 'U-C MISPAIR'           ?     ? ? 
hydrog53 hydrog ? ? A U  32 N3  ? ? ? 1_555 A U   35 O4 ? ? A U  32  A U   35  1_555 ? ? ? ? ? ? 'U-U MISPAIR'           ?     ? ? 
hydrog54 hydrog ? ? A C  33 N4  ? ? ? 1_555 A U   40 O4 ? ? A C  33  A U   40  1_555 ? ? ? ? ? ? 'C-U MISPAIR'           ?     ? ? 
hydrog55 hydrog ? ? A G  34 N2  ? ? ? 1_555 A G   39 N7 ? ? A G  34  A G   39  1_555 ? ? ? ? ? ? 'G-G MISPAIR'           ?     ? ? 
# 
loop_
_struct_conn_type.id 
_struct_conn_type.criteria 
_struct_conn_type.reference 
metalc ? ? 
hydrog ? ? 
# 
_atom_sites.entry_id                    7EOI 
_atom_sites.Cartn_transf_matrix[1][1]   ? 
_atom_sites.Cartn_transf_matrix[1][2]   ? 
_atom_sites.Cartn_transf_matrix[1][3]   ? 
_atom_sites.Cartn_transf_matrix[2][1]   ? 
_atom_sites.Cartn_transf_matrix[2][2]   ? 
_atom_sites.Cartn_transf_matrix[2][3]   ? 
_atom_sites.Cartn_transf_matrix[3][1]   ? 
_atom_sites.Cartn_transf_matrix[3][2]   ? 
_atom_sites.Cartn_transf_matrix[3][3]   ? 
_atom_sites.Cartn_transf_vector[1]      ? 
_atom_sites.Cartn_transf_vector[2]      ? 
_atom_sites.Cartn_transf_vector[3]      ? 
_atom_sites.fract_transf_matrix[1][1]   0.00605919 
_atom_sites.fract_transf_matrix[1][2]   -0.00245549 
_atom_sites.fract_transf_matrix[1][3]   0.01225743 
_atom_sites.fract_transf_matrix[2][1]   0.02504683 
_atom_sites.fract_transf_matrix[2][2]   -0.00493277 
_atom_sites.fract_transf_matrix[2][3]   -0.01336950 
_atom_sites.fract_transf_matrix[3][1]   0.00949167 
_atom_sites.fract_transf_matrix[3][2]   0.01580001 
_atom_sites.fract_transf_matrix[3][3]   0.01195244 
_atom_sites.fract_transf_vector[1]      0.159748 
_atom_sites.fract_transf_vector[2]      0.198241 
_atom_sites.fract_transf_vector[3]      0.058878 
_atom_sites.solution_primary            ? 
_atom_sites.solution_secondary          ? 
_atom_sites.solution_hydrogens          ? 
_atom_sites.special_details             ? 
# 
loop_
_atom_type.symbol 
C  
MG 
MN 
N  
O  
P  
# 
loop_
_atom_site.group_PDB 
_atom_site.id 
_atom_site.type_symbol 
_atom_site.label_atom_id 
_atom_site.label_alt_id 
_atom_site.label_comp_id 
_atom_site.label_asym_id 
_atom_site.label_entity_id 
_atom_site.label_seq_id 
_atom_site.pdbx_PDB_ins_code 
_atom_site.Cartn_x 
_atom_site.Cartn_y 
_atom_site.Cartn_z 
_atom_site.occupancy 
_atom_site.B_iso_or_equiv 
_atom_site.pdbx_formal_charge 
_atom_site.auth_seq_id 
_atom_site.auth_comp_id 
_atom_site.auth_asym_id 
_atom_site.auth_atom_id 
_atom_site.pdbx_PDB_model_num 
ATOM   1    P  P     . G   A 1 1  ? -15.217 -12.540 -11.890 1.00 37.07  ? 1   G   A P     1 
ATOM   2    O  OP1   . G   A 1 1  ? -15.403 -11.182 -12.464 1.00 43.35  ? 1   G   A OP1   1 
ATOM   3    O  OP2   . G   A 1 1  ? -13.971 -12.876 -11.174 1.00 33.88  ? 1   G   A OP2   1 
ATOM   4    O  "O5'" . G   A 1 1  ? -16.454 -12.806 -10.920 1.00 34.21  ? 1   G   A "O5'" 1 
ATOM   5    C  "C5'" . G   A 1 1  ? -17.722 -12.233 -11.207 1.00 30.08  ? 1   G   A "C5'" 1 
ATOM   6    C  "C4'" . G   A 1 1  ? -18.745 -12.569 -10.147 1.00 31.15  ? 1   G   A "C4'" 1 
ATOM   7    O  "O4'" . G   A 1 1  ? -19.009 -13.989 -10.161 1.00 30.41  ? 1   G   A "O4'" 1 
ATOM   8    C  "C3'" . G   A 1 1  ? -18.338 -12.282 -8.705  1.00 28.59  ? 1   G   A "C3'" 1 
ATOM   9    O  "O3'" . G   A 1 1  ? -18.567 -10.938 -8.351  1.00 27.04  ? 1   G   A "O3'" 1 
ATOM   10   C  "C2'" . G   A 1 1  ? -19.195 -13.264 -7.926  1.00 26.77  ? 1   G   A "C2'" 1 
ATOM   11   O  "O2'" . G   A 1 1  ? -20.543 -12.824 -7.918  1.00 28.56  ? 1   G   A "O2'" 1 
ATOM   12   C  "C1'" . G   A 1 1  ? -19.145 -14.470 -8.844  1.00 27.51  ? 1   G   A "C1'" 1 
ATOM   13   N  N9    . G   A 1 1  ? -18.007 -15.356 -8.573  1.00 25.23  ? 1   G   A N9    1 
ATOM   14   C  C8    . G   A 1 1  ? -16.828 -15.435 -9.276  1.00 24.84  ? 1   G   A C8    1 
ATOM   15   N  N7    . G   A 1 1  ? -16.040 -16.364 -8.803  1.00 27.30  ? 1   G   A N7    1 
ATOM   16   C  C5    . G   A 1 1  ? -16.743 -16.917 -7.745  1.00 23.17  ? 1   G   A C5    1 
ATOM   17   C  C6    . G   A 1 1  ? -16.411 -17.965 -6.867  1.00 24.06  ? 1   G   A C6    1 
ATOM   18   O  O6    . G   A 1 1  ? -15.377 -18.629 -6.852  1.00 21.46  ? 1   G   A O6    1 
ATOM   19   N  N1    . G   A 1 1  ? -17.417 -18.218 -5.931  1.00 24.00  ? 1   G   A N1    1 
ATOM   20   C  C2    . G   A 1 1  ? -18.613 -17.538 -5.882  1.00 26.33  ? 1   G   A C2    1 
ATOM   21   N  N2    . G   A 1 1  ? -19.483 -17.888 -4.919  1.00 22.34  ? 1   G   A N2    1 
ATOM   22   N  N3    . G   A 1 1  ? -18.938 -16.562 -6.714  1.00 26.82  ? 1   G   A N3    1 
ATOM   23   C  C4    . G   A 1 1  ? -17.960 -16.311 -7.600  1.00 23.63  ? 1   G   A C4    1 
ATOM   24   P  P     . G   A 1 2  ? -17.697 -10.246 -7.203  1.00 28.31  ? 2   G   A P     1 
ATOM   25   O  OP1   . G   A 1 2  ? -18.105 -8.810  -7.251  1.00 29.55  ? 2   G   A OP1   1 
ATOM   26   O  OP2   . G   A 1 2  ? -16.275 -10.652 -7.306  1.00 25.40  ? 2   G   A OP2   1 
ATOM   27   O  "O5'" . G   A 1 2  ? -18.259 -10.918 -5.882  1.00 27.01  ? 2   G   A "O5'" 1 
ATOM   28   C  "C5'" . G   A 1 2  ? -19.599 -10.699 -5.472  1.00 24.69  ? 2   G   A "C5'" 1 
ATOM   29   C  "C4'" . G   A 1 2  ? -19.900 -11.495 -4.234  1.00 24.92  ? 2   G   A "C4'" 1 
ATOM   30   O  "O4'" . G   A 1 2  ? -19.853 -12.906 -4.550  1.00 28.01  ? 2   G   A "O4'" 1 
ATOM   31   C  "C3'" . G   A 1 2  ? -18.901 -11.349 -3.100  1.00 23.08  ? 2   G   A "C3'" 1 
ATOM   32   O  "O3'" . G   A 1 2  ? -19.131 -10.189 -2.327  1.00 26.00  ? 2   G   A "O3'" 1 
ATOM   33   C  "C2'" . G   A 1 2  ? -19.103 -12.641 -2.326  1.00 23.12  ? 2   G   A "C2'" 1 
ATOM   34   O  "O2'" . G   A 1 2  ? -20.327 -12.587 -1.595  1.00 24.01  ? 2   G   A "O2'" 1 
ATOM   35   C  "C1'" . G   A 1 2  ? -19.298 -13.625 -3.468  1.00 23.21  ? 2   G   A "C1'" 1 
ATOM   36   N  N9    . G   A 1 2  ? -18.033 -14.214 -3.929  1.00 21.11  ? 2   G   A N9    1 
ATOM   37   C  C8    . G   A 1 2  ? -17.276 -13.796 -4.988  1.00 22.01  ? 2   G   A C8    1 
ATOM   38   N  N7    . G   A 1 2  ? -16.210 -14.530 -5.162  1.00 24.36  ? 2   G   A N7    1 
ATOM   39   C  C5    . G   A 1 2  ? -16.278 -15.485 -4.155  1.00 22.81  ? 2   G   A C5    1 
ATOM   40   C  C6    . G   A 1 2  ? -15.407 -16.557 -3.829  1.00 22.21  ? 2   G   A C6    1 
ATOM   41   O  O6    . G   A 1 2  ? -14.366 -16.889 -4.393  1.00 30.75  ? 2   G   A O6    1 
ATOM   42   N  N1    . G   A 1 2  ? -15.847 -17.284 -2.731  1.00 23.87  ? 2   G   A N1    1 
ATOM   43   C  C2    . G   A 1 2  ? -16.998 -16.996 -2.025  1.00 23.54  ? 2   G   A C2    1 
ATOM   44   N  N2    . G   A 1 2  ? -17.280 -17.790 -0.982  1.00 23.00  ? 2   G   A N2    1 
ATOM   45   N  N3    . G   A 1 2  ? -17.824 -16.006 -2.320  1.00 21.06  ? 2   G   A N3    1 
ATOM   46   C  C4    . G   A 1 2  ? -17.398 -15.298 -3.384  1.00 21.21  ? 2   G   A C4    1 
ATOM   47   P  P     . C   A 1 3  ? -17.900 -9.412  -1.687  1.00 25.49  ? 3   C   A P     1 
ATOM   48   O  OP1   . C   A 1 3  ? -18.520 -8.335  -0.863  1.00 23.69  ? 3   C   A OP1   1 
ATOM   49   O  OP2   . C   A 1 3  ? -16.839 -9.113  -2.679  1.00 23.63  ? 3   C   A OP2   1 
ATOM   50   O  "O5'" . C   A 1 3  ? -17.292 -10.474 -0.672  1.00 21.89  ? 3   C   A "O5'" 1 
ATOM   51   C  "C5'" . C   A 1 3  ? -17.987 -10.748 0.533   1.00 23.51  ? 3   C   A "C5'" 1 
ATOM   52   C  "C4'" . C   A 1 3  ? -17.360 -11.885 1.284   1.00 22.04  ? 3   C   A "C4'" 1 
ATOM   53   O  "O4'" . C   A 1 3  ? -17.329 -13.081 0.455   1.00 20.38  ? 3   C   A "O4'" 1 
ATOM   54   C  "C3'" . C   A 1 3  ? -15.913 -11.697 1.683   1.00 22.15  ? 3   C   A "C3'" 1 
ATOM   55   O  "O3'" . C   A 1 3  ? -15.745 -10.831 2.797   1.00 24.11  ? 3   C   A "O3'" 1 
ATOM   56   C  "C2'" . C   A 1 3  ? -15.478 -13.129 1.934   1.00 18.86  ? 3   C   A "C2'" 1 
ATOM   57   O  "O2'" . C   A 1 3  ? -16.014 -13.581 3.171   1.00 22.96  ? 3   C   A "O2'" 1 
ATOM   58   C  "C1'" . C   A 1 3  ? -16.195 -13.851 0.789   1.00 24.93  ? 3   C   A "C1'" 1 
ATOM   59   N  N1    . C   A 1 3  ? -15.309 -13.940 -0.394  1.00 21.64  ? 3   C   A N1    1 
ATOM   60   C  C2    . C   A 1 3  ? -14.409 -15.003 -0.411  1.00 23.64  ? 3   C   A C2    1 
ATOM   61   O  O2    . C   A 1 3  ? -14.464 -15.808 0.544   1.00 24.34  ? 3   C   A O2    1 
ATOM   62   N  N3    . C   A 1 3  ? -13.550 -15.139 -1.464  1.00 23.77  ? 3   C   A N3    1 
ATOM   63   C  C4    . C   A 1 3  ? -13.561 -14.232 -2.448  1.00 22.10  ? 3   C   A C4    1 
ATOM   64   N  N4    . C   A 1 3  ? -12.694 -14.377 -3.459  1.00 21.73  ? 3   C   A N4    1 
ATOM   65   C  C5    . C   A 1 3  ? -14.459 -13.120 -2.428  1.00 21.83  ? 3   C   A C5    1 
ATOM   66   C  C6    . C   A 1 3  ? -15.306 -13.008 -1.394  1.00 21.43  ? 3   C   A C6    1 
ATOM   67   P  P     . G   A 1 4  ? -14.349 -10.051 3.032   1.00 24.45  ? 4   G   A P     1 
ATOM   68   O  OP1   . G   A 1 4  ? -14.621 -9.180  4.210   1.00 23.10  ? 4   G   A OP1   1 
ATOM   69   O  OP2   . G   A 1 4  ? -13.840 -9.462  1.770   1.00 21.60  ? 4   G   A OP2   1 
ATOM   70   O  "O5'" . G   A 1 4  ? -13.322 -11.193 3.441   1.00 20.95  ? 4   G   A "O5'" 1 
ATOM   71   C  "C5'" . G   A 1 4  ? -13.466 -11.892 4.665   1.00 21.83  ? 4   G   A "C5'" 1 
ATOM   72   C  "C4'" . G   A 1 4  ? -12.514 -13.058 4.750   1.00 18.73  ? 4   G   A "C4'" 1 
ATOM   73   O  "O4'" . G   A 1 4  ? -12.644 -13.868 3.568   1.00 23.61  ? 4   G   A "O4'" 1 
ATOM   74   C  "C3'" . G   A 1 4  ? -11.031 -12.723 4.800   1.00 24.34  ? 4   G   A "C3'" 1 
ATOM   75   O  "O3'" . G   A 1 4  ? -10.612 -12.375 6.103   1.00 22.29  ? 4   G   A "O3'" 1 
ATOM   76   C  "C2'" . G   A 1 4  ? -10.389 -14.004 4.290   1.00 23.17  ? 4   G   A "C2'" 1 
ATOM   77   O  "O2'" . G   A 1 4  ? -10.351 -14.976 5.328   1.00 25.63  ? 4   G   A "O2'" 1 
ATOM   78   C  "C1'" . G   A 1 4  ? -11.415 -14.470 3.256   1.00 23.23  ? 4   G   A "C1'" 1 
ATOM   79   N  N9    . G   A 1 4  ? -11.067 -14.118 1.866   1.00 22.77  ? 4   G   A N9    1 
ATOM   80   C  C8    . G   A 1 4  ? -11.682 -13.174 1.083   1.00 24.60  ? 4   G   A C8    1 
ATOM   81   N  N7    . G   A 1 4  ? -11.172 -13.088 -0.121  1.00 25.77  ? 4   G   A N7    1 
ATOM   82   C  C5    . G   A 1 4  ? -10.167 -14.043 -0.124  1.00 24.39  ? 4   G   A C5    1 
ATOM   83   C  C6    . G   A 1 4  ? -9.270  -14.417 -1.150  1.00 26.73  ? 4   G   A C6    1 
ATOM   84   O  O6    . G   A 1 4  ? -9.176  -13.969 -2.301  1.00 27.59  ? 4   G   A O6    1 
ATOM   85   N  N1    . G   A 1 4  ? -8.408  -15.418 -0.719  1.00 26.23  ? 4   G   A N1    1 
ATOM   86   C  C2    . G   A 1 4  ? -8.421  -15.990 0.522   1.00 24.40  ? 4   G   A C2    1 
ATOM   87   N  N2    . G   A 1 4  ? -7.510  -16.944 0.718   1.00 27.45  ? 4   G   A N2    1 
ATOM   88   N  N3    . G   A 1 4  ? -9.256  -15.666 1.488   1.00 25.94  ? 4   G   A N3    1 
ATOM   89   C  C4    . G   A 1 4  ? -10.096 -14.691 1.093   1.00 23.06  ? 4   G   A C4    1 
ATOM   90   P  P     . C   A 1 5  ? -9.486  -11.255 6.336   1.00 27.30  ? 5   C   A P     1 
ATOM   91   O  OP1   . C   A 1 5  ? -9.438  -11.011 7.794   1.00 28.48  ? 5   C   A OP1   1 
ATOM   92   O  OP2   . C   A 1 5  ? -9.657  -10.107 5.405   1.00 21.22  ? 5   C   A OP2   1 
ATOM   93   O  "O5'" . C   A 1 5  ? -8.134  -11.975 5.899   1.00 25.53  ? 5   C   A "O5'" 1 
ATOM   94   C  "C5'" . C   A 1 5  ? -7.586  -13.042 6.660   1.00 26.42  ? 5   C   A "C5'" 1 
ATOM   95   C  "C4'" . C   A 1 5  ? -6.486  -13.747 5.901   1.00 28.56  ? 5   C   A "C4'" 1 
ATOM   96   O  "O4'" . C   A 1 5  ? -6.972  -14.164 4.604   1.00 28.05  ? 5   C   A "O4'" 1 
ATOM   97   C  "C3'" . C   A 1 5  ? -5.252  -12.910 5.597   1.00 28.80  ? 5   C   A "C3'" 1 
ATOM   98   O  "O3'" . C   A 1 5  ? -4.335  -12.934 6.682   1.00 34.48  ? 5   C   A "O3'" 1 
ATOM   99   C  "C2'" . C   A 1 5  ? -4.683  -13.543 4.330   1.00 27.43  ? 5   C   A "C2'" 1 
ATOM   100  O  "O2'" . C   A 1 5  ? -3.769  -14.578 4.656   1.00 28.01  ? 5   C   A "O2'" 1 
ATOM   101  C  "C1'" . C   A 1 5  ? -5.923  -14.166 3.671   1.00 25.96  ? 5   C   A "C1'" 1 
ATOM   102  N  N1    . C   A 1 5  ? -6.365  -13.472 2.447   1.00 27.52  ? 5   C   A N1    1 
ATOM   103  C  C2    . C   A 1 5  ? -5.630  -13.701 1.276   1.00 26.94  ? 5   C   A C2    1 
ATOM   104  O  O2    . C   A 1 5  ? -4.630  -14.438 1.326   1.00 27.08  ? 5   C   A O2    1 
ATOM   105  N  N3    . C   A 1 5  ? -6.006  -13.106 0.128   1.00 25.66  ? 5   C   A N3    1 
ATOM   106  C  C4    . C   A 1 5  ? -7.070  -12.319 0.111   1.00 25.63  ? 5   C   A C4    1 
ATOM   107  N  N4    . C   A 1 5  ? -7.386  -11.768 -1.065  1.00 23.06  ? 5   C   A N4    1 
ATOM   108  C  C5    . C   A 1 5  ? -7.845  -12.071 1.287   1.00 26.64  ? 5   C   A C5    1 
ATOM   109  C  C6    . C   A 1 5  ? -7.469  -12.669 2.431   1.00 24.97  ? 5   C   A C6    1 
ATOM   110  P  P     . A   A 1 6  ? -3.832  -11.581 7.381   1.00 32.59  ? 6   A   A P     1 
ATOM   111  O  OP1   . A   A 1 6  ? -2.960  -11.970 8.512   1.00 31.86  ? 6   A   A OP1   1 
ATOM   112  O  OP2   . A   A 1 6  ? -4.991  -10.690 7.664   1.00 27.86  ? 6   A   A OP2   1 
ATOM   113  O  "O5'" . A   A 1 6  ? -2.938  -10.911 6.256   1.00 26.00  ? 6   A   A "O5'" 1 
ATOM   114  C  "C5'" . A   A 1 6  ? -1.858  -11.628 5.674   1.00 27.19  ? 6   A   A "C5'" 1 
ATOM   115  C  "C4'" . A   A 1 6  ? -1.472  -11.027 4.354   1.00 28.24  ? 6   A   A "C4'" 1 
ATOM   116  O  "O4'" . A   A 1 6  ? -2.667  -10.929 3.537   1.00 28.00  ? 6   A   A "O4'" 1 
ATOM   117  C  "C3'" . A   A 1 6  ? -0.898  -9.619  4.439   1.00 28.43  ? 6   A   A "C3'" 1 
ATOM   118  O  "O3'" . A   A 1 6  ? 0.026   -9.413  3.378   1.00 29.52  ? 6   A   A "O3'" 1 
ATOM   119  C  "C2'" . A   A 1 6  ? -2.103  -8.736  4.181   1.00 29.45  ? 6   A   A "C2'" 1 
ATOM   120  O  "O2'" . A   A 1 6  ? -1.749  -7.487  3.631   1.00 29.63  ? 6   A   A "O2'" 1 
ATOM   121  C  "C1'" . A   A 1 6  ? -2.901  -9.580  3.184   1.00 27.65  ? 6   A   A "C1'" 1 
ATOM   122  N  N9    . A   A 1 6  ? -4.342  -9.346  3.263   1.00 29.44  ? 6   A   A N9    1 
ATOM   123  C  C8    . A   A 1 6  ? -5.027  -9.130  4.427   1.00 31.47  ? 6   A   A C8    1 
ATOM   124  N  N7    . A   A 1 6  ? -6.301  -8.933  4.266   1.00 27.75  ? 6   A   A N7    1 
ATOM   125  C  C5    . A   A 1 6  ? -6.473  -9.012  2.901   1.00 29.13  ? 6   A   A C5    1 
ATOM   126  C  C6    . A   A 1 6  ? -7.619  -8.878  2.119   1.00 28.76  ? 6   A   A C6    1 
ATOM   127  N  N6    . A   A 1 6  ? -8.821  -8.636  2.655   1.00 31.39  ? 6   A   A N6    1 
ATOM   128  N  N1    . A   A 1 6  ? -7.483  -9.009  0.781   1.00 30.38  ? 6   A   A N1    1 
ATOM   129  C  C2    . A   A 1 6  ? -6.258  -9.248  0.285   1.00 29.97  ? 6   A   A C2    1 
ATOM   130  N  N3    . A   A 1 6  ? -5.105  -9.402  0.934   1.00 29.73  ? 6   A   A N3    1 
ATOM   131  C  C4    . A   A 1 6  ? -5.281  -9.267  2.257   1.00 29.67  ? 6   A   A C4    1 
ATOM   132  P  P     . C   A 1 7  ? 1.544   -9.865  3.564   1.00 31.01  ? 7   C   A P     1 
ATOM   133  O  OP1   . C   A 1 7  ? 1.786   -10.003 5.016   1.00 26.68  ? 7   C   A OP1   1 
ATOM   134  O  OP2   . C   A 1 7  ? 2.391   -8.960  2.747   1.00 28.95  ? 7   C   A OP2   1 
ATOM   135  O  "O5'" . C   A 1 7  ? 1.552   -11.322 2.930   1.00 28.16  ? 7   C   A "O5'" 1 
ATOM   136  C  "C5'" . C   A 1 7  ? 2.750   -12.070 2.839   1.00 28.61  ? 7   C   A "C5'" 1 
ATOM   137  C  "C4'" . C   A 1 7  ? 2.867   -12.689 1.478   1.00 28.26  ? 7   C   A "C4'" 1 
ATOM   138  O  "O4'" . C   A 1 7  ? 1.608   -13.335 1.118   1.00 31.62  ? 7   C   A "O4'" 1 
ATOM   139  C  "C3'" . C   A 1 7  ? 3.107   -11.716 0.342   1.00 26.29  ? 7   C   A "C3'" 1 
ATOM   140  O  "O3'" . C   A 1 7  ? 4.465   -11.319 0.252   1.00 29.13  ? 7   C   A "O3'" 1 
ATOM   141  C  "C2'" . C   A 1 7  ? 2.628   -12.516 -0.856  1.00 29.16  ? 7   C   A "C2'" 1 
ATOM   142  O  "O2'" . C   A 1 7  ? 3.586   -13.513 -1.167  1.00 26.98  ? 7   C   A "O2'" 1 
ATOM   143  C  "C1'" . C   A 1 7  ? 1.405   -13.228 -0.272  1.00 28.16  ? 7   C   A "C1'" 1 
ATOM   144  N  N1    . C   A 1 7  ? 0.127   -12.514 -0.510  1.00 27.42  ? 7   C   A N1    1 
ATOM   145  C  C2    . C   A 1 7  ? -0.396  -12.325 -1.794  1.00 29.69  ? 7   C   A C2    1 
ATOM   146  O  O2    . C   A 1 7  ? 0.254   -12.703 -2.767  1.00 27.51  ? 7   C   A O2    1 
ATOM   147  N  N3    . C   A 1 7  ? -1.589  -11.695 -1.962  1.00 29.07  ? 7   C   A N3    1 
ATOM   148  C  C4    . C   A 1 7  ? -2.265  -11.279 -0.888  1.00 29.11  ? 7   C   A C4    1 
ATOM   149  N  N4    . C   A 1 7  ? -3.437  -10.653 -1.052  1.00 25.58  ? 7   C   A N4    1 
ATOM   150  C  C5    . C   A 1 7  ? -1.772  -11.495 0.422   1.00 25.84  ? 7   C   A C5    1 
ATOM   151  C  C6    . C   A 1 7  ? -0.604  -12.111 0.562   1.00 27.31  ? 7   C   A C6    1 
ATOM   152  P  P     . U   A 1 8  ? 4.863   -9.853  -0.284  1.00 32.47  ? 8   U   A P     1 
ATOM   153  O  OP1   . U   A 1 8  ? 6.314   -9.909  -0.644  1.00 32.99  ? 8   U   A OP1   1 
ATOM   154  O  OP2   . U   A 1 8  ? 4.373   -8.833  0.677   1.00 30.14  ? 8   U   A OP2   1 
ATOM   155  O  "O5'" . U   A 1 8  ? 4.003   -9.664  -1.608  1.00 28.44  ? 8   U   A "O5'" 1 
ATOM   156  C  "C5'" . U   A 1 8  ? 4.425   -10.184 -2.866  1.00 28.98  ? 8   U   A "C5'" 1 
ATOM   157  C  "C4'" . U   A 1 8  ? 3.387   -9.886  -3.916  1.00 33.03  ? 8   U   A "C4'" 1 
ATOM   158  O  "O4'" . U   A 1 8  ? 2.095   -10.345 -3.439  1.00 31.77  ? 8   U   A "O4'" 1 
ATOM   159  C  "C3'" . U   A 1 8  ? 3.174   -8.406  -4.182  1.00 35.48  ? 8   U   A "C3'" 1 
ATOM   160  O  "O3'" . U   A 1 8  ? 4.099   -7.866  -5.103  1.00 32.96  ? 8   U   A "O3'" 1 
ATOM   161  C  "C2'" . U   A 1 8  ? 1.731   -8.335  -4.649  1.00 28.04  ? 8   U   A "C2'" 1 
ATOM   162  O  "O2'" . U   A 1 8  ? 1.642   -8.688  -6.015  1.00 29.55  ? 8   U   A "O2'" 1 
ATOM   163  C  "C1'" . U   A 1 8  ? 1.082   -9.430  -3.808  1.00 30.10  ? 8   U   A "C1'" 1 
ATOM   164  N  N1    . U   A 1 8  ? 0.468   -8.898  -2.569  1.00 31.67  ? 8   U   A N1    1 
ATOM   165  C  C2    . U   A 1 8  ? -0.812  -8.362  -2.618  1.00 31.11  ? 8   U   A C2    1 
ATOM   166  O  O2    . U   A 1 8  ? -1.482  -8.281  -3.628  1.00 27.71  ? 8   U   A O2    1 
ATOM   167  N  N3    . U   A 1 8  ? -1.308  -7.900  -1.422  1.00 26.71  ? 8   U   A N3    1 
ATOM   168  C  C4    . U   A 1 8  ? -0.676  -7.927  -0.213  1.00 28.34  ? 8   U   A C4    1 
ATOM   169  O  O4    . U   A 1 8  ? -1.263  -7.461  0.768   1.00 32.44  ? 8   U   A O4    1 
ATOM   170  C  C5    . U   A 1 8  ? 0.638   -8.502  -0.233  1.00 28.13  ? 8   U   A C5    1 
ATOM   171  C  C6    . U   A 1 8  ? 1.156   -8.961  -1.375  1.00 28.26  ? 8   U   A C6    1 
ATOM   172  P  P     . G   A 1 9  ? 5.157   -6.790  -4.566  1.00 30.06  ? 9   G   A P     1 
ATOM   173  O  OP1   . G   A 1 9  ? 5.679   -6.058  -5.747  1.00 31.58  ? 9   G   A OP1   1 
ATOM   174  O  OP2   . G   A 1 9  ? 6.053   -7.491  -3.613  1.00 30.15  ? 9   G   A OP2   1 
ATOM   175  O  "O5'" . G   A 1 9  ? 4.245   -5.746  -3.788  1.00 31.08  ? 9   G   A "O5'" 1 
ATOM   176  C  "C5'" . G   A 1 9  ? 3.238   -5.032  -4.501  1.00 35.42  ? 9   G   A "C5'" 1 
ATOM   177  C  "C4'" . G   A 1 9  ? 2.576   -3.968  -3.663  1.00 34.21  ? 9   G   A "C4'" 1 
ATOM   178  O  "O4'" . G   A 1 9  ? 1.908   -4.571  -2.519  1.00 32.45  ? 9   G   A "O4'" 1 
ATOM   179  C  "C3'" . G   A 1 9  ? 3.513   -2.893  -3.100  1.00 31.75  ? 9   G   A "C3'" 1 
ATOM   180  O  "O3'" . G   A 1 9  ? 2.887   -1.621  -3.207  1.00 33.93  ? 9   G   A "O3'" 1 
ATOM   181  C  "C2'" . G   A 1 9  ? 3.616   -3.258  -1.623  1.00 31.36  ? 9   G   A "C2'" 1 
ATOM   182  O  "O2'" . G   A 1 9  ? 3.868   -2.155  -0.788  1.00 33.19  ? 9   G   A "O2'" 1 
ATOM   183  C  "C1'" . G   A 1 9  ? 2.237   -3.834  -1.356  1.00 32.58  ? 9   G   A "C1'" 1 
ATOM   184  N  N9    . G   A 1 9  ? 2.155   -4.693  -0.173  1.00 27.76  ? 9   G   A N9    1 
ATOM   185  C  C8    . G   A 1 9  ? 2.994   -5.713  0.210   1.00 26.21  ? 9   G   A C8    1 
ATOM   186  N  N7    . G   A 1 9  ? 2.633   -6.272  1.329   1.00 25.09  ? 9   G   A N7    1 
ATOM   187  C  C5    . G   A 1 9  ? 1.489   -5.563  1.712   1.00 27.60  ? 9   G   A C5    1 
ATOM   188  C  C6    . G   A 1 9  ? 0.642   -5.682  2.844   1.00 25.41  ? 9   G   A C6    1 
ATOM   189  O  O6    . G   A 1 9  ? 0.699   -6.462  3.806   1.00 27.99  ? 9   G   A O6    1 
ATOM   190  N  N1    . G   A 1 9  ? -0.389  -4.759  2.828   1.00 26.04  ? 9   G   A N1    1 
ATOM   191  C  C2    . G   A 1 9  ? -0.601  -3.821  1.860   1.00 28.46  ? 9   G   A C2    1 
ATOM   192  N  N2    . G   A 1 9  ? -1.664  -3.025  2.060   1.00 27.53  ? 9   G   A N2    1 
ATOM   193  N  N3    . G   A 1 9  ? 0.170   -3.691  0.793   1.00 28.43  ? 9   G   A N3    1 
ATOM   194  C  C4    . G   A 1 9  ? 1.186   -4.587  0.792   1.00 29.39  ? 9   G   A C4    1 
ATOM   195  P  P     . G   A 1 10 ? 3.715   -0.354  -3.735  1.00 33.90  ? 10  G   A P     1 
ATOM   196  O  OP1   . G   A 1 10 ? 5.062   -0.830  -4.140  1.00 38.40  ? 10  G   A OP1   1 
ATOM   197  O  OP2   . G   A 1 10 ? 3.606   0.747   -2.750  1.00 37.75  ? 10  G   A OP2   1 
ATOM   198  O  "O5'" . G   A 1 10 ? 2.888   0.087   -5.023  1.00 42.06  ? 10  G   A "O5'" 1 
ATOM   199  C  "C5'" . G   A 1 10 ? 2.844   -0.742  -6.175  1.00 38.23  ? 10  G   A "C5'" 1 
ATOM   200  C  "C4'" . G   A 1 10 ? 1.450   -0.836  -6.736  1.00 34.39  ? 10  G   A "C4'" 1 
ATOM   201  O  "O4'" . G   A 1 10 ? 0.633   -1.671  -5.886  1.00 35.97  ? 10  G   A "O4'" 1 
ATOM   202  C  "C3'" . G   A 1 10 ? 0.678   0.469   -6.814  1.00 40.26  ? 10  G   A "C3'" 1 
ATOM   203  O  "O3'" . G   A 1 10 ? 1.028   1.240   -7.946  1.00 41.08  ? 10  G   A "O3'" 1 
ATOM   204  C  "C2'" . G   A 1 10 ? -0.770  0.004   -6.836  1.00 38.36  ? 10  G   A "C2'" 1 
ATOM   205  O  "O2'" . G   A 1 10 ? -1.136  -0.396  -8.147  1.00 45.38  ? 10  G   A "O2'" 1 
ATOM   206  C  "C1'" . G   A 1 10 ? -0.713  -1.241  -5.948  1.00 38.08  ? 10  G   A "C1'" 1 
ATOM   207  N  N9    . G   A 1 10 ? -1.200  -0.990  -4.582  1.00 37.59  ? 10  G   A N9    1 
ATOM   208  C  C8    . G   A 1 10 ? -0.452  -1.069  -3.437  1.00 34.68  ? 10  G   A C8    1 
ATOM   209  N  N7    . G   A 1 10 ? -1.150  -0.805  -2.366  1.00 37.19  ? 10  G   A N7    1 
ATOM   210  C  C5    . G   A 1 10 ? -2.435  -0.543  -2.824  1.00 37.07  ? 10  G   A C5    1 
ATOM   211  C  C6    . G   A 1 10 ? -3.611  -0.200  -2.107  1.00 37.96  ? 10  G   A C6    1 
ATOM   212  O  O6    . G   A 1 10 ? -3.749  -0.053  -0.880  1.00 36.72  ? 10  G   A O6    1 
ATOM   213  N  N1    . G   A 1 10 ? -4.699  -0.022  -2.963  1.00 38.07  ? 10  G   A N1    1 
ATOM   214  C  C2    . G   A 1 10 ? -4.646  -0.158  -4.330  1.00 36.76  ? 10  G   A C2    1 
ATOM   215  N  N2    . G   A 1 10 ? -5.789  0.062   -4.976  1.00 34.32  ? 10  G   A N2    1 
ATOM   216  N  N3    . G   A 1 10 ? -3.557  -0.476  -5.008  1.00 37.62  ? 10  G   A N3    1 
ATOM   217  C  C4    . G   A 1 10 ? -2.488  -0.655  -4.198  1.00 38.40  ? 10  G   A C4    1 
ATOM   218  P  P     . C   A 1 11 ? 1.156   2.832   -7.815  1.00 47.18  ? 11  C   A P     1 
ATOM   219  O  OP1   . C   A 1 11 ? 1.518   3.377   -9.148  1.00 45.21  ? 11  C   A OP1   1 
ATOM   220  O  OP2   . C   A 1 11 ? 2.007   3.128   -6.635  1.00 42.80  ? 11  C   A OP2   1 
ATOM   221  O  "O5'" . C   A 1 11 ? -0.325  3.306   -7.510  1.00 40.49  ? 11  C   A "O5'" 1 
ATOM   222  C  "C5'" . C   A 1 11 ? -1.262  3.375   -8.562  1.00 44.43  ? 11  C   A "C5'" 1 
ATOM   223  C  "C4'" . C   A 1 11 ? -2.664  3.467   -8.042  1.00 43.73  ? 11  C   A "C4'" 1 
ATOM   224  O  "O4'" . C   A 1 11 ? -2.888  2.468   -7.017  1.00 43.36  ? 11  C   A "O4'" 1 
ATOM   225  C  "C3'" . C   A 1 11 ? -3.048  4.763   -7.362  1.00 46.49  ? 11  C   A "C3'" 1 
ATOM   226  O  "O3'" . C   A 1 11 ? -3.294  5.809   -8.290  1.00 49.91  ? 11  C   A "O3'" 1 
ATOM   227  C  "C2'" . C   A 1 11 ? -4.275  4.342   -6.559  1.00 45.98  ? 11  C   A "C2'" 1 
ATOM   228  O  "O2'" . C   A 1 11 ? -5.405  4.215   -7.411  1.00 45.30  ? 11  C   A "O2'" 1 
ATOM   229  C  "C1'" . C   A 1 11 ? -3.869  2.935   -6.111  1.00 42.60  ? 11  C   A "C1'" 1 
ATOM   230  N  N1    . C   A 1 11 ? -3.295  2.917   -4.748  1.00 40.48  ? 11  C   A N1    1 
ATOM   231  C  C2    . C   A 1 11 ? -4.119  3.106   -3.626  1.00 42.75  ? 11  C   A C2    1 
ATOM   232  O  O2    . C   A 1 11 ? -5.336  3.299   -3.764  1.00 40.59  ? 11  C   A O2    1 
ATOM   233  N  N3    . C   A 1 11 ? -3.569  3.081   -2.386  1.00 41.99  ? 11  C   A N3    1 
ATOM   234  C  C4    . C   A 1 11 ? -2.263  2.876   -2.241  1.00 39.04  ? 11  C   A C4    1 
ATOM   235  N  N4    . C   A 1 11 ? -1.782  2.864   -0.992  1.00 39.48  ? 11  C   A N4    1 
ATOM   236  C  C5    . C   A 1 11 ? -1.403  2.677   -3.364  1.00 41.72  ? 11  C   A C5    1 
ATOM   237  C  C6    . C   A 1 11 ? -1.953  2.704   -4.587  1.00 41.17  ? 11  C   A C6    1 
ATOM   238  P  P     . G   A 1 12 ? -3.078  7.345   -7.870  1.00 49.48  ? 12  G   A P     1 
ATOM   239  O  OP1   . G   A 1 12 ? -3.435  8.211   -9.018  1.00 48.09  ? 12  G   A OP1   1 
ATOM   240  O  OP2   . G   A 1 12 ? -1.741  7.477   -7.229  1.00 46.01  ? 12  G   A OP2   1 
ATOM   241  O  "O5'" . G   A 1 12 ? -4.254  7.616   -6.841  1.00 48.73  ? 12  G   A "O5'" 1 
ATOM   242  C  "C5'" . G   A 1 12 ? -5.575  7.790   -7.322  1.00 48.54  ? 12  G   A "C5'" 1 
ATOM   243  C  "C4'" . G   A 1 12 ? -6.501  8.249   -6.232  1.00 48.72  ? 12  G   A "C4'" 1 
ATOM   244  O  "O4'" . G   A 1 12 ? -6.608  7.215   -5.222  1.00 48.03  ? 12  G   A "O4'" 1 
ATOM   245  C  "C3'" . G   A 1 12 ? -6.050  9.471   -5.456  1.00 49.90  ? 12  G   A "C3'" 1 
ATOM   246  O  "O3'" . G   A 1 12 ? -6.312  10.691  -6.129  1.00 53.02  ? 12  G   A "O3'" 1 
ATOM   247  C  "C2'" . G   A 1 12 ? -6.793  9.313   -4.138  1.00 50.16  ? 12  G   A "C2'" 1 
ATOM   248  O  "O2'" . G   A 1 12 ? -8.149  9.699   -4.274  1.00 49.52  ? 12  G   A "O2'" 1 
ATOM   249  C  "C1'" . G   A 1 12 ? -6.739  7.800   -3.947  1.00 48.98  ? 12  G   A "C1'" 1 
ATOM   250  N  N9    . G   A 1 12 ? -5.582  7.395   -3.131  1.00 44.03  ? 12  G   A N9    1 
ATOM   251  C  C8    . G   A 1 12 ? -4.384  6.887   -3.569  1.00 43.90  ? 12  G   A C8    1 
ATOM   252  N  N7    . G   A 1 12 ? -3.551  6.632   -2.591  1.00 42.23  ? 12  G   A N7    1 
ATOM   253  C  C5    . G   A 1 12 ? -4.250  6.994   -1.450  1.00 42.72  ? 12  G   A C5    1 
ATOM   254  C  C6    . G   A 1 12 ? -3.872  6.943   -0.086  1.00 42.44  ? 12  G   A C6    1 
ATOM   255  O  O6    . G   A 1 12 ? -2.804  6.558   0.402   1.00 41.79  ? 12  G   A O6    1 
ATOM   256  N  N1    . G   A 1 12 ? -4.890  7.403   0.741   1.00 42.54  ? 12  G   A N1    1 
ATOM   257  C  C2    . G   A 1 12 ? -6.113  7.859   0.317   1.00 43.15  ? 12  G   A C2    1 
ATOM   258  N  N2    . G   A 1 12 ? -6.961  8.264   1.277   1.00 45.57  ? 12  G   A N2    1 
ATOM   259  N  N3    . G   A 1 12 ? -6.478  7.909   -0.951  1.00 46.34  ? 12  G   A N3    1 
ATOM   260  C  C4    . G   A 1 12 ? -5.505  7.466   -1.769  1.00 43.07  ? 12  G   A C4    1 
ATOM   261  P  P     . C   A 1 13 ? -5.233  11.886  -6.065  1.00 54.76  ? 13  C   A P     1 
ATOM   262  O  OP1   . C   A 1 13 ? -5.550  12.892  -7.110  1.00 56.05  ? 13  C   A OP1   1 
ATOM   263  O  OP2   . C   A 1 13 ? -3.876  11.287  -6.044  1.00 52.69  ? 13  C   A OP2   1 
ATOM   264  O  "O5'" . C   A 1 13 ? -5.503  12.542  -4.643  1.00 53.61  ? 13  C   A "O5'" 1 
ATOM   265  C  "C5'" . C   A 1 13 ? -6.830  12.822  -4.224  1.00 52.41  ? 13  C   A "C5'" 1 
ATOM   266  C  "C4'" . C   A 1 13 ? -6.922  12.948  -2.726  1.00 56.93  ? 13  C   A "C4'" 1 
ATOM   267  O  "O4'" . C   A 1 13 ? -6.657  11.667  -2.097  1.00 55.96  ? 13  C   A "O4'" 1 
ATOM   268  C  "C3'" . C   A 1 13 ? -5.919  13.882  -2.075  1.00 57.96  ? 13  C   A "C3'" 1 
ATOM   269  O  "O3'" . C   A 1 13 ? -6.276  15.246  -2.195  1.00 56.95  ? 13  C   A "O3'" 1 
ATOM   270  C  "C2'" . C   A 1 13 ? -5.888  13.374  -0.642  1.00 55.28  ? 13  C   A "C2'" 1 
ATOM   271  O  "O2'" . C   A 1 13 ? -7.036  13.810  0.065   1.00 58.87  ? 13  C   A "O2'" 1 
ATOM   272  C  "C1'" . C   A 1 13 ? -6.010  11.866  -0.860  1.00 51.32  ? 13  C   A "C1'" 1 
ATOM   273  N  N1    . C   A 1 13 ? -4.686  11.212  -0.917  1.00 48.82  ? 13  C   A N1    1 
ATOM   274  C  C2    . C   A 1 13 ? -4.025  10.951  0.283   1.00 46.63  ? 13  C   A C2    1 
ATOM   275  O  O2    . C   A 1 13 ? -4.570  11.277  1.352   1.00 44.77  ? 13  C   A O2    1 
ATOM   276  N  N3    . C   A 1 13 ? -2.812  10.358  0.252   1.00 43.21  ? 13  C   A N3    1 
ATOM   277  C  C4    . C   A 1 13 ? -2.268  10.031  -0.916  1.00 46.20  ? 13  C   A C4    1 
ATOM   278  N  N4    . C   A 1 13 ? -1.068  9.448   -0.897  1.00 41.52  ? 13  C   A N4    1 
ATOM   279  C  C5    . C   A 1 13 ? -2.922  10.286  -2.156  1.00 46.89  ? 13  C   A C5    1 
ATOM   280  C  C6    . C   A 1 13 ? -4.120  10.876  -2.109  1.00 47.46  ? 13  C   A C6    1 
ATOM   281  P  P     . U   A 1 14 ? -5.146  16.340  -2.507  1.00 58.50  ? 14  U   A P     1 
ATOM   282  O  OP1   . U   A 1 14 ? -5.847  17.590  -2.906  1.00 62.57  ? 14  U   A OP1   1 
ATOM   283  O  OP2   . U   A 1 14 ? -4.126  15.756  -3.422  1.00 56.31  ? 14  U   A OP2   1 
ATOM   284  O  "O5'" . U   A 1 14 ? -4.458  16.580  -1.092  1.00 59.19  ? 14  U   A "O5'" 1 
ATOM   285  C  "C5'" . U   A 1 14 ? -5.176  17.210  -0.043  1.00 61.06  ? 14  U   A "C5'" 1 
ATOM   286  C  "C4'" . U   A 1 14 ? -4.497  17.028  1.292   1.00 60.79  ? 14  U   A "C4'" 1 
ATOM   287  O  "O4'" . U   A 1 14 ? -4.416  15.616  1.625   1.00 59.94  ? 14  U   A "O4'" 1 
ATOM   288  C  "C3'" . U   A 1 14 ? -3.058  17.502  1.390   1.00 54.87  ? 14  U   A "C3'" 1 
ATOM   289  O  "O3'" . U   A 1 14 ? -2.938  18.901  1.538   1.00 51.67  ? 14  U   A "O3'" 1 
ATOM   290  C  "C2'" . U   A 1 14 ? -2.547  16.714  2.582   1.00 54.05  ? 14  U   A "C2'" 1 
ATOM   291  O  "O2'" . U   A 1 14 ? -3.052  17.263  3.791   1.00 58.85  ? 14  U   A "O2'" 1 
ATOM   292  C  "C1'" . U   A 1 14 ? -3.229  15.369  2.352   1.00 54.91  ? 14  U   A "C1'" 1 
ATOM   293  N  N1    . U   A 1 14 ? -2.375  14.463  1.556   1.00 51.62  ? 14  U   A N1    1 
ATOM   294  C  C2    . U   A 1 14 ? -1.334  13.844  2.218   1.00 49.21  ? 14  U   A C2    1 
ATOM   295  O  O2    . U   A 1 14 ? -1.106  14.005  3.411   1.00 49.71  ? 14  U   A O2    1 
ATOM   296  N  N3    . U   A 1 14 ? -0.575  13.020  1.433   1.00 42.53  ? 14  U   A N3    1 
ATOM   297  C  C4    . U   A 1 14 ? -0.744  12.771  0.092   1.00 46.15  ? 14  U   A C4    1 
ATOM   298  O  O4    . U   A 1 14 ? 0.032   12.004  -0.469  1.00 46.55  ? 14  U   A O4    1 
ATOM   299  C  C5    . U   A 1 14 ? -1.841  13.451  -0.526  1.00 51.82  ? 14  U   A C5    1 
ATOM   300  C  C6    . U   A 1 14 ? -2.602  14.258  0.215   1.00 51.30  ? 14  U   A C6    1 
ATOM   301  P  P     . G   A 1 15 ? -1.913  19.712  0.608   1.00 57.75  ? 15  G   A P     1 
ATOM   302  O  OP1   . G   A 1 15 ? -2.489  21.058  0.346   1.00 62.75  ? 15  G   A OP1   1 
ATOM   303  O  OP2   . G   A 1 15 ? -1.524  18.834  -0.525  1.00 54.80  ? 15  G   A OP2   1 
ATOM   304  O  "O5'" . G   A 1 15 ? -0.628  19.893  1.528   1.00 57.29  ? 15  G   A "O5'" 1 
ATOM   305  C  "C5'" . G   A 1 15 ? 0.440   18.960  1.469   1.00 60.42  ? 15  G   A "C5'" 1 
ATOM   306  C  "C4'" . G   A 1 15 ? 1.019   18.684  2.836   1.00 56.45  ? 15  G   A "C4'" 1 
ATOM   307  O  "O4'" . G   A 1 15 ? 0.769   17.301  3.189   1.00 55.73  ? 15  G   A "O4'" 1 
ATOM   308  C  "C3'" . G   A 1 15 ? 2.526   18.839  2.956   1.00 54.72  ? 15  G   A "C3'" 1 
ATOM   309  O  "O3'" . G   A 1 15 ? 2.912   20.178  3.202   1.00 58.92  ? 15  G   A "O3'" 1 
ATOM   310  C  "C2'" . G   A 1 15 ? 2.880   17.897  4.098   1.00 55.62  ? 15  G   A "C2'" 1 
ATOM   311  O  "O2'" . G   A 1 15 ? 2.626   18.510  5.354   1.00 54.78  ? 15  G   A "O2'" 1 
ATOM   312  C  "C1'" . G   A 1 15 ? 1.870   16.770  3.890   1.00 50.17  ? 15  G   A "C1'" 1 
ATOM   313  N  N9    . G   A 1 15 ? 2.425   15.658  3.098   1.00 49.18  ? 15  G   A N9    1 
ATOM   314  C  C8    . G   A 1 15 ? 2.060   15.284  1.827   1.00 46.79  ? 15  G   A C8    1 
ATOM   315  N  N7    . G   A 1 15 ? 2.727   14.249  1.384   1.00 43.06  ? 15  G   A N7    1 
ATOM   316  C  C5    . G   A 1 15 ? 3.577   13.916  2.431   1.00 43.59  ? 15  G   A C5    1 
ATOM   317  C  C6    . G   A 1 15 ? 4.538   12.879  2.548   1.00 40.60  ? 15  G   A C6    1 
ATOM   318  O  O6    . G   A 1 15 ? 4.848   12.012  1.720   1.00 42.96  ? 15  G   A O6    1 
ATOM   319  N  N1    . G   A 1 15 ? 5.169   12.907  3.786   1.00 41.39  ? 15  G   A N1    1 
ATOM   320  C  C2    . G   A 1 15 ? 4.918   13.813  4.780   1.00 42.11  ? 15  G   A C2    1 
ATOM   321  N  N2    . G   A 1 15 ? 5.635   13.676  5.905   1.00 43.14  ? 15  G   A N2    1 
ATOM   322  N  N3    . G   A 1 15 ? 4.028   14.784  4.687   1.00 46.33  ? 15  G   A N3    1 
ATOM   323  C  C4    . G   A 1 15 ? 3.399   14.774  3.497   1.00 46.52  ? 15  G   A C4    1 
ATOM   324  P  P     . C   A 1 16 ? 4.277   20.746  2.582   1.00 63.62  ? 16  C   A P     1 
ATOM   325  O  OP1   . C   A 1 16 ? 4.364   22.199  2.884   1.00 61.58  ? 16  C   A OP1   1 
ATOM   326  O  OP2   . C   A 1 16 ? 4.373   20.241  1.182   1.00 55.83  ? 16  C   A OP2   1 
ATOM   327  O  "O5'" . C   A 1 16 ? 5.414   20.065  3.461   1.00 56.48  ? 16  C   A "O5'" 1 
ATOM   328  C  "C5'" . C   A 1 16 ? 5.661   20.497  4.787   1.00 55.37  ? 16  C   A "C5'" 1 
ATOM   329  C  "C4'" . C   A 1 16 ? 6.721   19.651  5.441   1.00 56.59  ? 16  C   A "C4'" 1 
ATOM   330  O  "O4'" . C   A 1 16 ? 6.291   18.262  5.465   1.00 53.18  ? 16  C   A "O4'" 1 
ATOM   331  C  "C3'" . C   A 1 16 ? 8.061   19.594  4.728   1.00 57.52  ? 16  C   A "C3'" 1 
ATOM   332  O  "O3'" . C   A 1 16 ? 8.870   20.741  4.929   1.00 57.71  ? 16  C   A "O3'" 1 
ATOM   333  C  "C2'" . C   A 1 16 ? 8.656   18.299  5.265   1.00 56.85  ? 16  C   A "C2'" 1 
ATOM   334  O  "O2'" . C   A 1 16 ? 9.141   18.484  6.592   1.00 55.62  ? 16  C   A "O2'" 1 
ATOM   335  C  "C1'" . C   A 1 16 ? 7.409   17.410  5.317   1.00 50.82  ? 16  C   A "C1'" 1 
ATOM   336  N  N1    . C   A 1 16 ? 7.233   16.601  4.080   1.00 49.93  ? 16  C   A N1    1 
ATOM   337  C  C2    . C   A 1 16 ? 7.935   15.397  3.949   1.00 46.71  ? 16  C   A C2    1 
ATOM   338  O  O2    . C   A 1 16 ? 8.690   15.042  4.866   1.00 48.24  ? 16  C   A O2    1 
ATOM   339  N  N3    . C   A 1 16 ? 7.785   14.644  2.834   1.00 44.70  ? 16  C   A N3    1 
ATOM   340  C  C4    . C   A 1 16 ? 6.974   15.043  1.861   1.00 42.89  ? 16  C   A C4    1 
ATOM   341  N  N4    . C   A 1 16 ? 6.873   14.264  0.788   1.00 40.63  ? 16  C   A N4    1 
ATOM   342  C  C5    . C   A 1 16 ? 6.239   16.257  1.956   1.00 46.72  ? 16  C   A C5    1 
ATOM   343  C  C6    . C   A 1 16 ? 6.397   16.992  3.067   1.00 49.23  ? 16  C   A C6    1 
ATOM   344  P  P     . G   A 1 17 ? 9.799   21.260  3.725   1.00 55.21  ? 17  G   A P     1 
ATOM   345  O  OP1   . G   A 1 17 ? 10.341  22.595  4.080   1.00 63.24  ? 17  G   A OP1   1 
ATOM   346  O  OP2   . G   A 1 17 ? 9.063   21.073  2.453   1.00 61.42  ? 17  G   A OP2   1 
ATOM   347  O  "O5'" . G   A 1 17 ? 11.006  20.227  3.723   1.00 56.70  ? 17  G   A "O5'" 1 
ATOM   348  C  "C5'" . G   A 1 17 ? 11.757  20.031  4.905   1.00 58.95  ? 17  G   A "C5'" 1 
ATOM   349  C  "C4'" . G   A 1 17 ? 12.596  18.787  4.833   1.00 56.24  ? 17  G   A "C4'" 1 
ATOM   350  O  "O4'" . G   A 1 17 ? 11.756  17.617  4.665   1.00 53.23  ? 17  G   A "O4'" 1 
ATOM   351  C  "C3'" . G   A 1 17 ? 13.559  18.685  3.670   1.00 55.99  ? 17  G   A "C3'" 1 
ATOM   352  O  "O3'" . G   A 1 17 ? 14.700  19.513  3.803   1.00 60.73  ? 17  G   A "O3'" 1 
ATOM   353  C  "C2'" . G   A 1 17 ? 13.861  17.195  3.661   1.00 55.50  ? 17  G   A "C2'" 1 
ATOM   354  O  "O2'" . G   A 1 17 ? 14.697  16.860  4.760   1.00 50.04  ? 17  G   A "O2'" 1 
ATOM   355  C  "C1'" . G   A 1 17 ? 12.477  16.623  3.955   1.00 51.67  ? 17  G   A "C1'" 1 
ATOM   356  N  N9    . G   A 1 17 ? 11.750  16.250  2.721   1.00 50.16  ? 17  G   A N9    1 
ATOM   357  C  C8    . G   A 1 17 ? 10.696  16.877  2.094   1.00 48.10  ? 17  G   A C8    1 
ATOM   358  N  N7    . G   A 1 17 ? 10.293  16.250  1.014   1.00 46.87  ? 17  G   A N7    1 
ATOM   359  C  C5    . G   A 1 17 ? 11.128  15.141  0.922   1.00 45.41  ? 17  G   A C5    1 
ATOM   360  C  C6    . G   A 1 17 ? 11.191  14.090  -0.030  1.00 45.42  ? 17  G   A C6    1 
ATOM   361  O  O6    . G   A 1 17 ? 10.494  13.894  -1.037  1.00 46.93  ? 17  G   A O6    1 
ATOM   362  N  N1    . G   A 1 17 ? 12.202  13.188  0.279   1.00 45.58  ? 17  G   A N1    1 
ATOM   363  C  C2    . G   A 1 17 ? 13.040  13.272  1.350   1.00 44.18  ? 17  G   A C2    1 
ATOM   364  N  N2    . G   A 1 17 ? 13.951  12.300  1.473   1.00 46.14  ? 17  G   A N2    1 
ATOM   365  N  N3    . G   A 1 17 ? 12.995  14.241  2.239   1.00 47.66  ? 17  G   A N3    1 
ATOM   366  C  C4    . G   A 1 17 ? 12.027  15.133  1.967   1.00 46.17  ? 17  G   A C4    1 
ATOM   367  P  P     . C   A 1 18 ? 15.371  20.175  2.494   1.00 69.12  ? 18  C   A P     1 
ATOM   368  O  OP1   . C   A 1 18 ? 16.325  21.213  2.968   1.00 61.70  ? 18  C   A OP1   1 
ATOM   369  O  OP2   . C   A 1 18 ? 14.290  20.543  1.536   1.00 59.08  ? 18  C   A OP2   1 
ATOM   370  O  "O5'" . C   A 1 18 ? 16.203  18.978  1.840   1.00 57.90  ? 18  C   A "O5'" 1 
ATOM   371  C  "C5'" . C   A 1 18 ? 17.058  18.167  2.634   1.00 59.18  ? 18  C   A "C5'" 1 
ATOM   372  C  "C4'" . C   A 1 18 ? 17.397  16.874  1.935   1.00 59.72  ? 18  C   A "C4'" 1 
ATOM   373  O  "O4'" . C   A 1 18 ? 16.212  16.051  1.794   1.00 58.41  ? 18  C   A "O4'" 1 
ATOM   374  C  "C3'" . C   A 1 18 ? 17.917  17.017  0.517   1.00 62.65  ? 18  C   A "C3'" 1 
ATOM   375  O  "O3'" . C   A 1 18 ? 19.292  17.356  0.491   1.00 68.56  ? 18  C   A "O3'" 1 
ATOM   376  C  "C2'" . C   A 1 18 ? 17.603  15.656  -0.096  1.00 59.45  ? 18  C   A "C2'" 1 
ATOM   377  O  "O2'" . C   A 1 18 ? 18.577  14.693  0.283   1.00 63.95  ? 18  C   A "O2'" 1 
ATOM   378  C  "C1'" . C   A 1 18 ? 16.281  15.309  0.593   1.00 55.91  ? 18  C   A "C1'" 1 
ATOM   379  N  N1    . C   A 1 18 ? 15.102  15.637  -0.242  1.00 57.60  ? 18  C   A N1    1 
ATOM   380  C  C2    . C   A 1 18 ? 14.737  14.751  -1.265  1.00 51.81  ? 18  C   A C2    1 
ATOM   381  O  O2    . C   A 1 18 ? 15.409  13.724  -1.441  1.00 56.16  ? 18  C   A O2    1 
ATOM   382  N  N3    . C   A 1 18 ? 13.666  15.030  -2.042  1.00 53.04  ? 18  C   A N3    1 
ATOM   383  C  C4    . C   A 1 18 ? 12.965  16.144  -1.826  1.00 52.93  ? 18  C   A C4    1 
ATOM   384  N  N4    . C   A 1 18 ? 11.913  16.375  -2.613  1.00 52.22  ? 18  C   A N4    1 
ATOM   385  C  C5    . C   A 1 18 ? 13.310  17.066  -0.790  1.00 53.37  ? 18  C   A C5    1 
ATOM   386  C  C6    . C   A 1 18 ? 14.373  16.777  -0.025  1.00 54.52  ? 18  C   A C6    1 
ATOM   387  P  P     . C   A 1 19 ? 19.857  18.369  -0.621  1.00 64.25  ? 19  C   A P     1 
ATOM   388  O  OP1   . C   A 1 19 ? 20.825  19.283  0.035   1.00 59.89  ? 19  C   A OP1   1 
ATOM   389  O  OP2   . C   A 1 19 ? 18.710  18.925  -1.388  1.00 64.44  ? 19  C   A OP2   1 
ATOM   390  O  "O5'" . C   A 1 19 ? 20.675  17.415  -1.593  1.00 67.56  ? 19  C   A "O5'" 1 
ATOM   391  C  "C5'" . C   A 1 19 ? 20.400  17.403  -2.980  1.00 68.97  ? 19  C   A "C5'" 1 
ATOM   392  C  "C4'" . C   A 1 19 ? 20.135  16.005  -3.469  1.00 71.33  ? 19  C   A "C4'" 1 
ATOM   393  O  "O4'" . C   A 1 19 ? 18.801  15.587  -3.077  1.00 69.43  ? 19  C   A "O4'" 1 
ATOM   394  C  "C3'" . C   A 1 19 ? 20.155  15.848  -4.977  1.00 74.57  ? 19  C   A "C3'" 1 
ATOM   395  O  "O3'" . C   A 1 19 ? 21.480  15.701  -5.470  1.00 80.23  ? 19  C   A "O3'" 1 
ATOM   396  C  "C2'" . C   A 1 19 ? 19.258  14.634  -5.211  1.00 72.91  ? 19  C   A "C2'" 1 
ATOM   397  O  "O2'" . C   A 1 19 ? 19.974  13.427  -4.996  1.00 73.78  ? 19  C   A "O2'" 1 
ATOM   398  C  "C1'" . C   A 1 19 ? 18.225  14.788  -4.089  1.00 68.12  ? 19  C   A "C1'" 1 
ATOM   399  N  N1    . C   A 1 19 ? 16.957  15.428  -4.521  1.00 65.54  ? 19  C   A N1    1 
ATOM   400  C  C2    . C   A 1 19 ? 16.096  14.827  -5.459  1.00 64.57  ? 19  C   A C2    1 
ATOM   401  O  O2    . C   A 1 19 ? 16.389  13.745  -5.988  1.00 66.65  ? 19  C   A O2    1 
ATOM   402  N  N3    . C   A 1 19 ? 14.948  15.453  -5.795  1.00 63.90  ? 19  C   A N3    1 
ATOM   403  C  C4    . C   A 1 19 ? 14.625  16.617  -5.232  1.00 63.82  ? 19  C   A C4    1 
ATOM   404  N  N4    . C   A 1 19 ? 13.475  17.188  -5.599  1.00 64.57  ? 19  C   A N4    1 
ATOM   405  C  C5    . C   A 1 19 ? 15.463  17.245  -4.269  1.00 60.78  ? 19  C   A C5    1 
ATOM   406  C  C6    . C   A 1 19 ? 16.598  16.616  -3.943  1.00 62.84  ? 19  C   A C6    1 
ATOM   407  P  P     . U   A 1 20 ? 22.063  16.712  -6.579  1.00 85.36  ? 20  U   A P     1 
ATOM   408  O  OP1   . U   A 1 20 ? 23.540  16.535  -6.614  1.00 77.04  ? 20  U   A OP1   1 
ATOM   409  O  OP2   . U   A 1 20 ? 21.515  18.075  -6.342  1.00 78.06  ? 20  U   A OP2   1 
ATOM   410  O  "O5'" . U   A 1 20 ? 21.446  16.147  -7.936  1.00 82.05  ? 20  U   A "O5'" 1 
ATOM   411  C  "C5'" . U   A 1 20 ? 21.570  14.770  -8.241  1.00 79.38  ? 20  U   A "C5'" 1 
ATOM   412  C  "C4'" . U   A 1 20 ? 20.537  14.298  -9.234  1.00 82.85  ? 20  U   A "C4'" 1 
ATOM   413  O  "O4'" . U   A 1 20 ? 19.210  14.302  -8.656  1.00 81.24  ? 20  U   A "O4'" 1 
ATOM   414  C  "C3'" . U   A 1 20 ? 20.366  15.108  -10.503 1.00 86.63  ? 20  U   A "C3'" 1 
ATOM   415  O  "O3'" . U   A 1 20 ? 21.418  14.913  -11.431 1.00 90.54  ? 20  U   A "O3'" 1 
ATOM   416  C  "C2'" . U   A 1 20 ? 19.010  14.621  -11.012 1.00 86.96  ? 20  U   A "C2'" 1 
ATOM   417  O  "O2'" . U   A 1 20 ? 19.143  13.368  -11.660 1.00 89.09  ? 20  U   A "O2'" 1 
ATOM   418  C  "C1'" . U   A 1 20 ? 18.253  14.378  -9.701  1.00 83.72  ? 20  U   A "C1'" 1 
ATOM   419  N  N1    . U   A 1 20 ? 17.235  15.416  -9.417  1.00 79.45  ? 20  U   A N1    1 
ATOM   420  C  C2    . U   A 1 20 ? 16.055  15.341  -10.154 1.00 77.01  ? 20  U   A C2    1 
ATOM   421  O  O2    . U   A 1 20 ? 15.831  14.488  -11.004 1.00 78.14  ? 20  U   A O2    1 
ATOM   422  N  N3    . U   A 1 20 ? 15.133  16.314  -9.859  1.00 78.07  ? 20  U   A N3    1 
ATOM   423  C  C4    . U   A 1 20 ? 15.257  17.328  -8.927  1.00 75.63  ? 20  U   A C4    1 
ATOM   424  O  O4    . U   A 1 20 ? 14.329  18.130  -8.778  1.00 69.43  ? 20  U   A O4    1 
ATOM   425  C  C5    . U   A 1 20 ? 16.501  17.333  -8.208  1.00 75.46  ? 20  U   A C5    1 
ATOM   426  C  C6    . U   A 1 20 ? 17.428  16.400  -8.470  1.00 75.91  ? 20  U   A C6    1 
ATOM   427  P  P     . U   A 1 21 ? 21.690  16.000  -12.586 1.00 96.75  ? 21  U   A P     1 
ATOM   428  O  OP1   . U   A 1 21 ? 23.002  15.678  -13.212 1.00 91.23  ? 21  U   A OP1   1 
ATOM   429  O  OP2   . U   A 1 21 ? 21.450  17.345  -11.987 1.00 87.41  ? 21  U   A OP2   1 
ATOM   430  O  "O5'" . U   A 1 21 ? 20.551  15.713  -13.671 1.00 93.41  ? 21  U   A "O5'" 1 
ATOM   431  C  "C5'" . U   A 1 21 ? 20.779  15.911  -15.068 1.00 90.89  ? 21  U   A "C5'" 1 
ATOM   432  C  "C4'" . U   A 1 21 ? 20.016  14.910  -15.906 1.00 89.65  ? 21  U   A "C4'" 1 
ATOM   433  O  "O4'" . U   A 1 21 ? 20.801  13.690  -16.008 1.00 87.59  ? 21  U   A "O4'" 1 
ATOM   434  C  "C3'" . U   A 1 21 ? 18.663  14.505  -15.329 1.00 94.17  ? 21  U   A "C3'" 1 
ATOM   435  O  "O3'" . U   A 1 21 ? 17.688  14.302  -16.354 1.00 98.71  ? 21  U   A "O3'" 1 
ATOM   436  C  "C2'" . U   A 1 21 ? 18.967  13.191  -14.616 1.00 91.63  ? 21  U   A "C2'" 1 
ATOM   437  O  "O2'" . U   A 1 21 ? 17.874  12.307  -14.482 1.00 94.10  ? 21  U   A "O2'" 1 
ATOM   438  C  "C1'" . U   A 1 21 ? 20.077  12.595  -15.474 1.00 87.97  ? 21  U   A "C1'" 1 
ATOM   439  N  N1    . U   A 1 21 ? 21.008  11.780  -14.679 1.00 86.77  ? 21  U   A N1    1 
ATOM   440  C  C2    . U   A 1 21 ? 21.266  10.478  -15.071 1.00 80.92  ? 21  U   A C2    1 
ATOM   441  O  O2    . U   A 1 21 ? 20.763  9.987   -16.074 1.00 80.11  ? 21  U   A O2    1 
ATOM   442  N  N3    . U   A 1 21 ? 22.142  9.793   -14.251 1.00 76.39  ? 21  U   A N3    1 
ATOM   443  C  C4    . U   A 1 21 ? 22.760  10.261  -13.101 1.00 73.16  ? 21  U   A C4    1 
ATOM   444  O  O4    . U   A 1 21 ? 23.522  9.529   -12.466 1.00 70.51  ? 21  U   A O4    1 
ATOM   445  C  C5    . U   A 1 21 ? 22.431  11.611  -12.761 1.00 79.35  ? 21  U   A C5    1 
ATOM   446  C  C6    . U   A 1 21 ? 21.587  12.299  -13.539 1.00 84.92  ? 21  U   A C6    1 
ATOM   447  P  P     . C   A 1 22 ? 16.136  14.405  -15.938 1.00 110.09 ? 22  C   A P     1 
ATOM   448  O  OP1   . C   A 1 22 ? 16.139  15.306  -14.752 1.00 101.33 ? 22  C   A OP1   1 
ATOM   449  O  OP2   . C   A 1 22 ? 15.603  13.025  -15.778 1.00 107.82 ? 22  C   A OP2   1 
ATOM   450  O  "O5'" . C   A 1 22 ? 15.400  15.124  -17.168 1.00 108.09 ? 22  C   A "O5'" 1 
ATOM   451  C  "C5'" . C   A 1 22 ? 14.572  14.397  -18.082 1.00 105.36 ? 22  C   A "C5'" 1 
ATOM   452  C  "C4'" . C   A 1 22 ? 13.213  14.068  -17.497 1.00 107.14 ? 22  C   A "C4'" 1 
ATOM   453  O  "O4'" . C   A 1 22 ? 13.159  14.518  -16.115 1.00 108.11 ? 22  C   A "O4'" 1 
ATOM   454  C  "C3'" . C   A 1 22 ? 12.007  14.704  -18.188 1.00 108.06 ? 22  C   A "C3'" 1 
ATOM   455  O  "O3'" . C   A 1 22 ? 10.879  13.837  -18.025 1.00 109.82 ? 22  C   A "O3'" 1 
ATOM   456  C  "C2'" . C   A 1 22 ? 11.782  15.956  -17.350 1.00 106.97 ? 22  C   A "C2'" 1 
ATOM   457  O  "O2'" . C   A 1 22 ? 10.478  16.489  -17.434 1.00 106.25 ? 22  C   A "O2'" 1 
ATOM   458  C  "C1'" . C   A 1 22 ? 12.079  15.420  -15.955 1.00 108.71 ? 22  C   A "C1'" 1 
ATOM   459  N  N1    . C   A 1 22 ? 12.461  16.424  -14.949 1.00 110.67 ? 22  C   A N1    1 
ATOM   460  C  C2    . C   A 1 22 ? 11.480  16.925  -14.085 1.00 110.09 ? 22  C   A C2    1 
ATOM   461  O  O2    . C   A 1 22 ? 10.302  16.540  -14.212 1.00 110.52 ? 22  C   A O2    1 
ATOM   462  N  N3    . C   A 1 22 ? 11.845  17.831  -13.144 1.00 107.31 ? 22  C   A N3    1 
ATOM   463  C  C4    . C   A 1 22 ? 13.119  18.220  -13.043 1.00 102.65 ? 22  C   A C4    1 
ATOM   464  N  N4    . C   A 1 22 ? 13.427  19.114  -12.104 1.00 100.51 ? 22  C   A N4    1 
ATOM   465  C  C5    . C   A 1 22 ? 14.137  17.712  -13.898 1.00 101.58 ? 22  C   A C5    1 
ATOM   466  C  C6    . C   A 1 22 ? 13.760  16.826  -14.824 1.00 105.52 ? 22  C   A C6    1 
ATOM   467  P  P     . G   A 1 23 ? 9.851   13.586  -19.237 1.00 115.08 ? 23  G   A P     1 
ATOM   468  O  OP1   . G   A 1 23 ? 10.119  12.236  -19.806 1.00 111.60 ? 23  G   A OP1   1 
ATOM   469  O  OP2   . G   A 1 23 ? 9.922   14.782  -20.117 1.00 111.51 ? 23  G   A OP2   1 
ATOM   470  O  "O5'" . G   A 1 23 ? 8.397   13.577  -18.565 1.00 108.99 ? 23  G   A "O5'" 1 
ATOM   471  C  "C5'" . G   A 1 23 ? 8.186   13.202  -17.208 1.00 108.07 ? 23  G   A "C5'" 1 
ATOM   472  C  "C4'" . G   A 1 23 ? 7.969   11.715  -17.058 1.00 107.36 ? 23  G   A "C4'" 1 
ATOM   473  O  "O4'" . G   A 1 23 ? 9.191   11.028  -17.427 1.00 107.00 ? 23  G   A "O4'" 1 
ATOM   474  C  "C3'" . G   A 1 23 ? 7.644   11.229  -15.643 1.00 106.00 ? 23  G   A "C3'" 1 
ATOM   475  O  "O3'" . G   A 1 23 ? 6.244   11.267  -15.378 1.00 108.22 ? 23  G   A "O3'" 1 
ATOM   476  C  "C2'" . G   A 1 23 ? 8.249   9.826   -15.598 1.00 105.42 ? 23  G   A "C2'" 1 
ATOM   477  O  "O2'" . G   A 1 23 ? 7.338   8.873   -16.126 1.00 104.57 ? 23  G   A "O2'" 1 
ATOM   478  C  "C1'" . G   A 1 23 ? 9.438   9.949   -16.562 1.00 105.25 ? 23  G   A "C1'" 1 
ATOM   479  N  N9    . G   A 1 23 ? 10.751  10.178  -15.910 1.00 103.41 ? 23  G   A N9    1 
ATOM   480  C  C8    . G   A 1 23 ? 11.878  9.403   -16.081 1.00 101.03 ? 23  G   A C8    1 
ATOM   481  N  N7    . G   A 1 23 ? 12.922  9.829   -15.420 1.00 99.54  ? 23  G   A N7    1 
ATOM   482  C  C5    . G   A 1 23 ? 12.475  10.975  -14.779 1.00 102.70 ? 23  G   A C5    1 
ATOM   483  C  C6    . G   A 1 23 ? 13.160  11.878  -13.912 1.00 100.80 ? 23  G   A C6    1 
ATOM   484  O  O6    . G   A 1 23 ? 14.337  11.853  -13.519 1.00 94.16  ? 23  G   A O6    1 
ATOM   485  N  N1    . G   A 1 23 ? 12.317  12.906  -13.491 1.00 102.91 ? 23  G   A N1    1 
ATOM   486  C  C2    . G   A 1 23 ? 10.995  13.050  -13.854 1.00 102.69 ? 23  G   A C2    1 
ATOM   487  N  N2    . G   A 1 23 ? 10.327  14.103  -13.352 1.00 102.00 ? 23  G   A N2    1 
ATOM   488  N  N3    . G   A 1 23 ? 10.359  12.219  -14.654 1.00 100.98 ? 23  G   A N3    1 
ATOM   489  C  C4    . G   A 1 23 ? 11.142  11.208  -15.080 1.00 103.31 ? 23  G   A C4    1 
ATOM   490  P  P     . G   A 1 24 ? 5.627   11.030  -13.902 1.00 116.97 ? 24  G   A P     1 
ATOM   491  O  OP1   . G   A 1 24 ? 5.363   9.578   -13.738 1.00 114.78 ? 24  G   A OP1   1 
ATOM   492  O  OP2   . G   A 1 24 ? 4.501   11.985  -13.719 1.00 109.17 ? 24  G   A OP2   1 
ATOM   493  O  "O5'" . G   A 1 24 ? 6.780   11.469  -12.891 1.00 104.08 ? 24  G   A "O5'" 1 
ATOM   494  C  "C5'" . G   A 1 24 ? 7.132   10.660  -11.775 1.00 96.51  ? 24  G   A "C5'" 1 
ATOM   495  C  "C4'" . G   A 1 24 ? 8.631   10.558  -11.655 1.00 92.22  ? 24  G   A "C4'" 1 
ATOM   496  O  "O4'" . G   A 1 24 ? 9.189   11.891  -11.593 1.00 92.17  ? 24  G   A "O4'" 1 
ATOM   497  C  "C3'" . G   A 1 24 ? 9.186   9.862   -10.419 1.00 81.33  ? 24  G   A "C3'" 1 
ATOM   498  O  "O3'" . G   A 1 24 ? 9.194   8.445   -10.540 1.00 85.00  ? 24  G   A "O3'" 1 
ATOM   499  C  "C2'" . G   A 1 24 ? 10.585  10.460  -10.297 1.00 83.51  ? 24  G   A "C2'" 1 
ATOM   500  O  "O2'" . G   A 1 24 ? 11.499  9.793   -11.160 1.00 82.34  ? 24  G   A "O2'" 1 
ATOM   501  C  "C1'" . G   A 1 24 ? 10.368  11.883  -10.824 1.00 85.97  ? 24  G   A "C1'" 1 
ATOM   502  N  N9    . G   A 1 24 ? 10.252  12.894  -9.757  1.00 81.66  ? 24  G   A N9    1 
ATOM   503  C  C8    . G   A 1 24 ? 9.145   13.625  -9.377  1.00 76.63  ? 24  G   A C8    1 
ATOM   504  N  N7    . G   A 1 24 ? 9.402   14.451  -8.397  1.00 71.05  ? 24  G   A N7    1 
ATOM   505  C  C5    . G   A 1 24 ? 10.756  14.256  -8.128  1.00 72.21  ? 24  G   A C5    1 
ATOM   506  C  C6    . G   A 1 24 ? 11.617  14.858  -7.170  1.00 72.25  ? 24  G   A C6    1 
ATOM   507  O  O6    . G   A 1 24 ? 11.352  15.730  -6.327  1.00 73.00  ? 24  G   A O6    1 
ATOM   508  N  N1    . G   A 1 24 ? 12.919  14.353  -7.253  1.00 69.43  ? 24  G   A N1    1 
ATOM   509  C  C2    . G   A 1 24 ? 13.346  13.392  -8.136  1.00 68.66  ? 24  G   A C2    1 
ATOM   510  N  N2    . G   A 1 24 ? 14.639  13.041  -8.045  1.00 68.31  ? 24  G   A N2    1 
ATOM   511  N  N3    . G   A 1 24 ? 12.557  12.821  -9.034  1.00 69.92  ? 24  G   A N3    1 
ATOM   512  C  C4    . G   A 1 24 ? 11.293  13.301  -8.967  1.00 74.32  ? 24  G   A C4    1 
ATOM   513  P  P     . G   A 1 25 ? 9.098   7.507   -9.233  1.00 81.30  ? 25  G   A P     1 
ATOM   514  O  OP1   . G   A 1 25 ? 8.903   6.095   -9.664  1.00 69.81  ? 25  G   A OP1   1 
ATOM   515  O  OP2   . G   A 1 25 ? 8.094   8.147   -8.335  1.00 74.52  ? 25  G   A OP2   1 
ATOM   516  O  "O5'" . G   A 1 25 ? 10.557  7.584   -8.584  1.00 70.58  ? 25  G   A "O5'" 1 
ATOM   517  C  "C5'" . G   A 1 25 ? 11.606  6.739   -9.040  1.00 66.04  ? 25  G   A "C5'" 1 
ATOM   518  C  "C4'" . G   A 1 25 ? 12.892  6.948   -8.269  1.00 64.72  ? 25  G   A "C4'" 1 
ATOM   519  O  "O4'" . G   A 1 25 ? 13.337  8.323   -8.411  1.00 65.00  ? 25  G   A "O4'" 1 
ATOM   520  C  "C3'" . G   A 1 25 ? 12.831  6.735   -6.762  1.00 62.49  ? 25  G   A "C3'" 1 
ATOM   521  O  "O3'" . G   A 1 25 ? 12.891  5.370   -6.376  1.00 60.21  ? 25  G   A "O3'" 1 
ATOM   522  C  "C2'" . G   A 1 25 ? 14.010  7.565   -6.261  1.00 61.87  ? 25  G   A "C2'" 1 
ATOM   523  O  "O2'" . G   A 1 25 ? 15.237  6.871   -6.443  1.00 58.63  ? 25  G   A "O2'" 1 
ATOM   524  C  "C1'" . G   A 1 25 ? 13.975  8.751   -7.222  1.00 61.88  ? 25  G   A "C1'" 1 
ATOM   525  N  N9    . G   A 1 25 ? 13.231  9.902   -6.671  1.00 59.40  ? 25  G   A N9    1 
ATOM   526  C  C8    . G   A 1 25 ? 12.015  10.368  -7.107  1.00 62.79  ? 25  G   A C8    1 
ATOM   527  N  N7    . G   A 1 25 ? 11.598  11.412  -6.441  1.00 64.72  ? 25  G   A N7    1 
ATOM   528  C  C5    . G   A 1 25 ? 12.601  11.660  -5.504  1.00 60.08  ? 25  G   A C5    1 
ATOM   529  C  C6    . G   A 1 25 ? 12.709  12.672  -4.504  1.00 55.91  ? 25  G   A C6    1 
ATOM   530  O  O6    . G   A 1 25 ? 11.921  13.587  -4.223  1.00 57.35  ? 25  G   A O6    1 
ATOM   531  N  N1    . G   A 1 25 ? 13.883  12.558  -3.777  1.00 53.65  ? 25  G   A N1    1 
ATOM   532  C  C2    . G   A 1 25 ? 14.836  11.594  -3.985  1.00 57.10  ? 25  G   A C2    1 
ATOM   533  N  N2    . G   A 1 25 ? 15.899  11.653  -3.171  1.00 51.09  ? 25  G   A N2    1 
ATOM   534  N  N3    . G   A 1 25 ? 14.751  10.644  -4.914  1.00 58.49  ? 25  G   A N3    1 
ATOM   535  C  C4    . G   A 1 25 ? 13.616  10.734  -5.638  1.00 57.46  ? 25  G   A C4    1 
ATOM   536  P  P     . C   A 1 26 ? 12.239  4.895   -4.981  1.00 58.88  ? 26  C   A P     1 
ATOM   537  O  OP1   . C   A 1 26 ? 12.436  3.432   -4.813  1.00 59.00  ? 26  C   A OP1   1 
ATOM   538  O  OP2   . C   A 1 26 ? 10.871  5.458   -4.902  1.00 56.19  ? 26  C   A OP2   1 
ATOM   539  O  "O5'" . C   A 1 26 ? 13.117  5.631   -3.872  1.00 58.72  ? 26  C   A "O5'" 1 
ATOM   540  C  "C5'" . C   A 1 26 ? 14.471  5.265   -3.636  1.00 54.19  ? 26  C   A "C5'" 1 
ATOM   541  C  "C4'" . C   A 1 26 ? 15.093  6.084   -2.528  1.00 51.62  ? 26  C   A "C4'" 1 
ATOM   542  O  "O4'" . C   A 1 26 ? 15.179  7.483   -2.916  1.00 53.99  ? 26  C   A "O4'" 1 
ATOM   543  C  "C3'" . C   A 1 26 ? 14.337  6.135   -1.210  1.00 48.39  ? 26  C   A "C3'" 1 
ATOM   544  O  "O3'" . C   A 1 26 ? 14.454  4.958   -0.432  1.00 45.56  ? 26  C   A "O3'" 1 
ATOM   545  C  "C2'" . C   A 1 26 ? 14.919  7.383   -0.561  1.00 46.08  ? 26  C   A "C2'" 1 
ATOM   546  O  "O2'" . C   A 1 26 ? 16.236  7.143   -0.083  1.00 46.70  ? 26  C   A "O2'" 1 
ATOM   547  C  "C1'" . C   A 1 26 ? 15.023  8.306   -1.772  1.00 50.28  ? 26  C   A "C1'" 1 
ATOM   548  N  N1    . C   A 1 26 ? 13.800  9.125   -1.931  1.00 50.16  ? 26  C   A N1    1 
ATOM   549  C  C2    . C   A 1 26 ? 13.702  10.292  -1.171  1.00 47.05  ? 26  C   A C2    1 
ATOM   550  O  O2    . C   A 1 26 ? 14.634  10.583  -0.415  1.00 47.30  ? 26  C   A O2    1 
ATOM   551  N  N3    . C   A 1 26 ? 12.603  11.069  -1.284  1.00 46.42  ? 26  C   A N3    1 
ATOM   552  C  C4    . C   A 1 26 ? 11.620  10.709  -2.116  1.00 48.36  ? 26  C   A C4    1 
ATOM   553  N  N4    . C   A 1 26 ? 10.547  11.506  -2.194  1.00 48.02  ? 26  C   A N4    1 
ATOM   554  C  C5    . C   A 1 26 ? 11.689  9.520   -2.901  1.00 49.74  ? 26  C   A C5    1 
ATOM   555  C  C6    . C   A 1 26 ? 12.787  8.762   -2.779  1.00 49.77  ? 26  C   A C6    1 
ATOM   556  P  P     . G   A 1 27 ? 13.217  4.480   0.475   1.00 43.29  ? 27  G   A P     1 
ATOM   557  O  OP1   . G   A 1 27 ? 13.588  3.155   1.038   1.00 45.77  ? 27  G   A OP1   1 
ATOM   558  O  OP2   . G   A 1 27 ? 11.937  4.643   -0.254  1.00 42.91  ? 27  G   A OP2   1 
ATOM   559  O  "O5'" . G   A 1 27 ? 13.204  5.529   1.667   1.00 39.25  ? 27  G   A "O5'" 1 
ATOM   560  C  "C5'" . G   A 1 27 ? 14.339  5.658   2.508   1.00 40.39  ? 27  G   A "C5'" 1 
ATOM   561  C  "C4'" . G   A 1 27 ? 14.273  6.902   3.357   1.00 37.10  ? 27  G   A "C4'" 1 
ATOM   562  O  "O4'" . G   A 1 27 ? 14.119  8.075   2.522   1.00 37.57  ? 27  G   A "O4'" 1 
ATOM   563  C  "C3'" . G   A 1 27 ? 13.111  6.990   4.328   1.00 37.11  ? 27  G   A "C3'" 1 
ATOM   564  O  "O3'" . G   A 1 27 ? 13.334  6.244   5.505   1.00 35.25  ? 27  G   A "O3'" 1 
ATOM   565  C  "C2'" . G   A 1 27 ? 12.999  8.487   4.580   1.00 35.86  ? 27  G   A "C2'" 1 
ATOM   566  O  "O2'" . G   A 1 27 ? 13.950  8.909   5.547   1.00 38.38  ? 27  G   A "O2'" 1 
ATOM   567  C  "C1'" . G   A 1 27 ? 13.387  9.063   3.215   1.00 39.98  ? 27  G   A "C1'" 1 
ATOM   568  N  N9    . G   A 1 27 ? 12.199  9.428   2.426   1.00 40.08  ? 27  G   A N9    1 
ATOM   569  C  C8    . G   A 1 27 ? 11.631  8.773   1.362   1.00 37.67  ? 27  G   A C8    1 
ATOM   570  N  N7    . G   A 1 27 ? 10.566  9.383   0.910   1.00 37.82  ? 27  G   A N7    1 
ATOM   571  C  C5    . G   A 1 27 ? 10.421  10.501  1.730   1.00 40.54  ? 27  G   A C5    1 
ATOM   572  C  C6    . G   A 1 27 ? 9.457   11.544  1.739   1.00 39.82  ? 27  G   A C6    1 
ATOM   573  O  O6    . G   A 1 27 ? 8.485   11.706  1.000   1.00 40.83  ? 27  G   A O6    1 
ATOM   574  N  N1    . G   A 1 27 ? 9.702   12.466  2.748   1.00 40.25  ? 27  G   A N1    1 
ATOM   575  C  C2    . G   A 1 27 ? 10.740  12.396  3.641   1.00 40.66  ? 27  G   A C2    1 
ATOM   576  N  N2    . G   A 1 27 ? 10.818  13.379  4.542   1.00 43.50  ? 27  G   A N2    1 
ATOM   577  N  N3    . G   A 1 27 ? 11.647  11.440  3.650   1.00 41.07  ? 27  G   A N3    1 
ATOM   578  C  C4    . G   A 1 27 ? 11.427  10.537  2.671   1.00 39.67  ? 27  G   A C4    1 
ATOM   579  P  P     . C   A 1 28 ? 12.092  5.646   6.314   1.00 37.67  ? 28  C   A P     1 
ATOM   580  O  OP1   . C   A 1 28 ? 12.635  4.880   7.468   1.00 34.25  ? 28  C   A OP1   1 
ATOM   581  O  OP2   . C   A 1 28 ? 11.204  4.999   5.320   1.00 35.40  ? 28  C   A OP2   1 
ATOM   582  O  "O5'" . C   A 1 28 ? 11.347  6.928   6.880   1.00 35.80  ? 28  C   A "O5'" 1 
ATOM   583  C  "C5'" . C   A 1 28 ? 11.879  7.651   7.978   1.00 29.62  ? 28  C   A "C5'" 1 
ATOM   584  C  "C4'" . C   A 1 28 ? 11.014  8.830   8.332   1.00 31.54  ? 28  C   A "C4'" 1 
ATOM   585  O  "O4'" . C   A 1 28 ? 10.830  9.662   7.164   1.00 35.27  ? 28  C   A "O4'" 1 
ATOM   586  C  "C3'" . C   A 1 28 ? 9.601   8.510   8.782   1.00 31.45  ? 28  C   A "C3'" 1 
ATOM   587  O  "O3'" . C   A 1 28 ? 9.550   8.169   10.150  1.00 30.34  ? 28  C   A "O3'" 1 
ATOM   588  C  "C2'" . C   A 1 28 ? 8.843   9.795   8.471   1.00 33.84  ? 28  C   A "C2'" 1 
ATOM   589  O  "O2'" . C   A 1 28 ? 9.013   10.733  9.519   1.00 32.72  ? 28  C   A "O2'" 1 
ATOM   590  C  "C1'" . C   A 1 28 ? 9.580   10.310  7.230   1.00 33.79  ? 28  C   A "C1'" 1 
ATOM   591  N  N1    . C   A 1 28 ? 8.846   10.065  5.966   1.00 37.22  ? 28  C   A N1    1 
ATOM   592  C  C2    . C   A 1 28 ? 7.774   10.906  5.626   1.00 37.19  ? 28  C   A C2    1 
ATOM   593  O  O2    . C   A 1 28 ? 7.440   11.819  6.393   1.00 35.13  ? 28  C   A O2    1 
ATOM   594  N  N3    . C   A 1 28 ? 7.106   10.695  4.470   1.00 36.69  ? 28  C   A N3    1 
ATOM   595  C  C4    . C   A 1 28 ? 7.483   9.706   3.653   1.00 35.69  ? 28  C   A C4    1 
ATOM   596  N  N4    . C   A 1 28 ? 6.797   9.549   2.520   1.00 33.69  ? 28  C   A N4    1 
ATOM   597  C  C5    . C   A 1 28 ? 8.573   8.844   3.969   1.00 37.32  ? 28  C   A C5    1 
ATOM   598  C  C6    . C   A 1 28 ? 9.226   9.061   5.119   1.00 35.50  ? 28  C   A C6    1 
ATOM   599  P  P     . C   A 1 29 ? 8.669   6.935   10.670  1.00 33.31  ? 29  C   A P     1 
ATOM   600  O  OP1   . C   A 1 29 ? 8.657   5.833   9.681   1.00 27.98  ? 29  C   A OP1   1 
ATOM   601  O  OP2   . C   A 1 29 ? 7.395   7.489   11.172  1.00 30.40  ? 29  C   A OP2   1 
ATOM   602  O  "O5'" . C   A 1 29 ? 9.471   6.401   11.930  1.00 25.45  ? 29  C   A "O5'" 1 
ATOM   603  C  "C5'" . C   A 1 29 ? 10.868  6.187   11.869  1.00 27.66  ? 29  C   A "C5'" 1 
ATOM   604  C  "C4'" . C   A 1 29 ? 11.361  5.579   13.153  1.00 29.22  ? 29  C   A "C4'" 1 
ATOM   605  O  "O4'" . C   A 1 29 ? 11.185  6.513   14.254  1.00 32.61  ? 29  C   A "O4'" 1 
ATOM   606  C  "C3'" . C   A 1 29 ? 10.626  4.341   13.629  1.00 27.58  ? 29  C   A "C3'" 1 
ATOM   607  O  "O3'" . C   A 1 29 ? 11.015  3.181   12.934  1.00 27.51  ? 29  C   A "O3'" 1 
ATOM   608  C  "C2'" . C   A 1 29 ? 10.997  4.310   15.100  1.00 27.83  ? 29  C   A "C2'" 1 
ATOM   609  O  "O2'" . C   A 1 29 ? 12.351  3.909   15.235  1.00 29.13  ? 29  C   A "O2'" 1 
ATOM   610  C  "C1'" . C   A 1 29 ? 10.913  5.794   15.446  1.00 28.74  ? 29  C   A "C1'" 1 
ATOM   611  N  N1    . C   A 1 29 ? 9.566   6.178   15.936  1.00 31.20  ? 29  C   A N1    1 
ATOM   612  C  C2    . C   A 1 29 ? 9.150   5.858   17.248  1.00 33.30  ? 29  C   A C2    1 
ATOM   613  O  O2    . C   A 1 29 ? 9.909   5.235   18.022  1.00 31.19  ? 29  C   A O2    1 
ATOM   614  N  N3    . C   A 1 29 ? 7.904   6.236   17.646  1.00 30.10  ? 29  C   A N3    1 
ATOM   615  C  C4    . C   A 1 29 ? 7.094   6.903   16.814  1.00 28.56  ? 29  C   A C4    1 
ATOM   616  N  N4    . C   A 1 29 ? 5.879   7.263   17.250  1.00 29.15  ? 29  C   A N4    1 
ATOM   617  C  C5    . C   A 1 29 ? 7.495   7.242   15.489  1.00 31.93  ? 29  C   A C5    1 
ATOM   618  C  C6    . C   A 1 29 ? 8.723   6.863   15.098  1.00 27.00  ? 29  C   A C6    1 
ATOM   619  P  P     . A   A 1 30 ? 9.931   2.058   12.579  1.00 23.74  ? 30  A   A P     1 
ATOM   620  O  OP1   . A   A 1 30 ? 10.741  0.986   11.965  1.00 23.90  ? 30  A   A OP1   1 
ATOM   621  O  OP2   . A   A 1 30 ? 8.763   2.663   11.894  1.00 26.32  ? 30  A   A OP2   1 
ATOM   622  O  "O5'" . A   A 1 30 ? 9.468   1.512   13.995  1.00 26.97  ? 30  A   A "O5'" 1 
ATOM   623  C  "C5'" . A   A 1 30 ? 10.388  0.864   14.860  1.00 24.44  ? 30  A   A "C5'" 1 
ATOM   624  C  "C4'" . A   A 1 30 ? 9.755   0.582   16.194  1.00 26.60  ? 30  A   A "C4'" 1 
ATOM   625  O  "O4'" . A   A 1 30 ? 9.490   1.830   16.885  1.00 24.99  ? 30  A   A "O4'" 1 
ATOM   626  C  "C3'" . A   A 1 30 ? 8.396   -0.085  16.142  1.00 24.17  ? 30  A   A "C3'" 1 
ATOM   627  O  "O3'" . A   A 1 30 ? 8.469   -1.474  15.938  1.00 24.75  ? 30  A   A "O3'" 1 
ATOM   628  C  "C2'" . A   A 1 30 ? 7.810   0.283   17.489  1.00 24.07  ? 30  A   A "C2'" 1 
ATOM   629  O  "O2'" . A   A 1 30 ? 8.442   -0.479  18.503  1.00 26.02  ? 30  A   A "O2'" 1 
ATOM   630  C  "C1'" . A   A 1 30 ? 8.282   1.723   17.613  1.00 27.50  ? 30  A   A "C1'" 1 
ATOM   631  N  N9    . A   A 1 30 ? 7.281   2.639   17.037  1.00 27.01  ? 30  A   A N9    1 
ATOM   632  C  C8    . A   A 1 30 ? 7.321   3.364   15.878  1.00 26.59  ? 30  A   A C8    1 
ATOM   633  N  N7    . A   A 1 30 ? 6.230   4.072   15.673  1.00 24.44  ? 30  A   A N7    1 
ATOM   634  C  C5    . A   A 1 30 ? 5.420   3.785   16.761  1.00 22.21  ? 30  A   A C5    1 
ATOM   635  C  C6    . A   A 1 30 ? 4.129   4.204   17.126  1.00 27.03  ? 30  A   A C6    1 
ATOM   636  N  N6    . A   A 1 30 ? 3.389   5.048   16.400  1.00 27.74  ? 30  A   A N6    1 
ATOM   637  N  N1    . A   A 1 30 ? 3.616   3.717   18.278  1.00 29.84  ? 30  A   A N1    1 
ATOM   638  C  C2    . A   A 1 30 ? 4.353   2.861   19.008  1.00 26.37  ? 30  A   A C2    1 
ATOM   639  N  N3    . A   A 1 30 ? 5.575   2.392   18.763  1.00 24.14  ? 30  A   A N3    1 
ATOM   640  C  C4    . A   A 1 30 ? 6.052   2.897   17.607  1.00 24.25  ? 30  A   A C4    1 
ATOM   641  P  P     . A   A 1 31 ? 7.248   -2.225  15.230  1.00 24.76  ? 31  A   A P     1 
ATOM   642  O  OP1   . A   A 1 31 ? 7.585   -3.676  15.135  1.00 23.90  ? 31  A   A OP1   1 
ATOM   643  O  OP2   . A   A 1 31 ? 6.964   -1.466  13.984  1.00 21.15  ? 31  A   A OP2   1 
ATOM   644  O  "O5'" . A   A 1 31 ? 6.033   -1.993  16.222  1.00 22.33  ? 31  A   A "O5'" 1 
ATOM   645  C  "C5'" . A   A 1 31 ? 5.908   -2.718  17.435  1.00 27.12  ? 31  A   A "C5'" 1 
ATOM   646  C  "C4'" . A   A 1 31 ? 4.548   -2.492  18.040  1.00 26.57  ? 31  A   A "C4'" 1 
ATOM   647  O  "O4'" . A   A 1 31 ? 4.358   -1.076  18.274  1.00 27.81  ? 31  A   A "O4'" 1 
ATOM   648  C  "C3'" . A   A 1 31 ? 3.382   -2.877  17.151  1.00 26.24  ? 31  A   A "C3'" 1 
ATOM   649  O  "O3'" . A   A 1 31 ? 3.073   -4.244  17.254  1.00 29.94  ? 31  A   A "O3'" 1 
ATOM   650  C  "C2'" . A   A 1 31 ? 2.265   -1.977  17.643  1.00 25.14  ? 31  A   A "C2'" 1 
ATOM   651  O  "O2'" . A   A 1 31 ? 1.729   -2.492  18.853  1.00 26.51  ? 31  A   A "O2'" 1 
ATOM   652  C  "C1'" . A   A 1 31 ? 3.033   -0.706  17.964  1.00 27.27  ? 31  A   A "C1'" 1 
ATOM   653  N  N9    . A   A 1 31 ? 3.085   0.213   16.818  1.00 25.86  ? 31  A   A N9    1 
ATOM   654  C  C8    . A   A 1 31 ? 4.175   0.455   16.011  1.00 27.58  ? 31  A   A C8    1 
ATOM   655  N  N7    . A   A 1 31 ? 3.953   1.342   15.073  1.00 26.14  ? 31  A   A N7    1 
ATOM   656  C  C5    . A   A 1 31 ? 2.618   1.707   15.289  1.00 25.73  ? 31  A   A C5    1 
ATOM   657  C  C6    . A   A 1 31 ? 1.777   2.611   14.627  1.00 24.08  ? 31  A   A C6    1 
ATOM   658  N  N6    . A   A 1 31 ? 2.162   3.336   13.571  1.00 27.06  ? 31  A   A N6    1 
ATOM   659  N  N1    . A   A 1 31 ? 0.512   2.735   15.080  1.00 28.51  ? 31  A   A N1    1 
ATOM   660  C  C2    . A   A 1 31 ? 0.122   2.002   16.140  1.00 26.41  ? 31  A   A C2    1 
ATOM   661  N  N3    . A   A 1 31 ? 0.822   1.117   16.849  1.00 29.28  ? 31  A   A N3    1 
ATOM   662  C  C4    . A   A 1 31 ? 2.074   1.020   16.360  1.00 25.50  ? 31  A   A C4    1 
ATOM   663  P  P     . U   A 1 32 ? 2.627   -5.046  15.953  1.00 33.11  ? 32  U   A P     1 
ATOM   664  O  OP1   . U   A 1 32 ? 2.232   -6.407  16.415  1.00 30.35  ? 32  U   A OP1   1 
ATOM   665  O  OP2   . U   A 1 32 ? 3.684   -4.868  14.914  1.00 31.18  ? 32  U   A OP2   1 
ATOM   666  O  "O5'" . U   A 1 32 ? 1.329   -4.272  15.472  1.00 32.10  ? 32  U   A "O5'" 1 
ATOM   667  C  "C5'" . U   A 1 32 ? 0.122   -4.348  16.229  1.00 32.63  ? 32  U   A "C5'" 1 
ATOM   668  C  "C4'" . U   A 1 32 ? -1.003  -3.655  15.512  1.00 25.02  ? 32  U   A "C4'" 1 
ATOM   669  O  "O4'" . U   A 1 32 ? -0.757  -2.228  15.522  1.00 24.95  ? 32  U   A "O4'" 1 
ATOM   670  C  "C3'" . U   A 1 32 ? -1.149  -4.006  14.038  1.00 28.70  ? 32  U   A "C3'" 1 
ATOM   671  O  "O3'" . U   A 1 32 ? -1.898  -5.196  13.825  1.00 29.11  ? 32  U   A "O3'" 1 
ATOM   672  C  "C2'" . U   A 1 32 ? -1.798  -2.754  13.450  1.00 27.46  ? 32  U   A "C2'" 1 
ATOM   673  O  "O2'" . U   A 1 32 ? -3.208  -2.769  13.637  1.00 25.15  ? 32  U   A "O2'" 1 
ATOM   674  C  "C1'" . U   A 1 32 ? -1.181  -1.648  14.311  1.00 26.12  ? 32  U   A "C1'" 1 
ATOM   675  N  N1    . U   A 1 32 ? -0.010  -1.067  13.624  1.00 27.09  ? 32  U   A N1    1 
ATOM   676  C  C2    . U   A 1 32 ? -0.226  0.083   12.899  1.00 25.48  ? 32  U   A C2    1 
ATOM   677  O  O2    . U   A 1 32 ? -1.310  0.629   12.874  1.00 24.53  ? 32  U   A O2    1 
ATOM   678  N  N3    . U   A 1 32 ? 0.866   0.568   12.217  1.00 21.93  ? 32  U   A N3    1 
ATOM   679  C  C4    . U   A 1 32 ? 2.118   -0.007  12.202  1.00 22.53  ? 32  U   A C4    1 
ATOM   680  O  O4    . U   A 1 32 ? 3.013   0.525   11.553  1.00 28.32  ? 32  U   A O4    1 
ATOM   681  C  C5    . U   A 1 32 ? 2.262   -1.198  12.974  1.00 22.50  ? 32  U   A C5    1 
ATOM   682  C  C6    . U   A 1 32 ? 1.217   -1.684  13.643  1.00 24.60  ? 32  U   A C6    1 
ATOM   683  P  P     . C   A 1 33 ? -1.403  -6.278  12.743  1.00 36.38  ? 33  C   A P     1 
ATOM   684  O  OP1   . C   A 1 33 ? -1.994  -7.616  13.018  1.00 35.78  ? 33  C   A OP1   1 
ATOM   685  O  OP2   . C   A 1 33 ? 0.069   -6.126  12.726  1.00 33.01  ? 33  C   A OP2   1 
ATOM   686  O  "O5'" . C   A 1 33 ? -2.096  -5.808  11.387  1.00 34.11  ? 33  C   A "O5'" 1 
ATOM   687  C  "C5'" . C   A 1 33 ? -1.413  -5.002  10.446  1.00 30.65  ? 33  C   A "C5'" 1 
ATOM   688  C  "C4'" . C   A 1 33 ? -1.348  -5.673  9.095   1.00 31.18  ? 33  C   A "C4'" 1 
ATOM   689  O  "O4'" . C   A 1 33 ? -2.639  -5.617  8.421   1.00 25.74  ? 33  C   A "O4'" 1 
ATOM   690  C  "C3'" . C   A 1 33 ? -0.387  -5.040  8.112   1.00 27.11  ? 33  C   A "C3'" 1 
ATOM   691  O  "O3'" . C   A 1 33 ? 0.929   -5.494  8.324   1.00 24.01  ? 33  C   A "O3'" 1 
ATOM   692  C  "C2'" . C   A 1 33 ? -0.949  -5.478  6.774   1.00 28.33  ? 33  C   A "C2'" 1 
ATOM   693  O  "O2'" . C   A 1 33 ? -0.588  -6.828  6.524   1.00 28.58  ? 33  C   A "O2'" 1 
ATOM   694  C  "C1'" . C   A 1 33 ? -2.452  -5.413  7.043   1.00 26.82  ? 33  C   A "C1'" 1 
ATOM   695  N  N1    . C   A 1 33 ? -3.007  -4.083  6.710   1.00 27.29  ? 33  C   A N1    1 
ATOM   696  C  C2    . C   A 1 33 ? -3.014  -3.618  5.391   1.00 23.93  ? 33  C   A C2    1 
ATOM   697  O  O2    . C   A 1 33 ? -2.574  -4.328  4.488   1.00 28.96  ? 33  C   A O2    1 
ATOM   698  N  N3    . C   A 1 33 ? -3.509  -2.400  5.108   1.00 26.67  ? 33  C   A N3    1 
ATOM   699  C  C4    . C   A 1 33 ? -3.984  -1.642  6.091   1.00 25.50  ? 33  C   A C4    1 
ATOM   700  N  N4    . C   A 1 33 ? -4.462  -0.442  5.771   1.00 24.90  ? 33  C   A N4    1 
ATOM   701  C  C5    . C   A 1 33 ? -3.987  -2.081  7.438   1.00 24.94  ? 33  C   A C5    1 
ATOM   702  C  C6    . C   A 1 33 ? -3.492  -3.293  7.709   1.00 26.06  ? 33  C   A C6    1 
ATOM   703  P  P     . G   A 1 34 ? 2.122   -4.464  8.561   1.00 24.55  ? 34  G   A P     1 
ATOM   704  O  OP1   . G   A 1 34 ? 3.355   -5.288  8.567   1.00 24.07  ? 34  G   A OP1   1 
ATOM   705  O  OP2   . G   A 1 34 ? 1.813   -3.652  9.780   1.00 27.01  ? 34  G   A OP2   1 
ATOM   706  O  "O5'" . G   A 1 34 ? 2.049   -3.494  7.298   1.00 23.13  ? 34  G   A "O5'" 1 
ATOM   707  C  "C5'" . G   A 1 34 ? 2.375   -3.958  5.992   1.00 28.78  ? 34  G   A "C5'" 1 
ATOM   708  C  "C4'" . G   A 1 34 ? 1.901   -2.992  4.938   1.00 26.58  ? 34  G   A "C4'" 1 
ATOM   709  O  "O4'" . G   A 1 34 ? 0.459   -2.828  5.041   1.00 27.25  ? 34  G   A "O4'" 1 
ATOM   710  C  "C3'" . G   A 1 34 ? 2.437   -1.577  5.055   1.00 26.19  ? 34  G   A "C3'" 1 
ATOM   711  O  "O3'" . G   A 1 34 ? 3.728   -1.436  4.496   1.00 24.91  ? 34  G   A "O3'" 1 
ATOM   712  C  "C2'" . G   A 1 34 ? 1.379   -0.765  4.324   1.00 29.37  ? 34  G   A "C2'" 1 
ATOM   713  O  "O2'" . G   A 1 34 ? 1.546   -0.908  2.919   1.00 28.82  ? 34  G   A "O2'" 1 
ATOM   714  C  "C1'" . G   A 1 34 ? 0.105   -1.497  4.736   1.00 27.12  ? 34  G   A "C1'" 1 
ATOM   715  N  N9    . G   A 1 34 ? -0.506  -0.906  5.935   1.00 27.23  ? 34  G   A N9    1 
ATOM   716  C  C8    . G   A 1 34 ? -0.417  -1.390  7.217   1.00 28.16  ? 34  G   A C8    1 
ATOM   717  N  N7    . G   A 1 34 ? -1.069  -0.662  8.090   1.00 26.27  ? 34  G   A N7    1 
ATOM   718  C  C5    . G   A 1 34 ? -1.617  0.359   7.321   1.00 27.90  ? 34  G   A C5    1 
ATOM   719  C  C6    . G   A 1 34 ? -2.432  1.450   7.713   1.00 28.51  ? 34  G   A C6    1 
ATOM   720  O  O6    . G   A 1 34 ? -2.822  1.722   8.852   1.00 27.78  ? 34  G   A O6    1 
ATOM   721  N  N1    . G   A 1 34 ? -2.776  2.257   6.633   1.00 25.74  ? 34  G   A N1    1 
ATOM   722  C  C2    . G   A 1 34 ? -2.384  2.027   5.339   1.00 28.78  ? 34  G   A C2    1 
ATOM   723  N  N2    . G   A 1 34 ? -2.820  2.916   4.432   1.00 30.67  ? 34  G   A N2    1 
ATOM   724  N  N3    . G   A 1 34 ? -1.624  1.012   4.953   1.00 26.97  ? 34  G   A N3    1 
ATOM   725  C  C4    . G   A 1 34 ? -1.286  0.223   5.991   1.00 26.83  ? 34  G   A C4    1 
ATOM   726  P  P     . U   A 1 35 ? 4.777   -0.413  5.143   1.00 28.16  ? 35  U   A P     1 
ATOM   727  O  OP1   . U   A 1 35 ? 6.014   -0.473  4.335   1.00 25.98  ? 35  U   A OP1   1 
ATOM   728  O  OP2   . U   A 1 35 ? 4.741   -0.666  6.601   1.00 26.83  ? 35  U   A OP2   1 
ATOM   729  O  "O5'" . U   A 1 35 ? 4.104   1.019   4.956   1.00 30.38  ? 35  U   A "O5'" 1 
ATOM   730  C  "C5'" . U   A 1 35 ? 3.859   1.555   3.665   1.00 28.47  ? 35  U   A "C5'" 1 
ATOM   731  C  "C4'" . U   A 1 35 ? 3.006   2.796   3.743   1.00 26.43  ? 35  U   A "C4'" 1 
ATOM   732  O  "O4'" . U   A 1 35 ? 1.716   2.501   4.337   1.00 27.80  ? 35  U   A "O4'" 1 
ATOM   733  C  "C3'" . U   A 1 35 ? 3.552   3.911   4.611   1.00 26.25  ? 35  U   A "C3'" 1 
ATOM   734  O  "O3'" . U   A 1 35 ? 4.558   4.638   3.944   1.00 31.44  ? 35  U   A "O3'" 1 
ATOM   735  C  "C2'" . U   A 1 35 ? 2.312   4.735   4.910   1.00 27.89  ? 35  U   A "C2'" 1 
ATOM   736  O  "O2'" . U   A 1 35 ? 2.002   5.578   3.812   1.00 29.99  ? 35  U   A "O2'" 1 
ATOM   737  C  "C1'" . U   A 1 35 ? 1.241   3.643   5.027   1.00 28.12  ? 35  U   A "C1'" 1 
ATOM   738  N  N1    . U   A 1 35 ? 0.993   3.279   6.441   1.00 28.31  ? 35  U   A N1    1 
ATOM   739  C  C2    . U   A 1 35 ? 0.127   4.079   7.163   1.00 26.44  ? 35  U   A C2    1 
ATOM   740  O  O2    . U   A 1 35 ? -0.444  5.042   6.697   1.00 31.05  ? 35  U   A O2    1 
ATOM   741  N  N3    . U   A 1 35 ? -0.069  3.709   8.457   1.00 29.32  ? 35  U   A N3    1 
ATOM   742  C  C4    . U   A 1 35 ? 0.517   2.656   9.126   1.00 30.53  ? 35  U   A C4    1 
ATOM   743  O  O4    . U   A 1 35 ? 0.240   2.484   10.326  1.00 31.46  ? 35  U   A O4    1 
ATOM   744  C  C5    . U   A 1 35 ? 1.406   1.870   8.321   1.00 28.67  ? 35  U   A C5    1 
ATOM   745  C  C6    . U   A 1 35 ? 1.614   2.203   7.039   1.00 27.94  ? 35  U   A C6    1 
ATOM   746  P  P     . A   A 1 36 ? 5.950   4.929   4.670   1.00 29.46  ? 36  A   A P     1 
ATOM   747  O  OP1   . A   A 1 36 ? 6.838   5.501   3.641   1.00 31.59  ? 36  A   A OP1   1 
ATOM   748  O  OP2   . A   A 1 36 ? 6.336   3.707   5.437   1.00 23.16  ? 36  A   A OP2   1 
ATOM   749  O  "O5'" . A   A 1 36 ? 5.565   6.058   5.731   1.00 30.01  ? 36  A   A "O5'" 1 
ATOM   750  C  "C5'" . A   A 1 36 ? 6.416   6.414   6.807   1.00 31.99  ? 36  A   A "C5'" 1 
ATOM   751  C  "C4'" . A   A 1 36 ? 5.862   7.625   7.506   1.00 29.96  ? 36  A   A "C4'" 1 
ATOM   752  O  "O4'" . A   A 1 36 ? 5.994   8.768   6.627   1.00 32.37  ? 36  A   A "O4'" 1 
ATOM   753  C  "C3'" . A   A 1 36 ? 4.377   7.547   7.809   1.00 32.33  ? 36  A   A "C3'" 1 
ATOM   754  O  "O3'" . A   A 1 36 ? 4.137   6.942   9.059   1.00 32.10  ? 36  A   A "O3'" 1 
ATOM   755  C  "C2'" . A   A 1 36 ? 3.928   9.001   7.748   1.00 35.73  ? 36  A   A "C2'" 1 
ATOM   756  O  "O2'" . A   A 1 36 ? 4.262   9.672   8.950   1.00 36.71  ? 36  A   A "O2'" 1 
ATOM   757  C  "C1'" . A   A 1 36 ? 4.827   9.550   6.653   1.00 33.38  ? 36  A   A "C1'" 1 
ATOM   758  N  N9    . A   A 1 36 ? 4.215   9.481   5.315   1.00 35.88  ? 36  A   A N9    1 
ATOM   759  C  C8    . A   A 1 36 ? 4.535   8.591   4.318   1.00 34.46  ? 36  A   A C8    1 
ATOM   760  N  N7    . A   A 1 36 ? 3.858   8.761   3.210   1.00 37.08  ? 36  A   A N7    1 
ATOM   761  C  C5    . A   A 1 36 ? 3.046   9.850   3.500   1.00 39.93  ? 36  A   A C5    1 
ATOM   762  C  C6    . A   A 1 36 ? 2.087   10.534  2.739   1.00 41.95  ? 36  A   A C6    1 
ATOM   763  N  N6    . A   A 1 36 ? 1.779   10.199  1.485   1.00 41.43  ? 36  A   A N6    1 
ATOM   764  N  N1    . A   A 1 36 ? 1.444   11.579  3.313   1.00 41.04  ? 36  A   A N1    1 
ATOM   765  C  C2    . A   A 1 36 ? 1.751   11.908  4.574   1.00 39.23  ? 36  A   A C2    1 
ATOM   766  N  N3    . A   A 1 36 ? 2.641   11.343  5.390   1.00 40.97  ? 36  A   A N3    1 
ATOM   767  C  C4    . A   A 1 36 ? 3.260   10.309  4.787   1.00 38.17  ? 36  A   A C4    1 
ATOM   768  P  P     . G   A 1 37 ? 3.035   5.804   9.207   1.00 31.13  ? 37  G   A P     1 
ATOM   769  O  OP1   . G   A 1 37 ? 3.222   5.179   10.546  1.00 27.40  ? 37  G   A OP1   1 
ATOM   770  O  OP2   . G   A 1 37 ? 3.073   4.977   7.972   1.00 32.32  ? 37  G   A OP2   1 
ATOM   771  O  "O5'" . G   A 1 37 ? 1.657   6.597   9.178   1.00 32.22  ? 37  G   A "O5'" 1 
ATOM   772  C  "C5'" . G   A 1 37 ? 1.272   7.423   10.262  1.00 32.08  ? 37  G   A "C5'" 1 
ATOM   773  C  "C4'" . G   A 1 37 ? 0.239   8.441   9.851   1.00 34.36  ? 37  G   A "C4'" 1 
ATOM   774  O  "O4'" . G   A 1 37 ? 0.733   9.225   8.734   1.00 34.20  ? 37  G   A "O4'" 1 
ATOM   775  C  "C3'" . G   A 1 37 ? -1.092  7.890   9.354   1.00 36.38  ? 37  G   A "C3'" 1 
ATOM   776  O  "O3'" . G   A 1 37 ? -1.955  7.506   10.411  1.00 35.14  ? 37  G   A "O3'" 1 
ATOM   777  C  "C2'" . G   A 1 37 ? -1.632  9.048   8.525   1.00 36.51  ? 37  G   A "C2'" 1 
ATOM   778  O  "O2'" . G   A 1 37 ? -2.153  10.052  9.383   1.00 40.17  ? 37  G   A "O2'" 1 
ATOM   779  C  "C1'" . G   A 1 37 ? -0.348  9.589   7.892   1.00 39.05  ? 37  G   A "C1'" 1 
ATOM   780  N  N9    . G   A 1 37 ? -0.108  9.049   6.538   1.00 36.37  ? 37  G   A N9    1 
ATOM   781  C  C8    . G   A 1 37 ? 0.801   8.083   6.176   1.00 36.54  ? 37  G   A C8    1 
ATOM   782  N  N7    . G   A 1 37 ? 0.796   7.821   4.893   1.00 36.83  ? 37  G   A N7    1 
ATOM   783  C  C5    . G   A 1 37 ? -0.173  8.672   4.373   1.00 36.92  ? 37  G   A C5    1 
ATOM   784  C  C6    . G   A 1 37 ? -0.625  8.845   3.037   1.00 40.62  ? 37  G   A C6    1 
ATOM   785  O  O6    . G   A 1 37 ? -0.265  8.270   1.997   1.00 43.24  ? 37  G   A O6    1 
ATOM   786  N  N1    . G   A 1 37 ? -1.615  9.811   2.960   1.00 41.61  ? 37  G   A N1    1 
ATOM   787  C  C2    . G   A 1 37 ? -2.114  10.518  4.016   1.00 41.01  ? 37  G   A C2    1 
ATOM   788  N  N2    . G   A 1 37 ? -3.075  11.399  3.698   1.00 41.82  ? 37  G   A N2    1 
ATOM   789  N  N3    . G   A 1 37 ? -1.704  10.377  5.268   1.00 39.69  ? 37  G   A N3    1 
ATOM   790  C  C4    . G   A 1 37 ? -0.736  9.440   5.373   1.00 37.95  ? 37  G   A C4    1 
ATOM   791  P  P     . C   A 1 38 ? -2.878  6.202   10.274  1.00 34.77  ? 38  C   A P     1 
ATOM   792  O  OP1   . C   A 1 38 ? -3.390  5.790   11.604  1.00 32.84  ? 38  C   A OP1   1 
ATOM   793  O  OP2   . C   A 1 38 ? -2.144  5.214   9.450   1.00 33.02  ? 38  C   A OP2   1 
ATOM   794  O  "O5'" . C   A 1 38 ? -4.108  6.700   9.404   1.00 38.37  ? 38  C   A "O5'" 1 
ATOM   795  C  "C5'" . C   A 1 38 ? -4.913  7.790   9.820   1.00 35.14  ? 38  C   A "C5'" 1 
ATOM   796  C  "C4'" . C   A 1 38 ? -5.788  8.263   8.693   1.00 36.61  ? 38  C   A "C4'" 1 
ATOM   797  O  "O4'" . C   A 1 38 ? -4.984  8.928   7.682   1.00 40.76  ? 38  C   A "O4'" 1 
ATOM   798  C  "C3'" . C   A 1 38 ? -6.502  7.177   7.909   1.00 37.77  ? 38  C   A "C3'" 1 
ATOM   799  O  "O3'" . C   A 1 38 ? -7.637  6.655   8.567   1.00 39.11  ? 38  C   A "O3'" 1 
ATOM   800  C  "C2'" . C   A 1 38 ? -6.819  7.886   6.605   1.00 37.78  ? 38  C   A "C2'" 1 
ATOM   801  O  "O2'" . C   A 1 38 ? -7.887  8.793   6.793   1.00 44.10  ? 38  C   A "O2'" 1 
ATOM   802  C  "C1'" . C   A 1 38 ? -5.548  8.703   6.404   1.00 39.62  ? 38  C   A "C1'" 1 
ATOM   803  N  N1    . C   A 1 38 ? -4.579  7.977   5.555   1.00 39.21  ? 38  C   A N1    1 
ATOM   804  C  C2    . C   A 1 38 ? -4.725  8.115   4.179   1.00 39.42  ? 38  C   A C2    1 
ATOM   805  O  O2    . C   A 1 38 ? -5.634  8.839   3.752   1.00 40.56  ? 38  C   A O2    1 
ATOM   806  N  N3    . C   A 1 38 ? -3.875  7.469   3.349   1.00 41.20  ? 38  C   A N3    1 
ATOM   807  C  C4    . C   A 1 38 ? -2.913  6.698   3.858   1.00 38.75  ? 38  C   A C4    1 
ATOM   808  N  N4    . C   A 1 38 ? -2.102  6.086   2.992   1.00 35.59  ? 38  C   A N4    1 
ATOM   809  C  C5    . C   A 1 38 ? -2.735  6.536   5.268   1.00 36.70  ? 38  C   A C5    1 
ATOM   810  C  C6    . C   A 1 38 ? -3.587  7.183   6.073   1.00 39.03  ? 38  C   A C6    1 
ATOM   811  P  P     . G   A 1 39 ? -8.025  5.111   8.368   1.00 37.70  ? 39  G   A P     1 
ATOM   812  O  OP1   . G   A 1 39 ? -9.154  4.816   9.285   1.00 38.72  ? 39  G   A OP1   1 
ATOM   813  O  OP2   . G   A 1 39 ? -6.780  4.310   8.478   1.00 41.27  ? 39  G   A OP2   1 
ATOM   814  O  "O5'" . G   A 1 39 ? -8.540  5.038   6.863   1.00 41.52  ? 39  G   A "O5'" 1 
ATOM   815  C  "C5'" . G   A 1 39 ? -9.673  5.783   6.459   1.00 38.59  ? 39  G   A "C5'" 1 
ATOM   816  C  "C4'" . G   A 1 39 ? -9.813  5.836   4.964   1.00 39.22  ? 39  G   A "C4'" 1 
ATOM   817  O  "O4'" . G   A 1 39 ? -8.624  6.410   4.361   1.00 38.89  ? 39  G   A "O4'" 1 
ATOM   818  C  "C3'" . G   A 1 39 ? -9.966  4.508   4.247   1.00 43.90  ? 39  G   A "C3'" 1 
ATOM   819  O  "O3'" . G   A 1 39 ? -11.266 3.960   4.361   1.00 44.66  ? 39  G   A "O3'" 1 
ATOM   820  C  "C2'" . G   A 1 39 ? -9.580  4.876   2.823   1.00 38.97  ? 39  G   A "C2'" 1 
ATOM   821  O  "O2'" . G   A 1 39 ? -10.637 5.570   2.187   1.00 42.00  ? 39  G   A "O2'" 1 
ATOM   822  C  "C1'" . G   A 1 39 ? -8.444  5.870   3.070   1.00 38.23  ? 39  G   A "C1'" 1 
ATOM   823  N  N9    . G   A 1 39 ? -7.127  5.217   2.985   1.00 36.72  ? 39  G   A N9    1 
ATOM   824  C  C8    . G   A 1 39 ? -6.242  4.920   3.990   1.00 38.50  ? 39  G   A C8    1 
ATOM   825  N  N7    . G   A 1 39 ? -5.156  4.335   3.552   1.00 39.59  ? 39  G   A N7    1 
ATOM   826  C  C5    . G   A 1 39 ? -5.343  4.236   2.181   1.00 38.25  ? 39  G   A C5    1 
ATOM   827  C  C6    . G   A 1 39 ? -4.518  3.691   1.157   1.00 40.13  ? 39  G   A C6    1 
ATOM   828  O  O6    . G   A 1 39 ? -3.407  3.153   1.238   1.00 37.04  ? 39  G   A O6    1 
ATOM   829  N  N1    . G   A 1 39 ? -5.111  3.798   -0.097  1.00 40.31  ? 39  G   A N1    1 
ATOM   830  C  C2    . G   A 1 39 ? -6.333  4.357   -0.348  1.00 38.20  ? 39  G   A C2    1 
ATOM   831  N  N2    . G   A 1 39 ? -6.698  4.356   -1.633  1.00 40.68  ? 39  G   A N2    1 
ATOM   832  N  N3    . G   A 1 39 ? -7.111  4.869   0.584   1.00 37.67  ? 39  G   A N3    1 
ATOM   833  C  C4    . G   A 1 39 ? -6.559  4.775   1.817   1.00 39.48  ? 39  G   A C4    1 
ATOM   834  P  P     . U   A 1 40 ? -11.478 2.376   4.562   1.00 41.15  ? 40  U   A P     1 
ATOM   835  O  OP1   . U   A 1 40 ? -12.889 2.206   4.998   1.00 47.02  ? 40  U   A OP1   1 
ATOM   836  O  OP2   . U   A 1 40 ? -10.409 1.814   5.426   1.00 41.74  ? 40  U   A OP2   1 
ATOM   837  O  "O5'" . U   A 1 40 ? -11.298 1.789   3.090   1.00 44.41  ? 40  U   A "O5'" 1 
ATOM   838  C  "C5'" . U   A 1 40 ? -11.996 2.364   1.994   1.00 43.22  ? 40  U   A "C5'" 1 
ATOM   839  C  "C4'" . U   A 1 40 ? -11.291 2.118   0.684   1.00 43.72  ? 40  U   A "C4'" 1 
ATOM   840  O  "O4'" . U   A 1 40 ? -9.948  2.665   0.721   1.00 40.16  ? 40  U   A "O4'" 1 
ATOM   841  C  "C3'" . U   A 1 40 ? -11.082 0.665   0.310   1.00 42.09  ? 40  U   A "C3'" 1 
ATOM   842  O  "O3'" . U   A 1 40 ? -12.250 0.077   -0.231  1.00 39.86  ? 40  U   A "O3'" 1 
ATOM   843  C  "C2'" . U   A 1 40 ? -9.904  0.729   -0.665  1.00 38.46  ? 40  U   A "C2'" 1 
ATOM   844  O  "O2'" . U   A 1 40 ? -10.342 1.063   -1.974  1.00 42.95  ? 40  U   A "O2'" 1 
ATOM   845  C  "C1'" . U   A 1 40 ? -9.100  1.909   -0.115  1.00 39.14  ? 40  U   A "C1'" 1 
ATOM   846  N  N1    . U   A 1 40 ? -7.897  1.503   0.647   1.00 36.93  ? 40  U   A N1    1 
ATOM   847  C  C2    . U   A 1 40 ? -6.821  1.014   -0.068  1.00 35.49  ? 40  U   A C2    1 
ATOM   848  O  O2    . U   A 1 40 ? -6.812  0.879   -1.285  1.00 35.33  ? 40  U   A O2    1 
ATOM   849  N  N3    . U   A 1 40 ? -5.733  0.673   0.698   1.00 36.66  ? 40  U   A N3    1 
ATOM   850  C  C4    . U   A 1 40 ? -5.597  0.768   2.069   1.00 37.21  ? 40  U   A C4    1 
ATOM   851  O  O4    . U   A 1 40 ? -4.533  0.408   2.602   1.00 35.43  ? 40  U   A O4    1 
ATOM   852  C  C5    . U   A 1 40 ? -6.759  1.297   2.734   1.00 37.81  ? 40  U   A C5    1 
ATOM   853  C  C6    . U   A 1 40 ? -7.840  1.641   2.014   1.00 37.88  ? 40  U   A C6    1 
ATOM   854  P  P     . G   A 1 41 ? -12.781 -1.333  0.336   1.00 42.06  ? 41  G   A P     1 
ATOM   855  O  OP1   . G   A 1 41 ? -14.136 -1.591  -0.216  1.00 45.79  ? 41  G   A OP1   1 
ATOM   856  O  OP2   . G   A 1 41 ? -12.608 -1.335  1.804   1.00 41.80  ? 41  G   A OP2   1 
ATOM   857  O  "O5'" . G   A 1 41 ? -11.772 -2.370  -0.319  1.00 40.28  ? 41  G   A "O5'" 1 
ATOM   858  C  "C5'" . G   A 1 41 ? -11.931 -3.777  -0.191  1.00 35.24  ? 41  G   A "C5'" 1 
ATOM   859  C  "C4'" . G   A 1 41 ? -10.726 -4.455  -0.781  1.00 37.08  ? 41  G   A "C4'" 1 
ATOM   860  O  "O4'" . G   A 1 41 ? -9.606  -4.317  0.130   1.00 36.20  ? 41  G   A "O4'" 1 
ATOM   861  C  "C3'" . G   A 1 41 ? -10.850 -5.940  -1.107  1.00 33.41  ? 41  G   A "C3'" 1 
ATOM   862  O  "O3'" . G   A 1 41 ? -10.240 -6.177  -2.371  1.00 39.75  ? 41  G   A "O3'" 1 
ATOM   863  C  "C2'" . G   A 1 41 ? -10.022 -6.618  -0.013  1.00 36.73  ? 41  G   A "C2'" 1 
ATOM   864  O  "O2'" . G   A 1 41 ? -9.407  -7.819  -0.423  1.00 37.63  ? 41  G   A "O2'" 1 
ATOM   865  C  "C1'" . G   A 1 41 ? -8.969  -5.564  0.300   1.00 33.55  ? 41  G   A "C1'" 1 
ATOM   866  N  N9    . G   A 1 41 ? -8.447  -5.607  1.668   1.00 32.67  ? 41  G   A N9    1 
ATOM   867  C  C8    . G   A 1 41 ? -9.163  -5.441  2.821   1.00 31.22  ? 41  G   A C8    1 
ATOM   868  N  N7    . G   A 1 41 ? -8.432  -5.495  3.898   1.00 35.09  ? 41  G   A N7    1 
ATOM   869  C  C5    . G   A 1 41 ? -7.142  -5.686  3.426   1.00 34.53  ? 41  G   A C5    1 
ATOM   870  C  C6    . G   A 1 41 ? -5.919  -5.820  4.130   1.00 32.47  ? 41  G   A C6    1 
ATOM   871  O  O6    . G   A 1 41 ? -5.733  -5.791  5.355   1.00 30.70  ? 41  G   A O6    1 
ATOM   872  N  N1    . G   A 1 41 ? -4.838  -6.009  3.261   1.00 29.58  ? 41  G   A N1    1 
ATOM   873  C  C2    . G   A 1 41 ? -4.936  -6.056  1.894   1.00 32.97  ? 41  G   A C2    1 
ATOM   874  N  N2    . G   A 1 41 ? -3.780  -6.238  1.240   1.00 29.01  ? 41  G   A N2    1 
ATOM   875  N  N3    . G   A 1 41 ? -6.078  -5.934  1.227   1.00 29.17  ? 41  G   A N3    1 
ATOM   876  C  C4    . G   A 1 41 ? -7.131  -5.751  2.046   1.00 32.66  ? 41  G   A C4    1 
ATOM   877  P  P     . U   A 1 42 ? -11.126 -6.605  -3.641  1.00 37.11  ? 42  U   A P     1 
ATOM   878  O  OP1   . U   A 1 42 ? -12.262 -5.660  -3.824  1.00 36.19  ? 42  U   A OP1   1 
ATOM   879  O  OP2   . U   A 1 42 ? -11.409 -8.057  -3.553  1.00 35.32  ? 42  U   A OP2   1 
ATOM   880  O  "O5'" . U   A 1 42 ? -10.132 -6.360  -4.850  1.00 37.83  ? 42  U   A "O5'" 1 
ATOM   881  C  "C5'" . U   A 1 42 ? -9.913  -5.047  -5.345  1.00 35.69  ? 42  U   A "C5'" 1 
ATOM   882  C  "C4'" . U   A 1 42 ? -8.811  -5.047  -6.361  1.00 40.73  ? 42  U   A "C4'" 1 
ATOM   883  O  "O4'" . U   A 1 42 ? -7.530  -4.907  -5.691  1.00 44.65  ? 42  U   A "O4'" 1 
ATOM   884  C  "C3'" . U   A 1 42 ? -8.724  -6.321  -7.193  1.00 38.96  ? 42  U   A "C3'" 1 
ATOM   885  O  "O3'" . U   A 1 42 ? -8.294  -5.973  -8.496  1.00 46.67  ? 42  U   A "O3'" 1 
ATOM   886  C  "C2'" . U   A 1 42 ? -7.629  -7.121  -6.492  1.00 39.69  ? 42  U   A "C2'" 1 
ATOM   887  O  "O2'" . U   A 1 42 ? -6.952  -8.043  -7.320  1.00 42.70  ? 42  U   A "O2'" 1 
ATOM   888  C  "C1'" . U   A 1 42 ? -6.699  -6.018  -5.995  1.00 40.63  ? 42  U   A "C1'" 1 
ATOM   889  N  N1    . U   A 1 42 ? -5.997  -6.383  -4.759  1.00 39.41  ? 42  U   A N1    1 
ATOM   890  C  C2    . U   A 1 42 ? -4.691  -6.818  -4.837  1.00 38.01  ? 42  U   A C2    1 
ATOM   891  O  O2    . U   A 1 42 ? -4.088  -6.907  -5.890  1.00 35.87  ? 42  U   A O2    1 
ATOM   892  N  N3    . U   A 1 42 ? -4.118  -7.141  -3.629  1.00 35.95  ? 42  U   A N3    1 
ATOM   893  C  C4    . U   A 1 42 ? -4.712  -7.076  -2.385  1.00 34.04  ? 42  U   A C4    1 
ATOM   894  O  O4    . U   A 1 42 ? -4.067  -7.404  -1.387  1.00 35.13  ? 42  U   A O4    1 
ATOM   895  C  C5    . U   A 1 42 ? -6.063  -6.621  -2.393  1.00 36.15  ? 42  U   A C5    1 
ATOM   896  C  C6    . U   A 1 42 ? -6.647  -6.302  -3.552  1.00 37.64  ? 42  U   A C6    1 
ATOM   897  P  P     . C   A 1 43 ? -8.960  -6.674  -9.771  1.00 56.35  ? 43  C   A P     1 
ATOM   898  O  OP1   . C   A 1 43 ? -9.922  -5.710  -10.371 1.00 52.36  ? 43  C   A OP1   1 
ATOM   899  O  OP2   . C   A 1 43 ? -9.446  -8.027  -9.385  1.00 46.70  ? 43  C   A OP2   1 
ATOM   900  O  "O5'" . C   A 1 43 ? -7.710  -6.869  -10.734 1.00 51.52  ? 43  C   A "O5'" 1 
ATOM   901  C  "C5'" . C   A 1 43 ? -7.533  -6.086  -11.903 1.00 48.70  ? 43  C   A "C5'" 1 
ATOM   902  C  "C4'" . C   A 1 43 ? -6.530  -6.757  -12.796 1.00 46.39  ? 43  C   A "C4'" 1 
ATOM   903  O  "O4'" . C   A 1 43 ? -5.206  -6.240  -12.505 1.00 50.03  ? 43  C   A "O4'" 1 
ATOM   904  C  "C3'" . C   A 1 43 ? -6.406  -8.251  -12.561 1.00 44.46  ? 43  C   A "C3'" 1 
ATOM   905  O  "O3'" . C   A 1 43 ? -7.404  -8.996  -13.234 1.00 46.97  ? 43  C   A "O3'" 1 
ATOM   906  C  "C2'" . C   A 1 43 ? -4.973  -8.549  -12.987 1.00 47.85  ? 43  C   A "C2'" 1 
ATOM   907  O  "O2'" . C   A 1 43 ? -4.863  -8.621  -14.402 1.00 50.96  ? 43  C   A "O2'" 1 
ATOM   908  C  "C1'" . C   A 1 43 ? -4.257  -7.286  -12.517 1.00 48.11  ? 43  C   A "C1'" 1 
ATOM   909  N  N1    . C   A 1 43 ? -3.709  -7.430  -11.146 1.00 49.22  ? 43  C   A N1    1 
ATOM   910  C  C2    . C   A 1 43 ? -2.428  -7.953  -10.979 1.00 45.25  ? 43  C   A C2    1 
ATOM   911  O  O2    . C   A 1 43 ? -1.796  -8.281  -11.989 1.00 46.53  ? 43  C   A O2    1 
ATOM   912  N  N3    . C   A 1 43 ? -1.918  -8.091  -9.731  1.00 43.36  ? 43  C   A N3    1 
ATOM   913  C  C4    . C   A 1 43 ? -2.640  -7.726  -8.667  1.00 43.95  ? 43  C   A C4    1 
ATOM   914  N  N4    . C   A 1 43 ? -2.105  -7.873  -7.442  1.00 36.59  ? 43  C   A N4    1 
ATOM   915  C  C5    . C   A 1 43 ? -3.955  -7.191  -8.813  1.00 44.65  ? 43  C   A C5    1 
ATOM   916  C  C6    . C   A 1 43 ? -4.444  -7.061  -10.050 1.00 46.41  ? 43  C   A C6    1 
ATOM   917  P  P     . G   A 1 44 ? -7.817  -10.451 -12.697 1.00 51.92  ? 44  G   A P     1 
ATOM   918  O  OP1   . G   A 1 44 ? -8.623  -11.099 -13.764 1.00 57.77  ? 44  G   A OP1   1 
ATOM   919  O  OP2   . G   A 1 44 ? -8.385  -10.350 -11.326 1.00 47.18  ? 44  G   A OP2   1 
ATOM   920  O  "O5'" . G   A 1 44 ? -6.423  -11.216 -12.664 1.00 47.93  ? 44  G   A "O5'" 1 
ATOM   921  C  "C5'" . G   A 1 44 ? -6.144  -12.203 -11.696 1.00 42.00  ? 44  G   A "C5'" 1 
ATOM   922  C  "C4'" . G   A 1 44 ? -4.660  -12.360 -11.524 1.00 42.89  ? 44  G   A "C4'" 1 
ATOM   923  O  "O4'" . G   A 1 44 ? -4.111  -11.175 -10.887 1.00 44.37  ? 44  G   A "O4'" 1 
ATOM   924  C  "C3'" . G   A 1 44 ? -4.255  -13.505 -10.620 1.00 40.48  ? 44  G   A "C3'" 1 
ATOM   925  O  "O3'" . G   A 1 44 ? -4.189  -14.724 -11.335 1.00 37.22  ? 44  G   A "O3'" 1 
ATOM   926  C  "C2'" . G   A 1 44 ? -2.921  -13.037 -10.049 1.00 38.95  ? 44  G   A "C2'" 1 
ATOM   927  O  "O2'" . G   A 1 44 ? -1.877  -13.230 -10.989 1.00 36.78  ? 44  G   A "O2'" 1 
ATOM   928  C  "C1'" . G   A 1 44 ? -3.167  -11.540 -9.908  1.00 38.92  ? 44  G   A "C1'" 1 
ATOM   929  N  N9    . G   A 1 44 ? -3.728  -11.178 -8.589  1.00 35.91  ? 44  G   A N9    1 
ATOM   930  C  C8    . G   A 1 44 ? -4.957  -10.605 -8.385  1.00 37.75  ? 44  G   A C8    1 
ATOM   931  N  N7    . G   A 1 44 ? -5.224  -10.363 -7.126  1.00 37.28  ? 44  G   A N7    1 
ATOM   932  C  C5    . G   A 1 44 ? -4.094  -10.798 -6.445  1.00 35.80  ? 44  G   A C5    1 
ATOM   933  C  C6    . G   A 1 44 ? -3.798  -10.792 -5.053  1.00 33.79  ? 44  G   A C6    1 
ATOM   934  O  O6    . G   A 1 44 ? -4.498  -10.392 -4.120  1.00 31.48  ? 44  G   A O6    1 
ATOM   935  N  N1    . G   A 1 44 ? -2.540  -11.327 -4.780  1.00 33.30  ? 44  G   A N1    1 
ATOM   936  C  C2    . G   A 1 44 ? -1.679  -11.802 -5.744  1.00 34.63  ? 44  G   A C2    1 
ATOM   937  N  N2    . G   A 1 44 ? -0.507  -12.287 -5.299  1.00 30.01  ? 44  G   A N2    1 
ATOM   938  N  N3    . G   A 1 44 ? -1.944  -11.816 -7.046  1.00 33.65  ? 44  G   A N3    1 
ATOM   939  C  C4    . G   A 1 44 ? -3.158  -11.300 -7.335  1.00 36.81  ? 44  G   A C4    1 
ATOM   940  P  P     . G   A 1 45 ? -4.686  -16.087 -10.655 1.00 37.87  ? 45  G   A P     1 
ATOM   941  O  OP1   . G   A 1 45 ? -4.495  -17.203 -11.627 1.00 41.41  ? 45  G   A OP1   1 
ATOM   942  O  OP2   . G   A 1 45 ? -6.024  -15.833 -10.078 1.00 39.96  ? 45  G   A OP2   1 
ATOM   943  O  "O5'" . G   A 1 45 ? -3.677  -16.281 -9.433  1.00 34.65  ? 45  G   A "O5'" 1 
ATOM   944  C  "C5'" . G   A 1 45 ? -2.273  -16.385 -9.626  1.00 35.64  ? 45  G   A "C5'" 1 
ATOM   945  C  "C4'" . G   A 1 45 ? -1.588  -16.682 -8.318  1.00 37.69  ? 45  G   A "C4'" 1 
ATOM   946  O  "O4'" . G   A 1 45 ? -1.515  -15.478 -7.505  1.00 33.68  ? 45  G   A "O4'" 1 
ATOM   947  C  "C3'" . G   A 1 45 ? -2.323  -17.677 -7.441  1.00 39.18  ? 45  G   A "C3'" 1 
ATOM   948  O  "O3'" . G   A 1 45 ? -2.055  -19.019 -7.795  1.00 35.96  ? 45  G   A "O3'" 1 
ATOM   949  C  "C2'" . G   A 1 45 ? -1.850  -17.313 -6.044  1.00 32.38  ? 45  G   A "C2'" 1 
ATOM   950  O  "O2'" . G   A 1 45 ? -0.556  -17.843 -5.834  1.00 31.85  ? 45  G   A "O2'" 1 
ATOM   951  C  "C1'" . G   A 1 45 ? -1.746  -15.793 -6.147  1.00 32.85  ? 45  G   A "C1'" 1 
ATOM   952  N  N9    . G   A 1 45 ? -2.991  -15.114 -5.720  1.00 33.97  ? 45  G   A N9    1 
ATOM   953  C  C8    . G   A 1 45 ? -4.016  -14.702 -6.541  1.00 34.90  ? 45  G   A C8    1 
ATOM   954  N  N7    . G   A 1 45 ? -5.012  -14.126 -5.917  1.00 31.04  ? 45  G   A N7    1 
ATOM   955  C  C5    . G   A 1 45 ? -4.626  -14.145 -4.591  1.00 30.23  ? 45  G   A C5    1 
ATOM   956  C  C6    . G   A 1 45 ? -5.298  -13.656 -3.442  1.00 30.33  ? 45  G   A C6    1 
ATOM   957  O  O6    . G   A 1 45 ? -6.402  -13.092 -3.365  1.00 29.36  ? 45  G   A O6    1 
ATOM   958  N  N1    . G   A 1 45 ? -4.556  -13.889 -2.291  1.00 26.96  ? 45  G   A N1    1 
ATOM   959  C  C2    . G   A 1 45 ? -3.330  -14.500 -2.250  1.00 28.49  ? 45  G   A C2    1 
ATOM   960  N  N2    . G   A 1 45 ? -2.756  -14.629 -1.042  1.00 26.26  ? 45  G   A N2    1 
ATOM   961  N  N3    . G   A 1 45 ? -2.698  -14.952 -3.311  1.00 29.42  ? 45  G   A N3    1 
ATOM   962  C  C4    . G   A 1 45 ? -3.389  -14.747 -4.446  1.00 32.60  ? 45  G   A C4    1 
ATOM   963  P  P     . C   A 1 46 ? -3.204  -20.126 -7.625  1.00 40.56  ? 46  C   A P     1 
ATOM   964  O  OP1   . C   A 1 46 ? -2.668  -21.416 -8.114  1.00 44.09  ? 46  C   A OP1   1 
ATOM   965  O  OP2   . C   A 1 46 ? -4.464  -19.564 -8.179  1.00 39.88  ? 46  C   A OP2   1 
ATOM   966  O  "O5'" . C   A 1 46 ? -3.416  -20.229 -6.046  1.00 39.82  ? 46  C   A "O5'" 1 
ATOM   967  C  "C5'" . C   A 1 46 ? -2.477  -20.872 -5.202  1.00 35.08  ? 46  C   A "C5'" 1 
ATOM   968  C  "C4'" . C   A 1 46 ? -2.811  -20.631 -3.749  1.00 38.25  ? 46  C   A "C4'" 1 
ATOM   969  O  "O4'" . C   A 1 46 ? -2.886  -19.203 -3.500  1.00 36.47  ? 46  C   A "O4'" 1 
ATOM   970  C  "C3'" . C   A 1 46 ? -4.167  -21.141 -3.284  1.00 35.44  ? 46  C   A "C3'" 1 
ATOM   971  O  "O3'" . C   A 1 46 ? -4.186  -22.523 -3.000  1.00 38.43  ? 46  C   A "O3'" 1 
ATOM   972  C  "C2'" . C   A 1 46 ? -4.433  -20.282 -2.065  1.00 31.78  ? 46  C   A "C2'" 1 
ATOM   973  O  "O2'" . C   A 1 46 ? -3.651  -20.735 -0.974  1.00 33.80  ? 46  C   A "O2'" 1 
ATOM   974  C  "C1'" . C   A 1 46 ? -3.870  -18.940 -2.521  1.00 30.51  ? 46  C   A "C1'" 1 
ATOM   975  N  N1    . C   A 1 46 ? -4.919  -18.067 -3.098  1.00 31.12  ? 46  C   A N1    1 
ATOM   976  C  C2    . C   A 1 46 ? -5.720  -17.361 -2.199  1.00 26.90  ? 46  C   A C2    1 
ATOM   977  O  O2    . C   A 1 46 ? -5.516  -17.508 -1.002  1.00 27.85  ? 46  C   A O2    1 
ATOM   978  N  N3    . C   A 1 46 ? -6.694  -16.544 -2.641  1.00 27.99  ? 46  C   A N3    1 
ATOM   979  C  C4    . C   A 1 46 ? -6.899  -16.415 -3.949  1.00 29.87  ? 46  C   A C4    1 
ATOM   980  N  N4    . C   A 1 46 ? -7.869  -15.587 -4.340  1.00 26.85  ? 46  C   A N4    1 
ATOM   981  C  C5    . C   A 1 46 ? -6.102  -17.119 -4.897  1.00 29.41  ? 46  C   A C5    1 
ATOM   982  C  C6    . C   A 1 46 ? -5.133  -17.926 -4.434  1.00 29.65  ? 46  C   A C6    1 
ATOM   983  P  P     . G   A 1 47 ? -5.547  -23.335 -3.211  1.00 38.51  ? 47  G   A P     1 
ATOM   984  O  OP1   . G   A 1 47 ? -5.272  -24.792 -3.084  1.00 39.78  ? 47  G   A OP1   1 
ATOM   985  O  OP2   . G   A 1 47 ? -6.185  -22.780 -4.432  1.00 32.38  ? 47  G   A OP2   1 
ATOM   986  O  "O5'" . G   A 1 47 ? -6.426  -22.901 -1.961  1.00 34.50  ? 47  G   A "O5'" 1 
ATOM   987  C  "C5'" . G   A 1 47 ? -6.061  -23.293 -0.653  1.00 35.93  ? 47  G   A "C5'" 1 
ATOM   988  C  "C4'" . G   A 1 47 ? -6.990  -22.693 0.374   1.00 34.78  ? 47  G   A "C4'" 1 
ATOM   989  O  "O4'" . G   A 1 47 ? -6.915  -21.245 0.336   1.00 31.12  ? 47  G   A "O4'" 1 
ATOM   990  C  "C3'" . G   A 1 47 ? -8.464  -22.982 0.180   1.00 31.25  ? 47  G   A "C3'" 1 
ATOM   991  O  "O3'" . G   A 1 47 ? -8.821  -24.270 0.646   1.00 32.71  ? 47  G   A "O3'" 1 
ATOM   992  C  "C2'" . G   A 1 47 ? -9.120  -21.850 0.961   1.00 30.70  ? 47  G   A "C2'" 1 
ATOM   993  O  "O2'" . G   A 1 47 ? -9.059  -22.110 2.352   1.00 35.40  ? 47  G   A "O2'" 1 
ATOM   994  C  "C1'" . G   A 1 47 ? -8.175  -20.695 0.662   1.00 28.56  ? 47  G   A "C1'" 1 
ATOM   995  N  N9    . G   A 1 47 ? -8.642  -19.861 -0.463  1.00 27.76  ? 47  G   A N9    1 
ATOM   996  C  C8    . G   A 1 47 ? -8.092  -19.769 -1.721  1.00 29.55  ? 47  G   A C8    1 
ATOM   997  N  N7    . G   A 1 47 ? -8.726  -18.926 -2.490  1.00 28.03  ? 47  G   A N7    1 
ATOM   998  C  C5    . G   A 1 47 ? -9.748  -18.425 -1.689  1.00 24.81  ? 47  G   A C5    1 
ATOM   999  C  C6    . G   A 1 47 ? -10.761 -17.481 -1.962  1.00 24.49  ? 47  G   A C6    1 
ATOM   1000 O  O6    . G   A 1 47 ? -10.954 -16.862 -3.012  1.00 22.74  ? 47  G   A O6    1 
ATOM   1001 N  N1    . G   A 1 47 ? -11.604 -17.275 -0.861  1.00 27.31  ? 47  G   A N1    1 
ATOM   1002 C  C2    . G   A 1 47 ? -11.463 -17.908 0.352   1.00 27.03  ? 47  G   A C2    1 
ATOM   1003 N  N2    . G   A 1 47 ? -12.342 -17.611 1.328   1.00 28.38  ? 47  G   A N2    1 
ATOM   1004 N  N3    . G   A 1 47 ? -10.522 -18.792 0.604   1.00 28.96  ? 47  G   A N3    1 
ATOM   1005 C  C4    . G   A 1 47 ? -9.709  -19.000 -0.445  1.00 25.73  ? 47  G   A C4    1 
ATOM   1006 P  P     . C   A 1 48 ? -10.091 -25.034 0.035   1.00 31.32  ? 48  C   A P     1 
ATOM   1007 O  OP1   . C   A 1 48 ? -10.136 -26.375 0.678   1.00 38.47  ? 48  C   A OP1   1 
ATOM   1008 O  OP2   . C   A 1 48 ? -10.085 -24.866 -1.436  1.00 27.52  ? 48  C   A OP2   1 
ATOM   1009 O  "O5'" . C   A 1 48 ? -11.338 -24.196 0.567   1.00 32.81  ? 48  C   A "O5'" 1 
ATOM   1010 C  "C5'" . C   A 1 48 ? -11.678 -24.173 1.941   1.00 31.21  ? 48  C   A "C5'" 1 
ATOM   1011 C  "C4'" . C   A 1 48 ? -12.816 -23.218 2.189   1.00 30.41  ? 48  C   A "C4'" 1 
ATOM   1012 O  "O4'" . C   A 1 48 ? -12.468 -21.912 1.683   1.00 31.55  ? 48  C   A "O4'" 1 
ATOM   1013 C  "C3'" . C   A 1 48 ? -14.104 -23.547 1.471   1.00 31.32  ? 48  C   A "C3'" 1 
ATOM   1014 O  "O3'" . C   A 1 48 ? -14.850 -24.521 2.162   1.00 36.19  ? 48  C   A "O3'" 1 
ATOM   1015 C  "C2'" . C   A 1 48 ? -14.804 -22.197 1.385   1.00 32.25  ? 48  C   A "C2'" 1 
ATOM   1016 O  "O2'" . C   A 1 48 ? -15.461 -21.906 2.608   1.00 31.04  ? 48  C   A "O2'" 1 
ATOM   1017 C  "C1'" . C   A 1 48 ? -13.623 -21.242 1.239   1.00 28.44  ? 48  C   A "C1'" 1 
ATOM   1018 N  N1    . C   A 1 48 ? -13.395 -20.785 -0.148  1.00 28.63  ? 48  C   A N1    1 
ATOM   1019 C  C2    . C   A 1 48 ? -14.146 -19.696 -0.594  1.00 27.72  ? 48  C   A C2    1 
ATOM   1020 O  O2    . C   A 1 48 ? -14.984 -19.196 0.179   1.00 28.49  ? 48  C   A O2    1 
ATOM   1021 N  N3    . C   A 1 48 ? -13.956 -19.232 -1.844  1.00 28.32  ? 48  C   A N3    1 
ATOM   1022 C  C4    . C   A 1 48 ? -13.044 -19.821 -2.629  1.00 28.49  ? 48  C   A C4    1 
ATOM   1023 N  N4    . C   A 1 48 ? -12.881 -19.324 -3.858  1.00 25.85  ? 48  C   A N4    1 
ATOM   1024 C  C5    . C   A 1 48 ? -12.250 -20.927 -2.191  1.00 25.76  ? 48  C   A C5    1 
ATOM   1025 C  C6    . C   A 1 48 ? -12.453 -21.372 -0.949  1.00 27.17  ? 48  C   A C6    1 
ATOM   1026 P  P     . C   A 1 49 ? -15.784 -25.513 1.332   1.00 32.60  ? 49  C   A P     1 
ATOM   1027 O  OP1   . C   A 1 49 ? -16.428 -26.478 2.269   1.00 37.95  ? 49  C   A OP1   1 
ATOM   1028 O  OP2   . C   A 1 49 ? -14.964 -25.968 0.191   1.00 33.17  ? 49  C   A OP2   1 
ATOM   1029 O  "O5'" . C   A 1 49 ? -16.927 -24.557 0.785   1.00 34.94  ? 49  C   A "O5'" 1 
ATOM   1030 C  "C5'" . C   A 1 49 ? -17.997 -24.160 1.627   1.00 30.74  ? 49  C   A "C5'" 1 
ATOM   1031 C  "C4'" . C   A 1 49 ? -18.979 -23.284 0.885   1.00 32.22  ? 49  C   A "C4'" 1 
ATOM   1032 O  "O4'" . C   A 1 49 ? -18.295 -22.128 0.343   1.00 29.49  ? 49  C   A "O4'" 1 
ATOM   1033 C  "C3'" . C   A 1 49 ? -19.682 -23.899 -0.318  1.00 28.82  ? 49  C   A "C3'" 1 
ATOM   1034 O  "O3'" . C   A 1 49 ? -20.807 -24.675 0.064   1.00 36.20  ? 49  C   A "O3'" 1 
ATOM   1035 C  "C2'" . C   A 1 49 ? -20.095 -22.678 -1.131  1.00 27.84  ? 49  C   A "C2'" 1 
ATOM   1036 O  "O2'" . C   A 1 49 ? -21.368 -22.221 -0.662  1.00 29.13  ? 49  C   A "O2'" 1 
ATOM   1037 C  "C1'" . C   A 1 49 ? -18.976 -21.662 -0.799  1.00 28.56  ? 49  C   A "C1'" 1 
ATOM   1038 N  N1    . C   A 1 49 ? -17.970 -21.497 -1.886  1.00 27.03  ? 49  C   A N1    1 
ATOM   1039 C  C2    . C   A 1 49 ? -18.110 -20.506 -2.873  1.00 27.17  ? 49  C   A C2    1 
ATOM   1040 O  O2    . C   A 1 49 ? -19.089 -19.745 -2.845  1.00 28.73  ? 49  C   A O2    1 
ATOM   1041 N  N3    . C   A 1 49 ? -17.186 -20.382 -3.855  1.00 22.45  ? 49  C   A N3    1 
ATOM   1042 C  C4    . C   A 1 49 ? -16.136 -21.195 -3.879  1.00 27.17  ? 49  C   A C4    1 
ATOM   1043 N  N4    . C   A 1 49 ? -15.252 -21.048 -4.877  1.00 28.67  ? 49  C   A N4    1 
ATOM   1044 C  C5    . C   A 1 49 ? -15.955 -22.204 -2.889  1.00 27.66  ? 49  C   A C5    1 
ATOM   1045 C  C6    . C   A 1 49 ? -16.878 -22.315 -1.927  1.00 24.22  ? 49  C   A C6    1 
HETATM 1046 C  C10   . J8F B 2 .  ? -4.992  -3.086  -0.059  1.00 33.78  ? 101 J8F A C10   1 
HETATM 1047 N  N12   . J8F B 2 .  ? -7.330  -2.346  -2.723  1.00 37.55  ? 101 J8F A N12   1 
HETATM 1048 C  C13   . J8F B 2 .  ? -6.002  -2.683  1.016   1.00 34.76  ? 101 J8F A C13   1 
HETATM 1049 C  C15   . J8F B 2 .  ? -8.216  -2.062  1.727   1.00 36.26  ? 101 J8F A C15   1 
HETATM 1050 C  C17   . J8F B 2 .  ? -6.451  -2.256  3.354   1.00 34.15  ? 101 J8F A C17   1 
HETATM 1051 C  C20   . J8F B 2 .  ? -10.154 -1.726  3.800   1.00 37.39  ? 101 J8F A C20   1 
HETATM 1052 C  C21   . J8F B 2 .  ? -8.178  -2.154  6.412   1.00 38.16  ? 101 J8F A C21   1 
HETATM 1053 C  C01   . J8F B 2 .  ? -1.766  -4.378  -2.440  1.00 34.13  ? 101 J8F A C01   1 
HETATM 1054 C  C02   . J8F B 2 .  ? -2.807  -3.937  -1.645  1.00 34.85  ? 101 J8F A C02   1 
HETATM 1055 C  C03   . J8F B 2 .  ? -3.995  -3.553  -2.241  1.00 36.30  ? 101 J8F A C03   1 
HETATM 1056 C  C04   . J8F B 2 .  ? -4.160  -3.615  -3.611  1.00 37.39  ? 101 J8F A C04   1 
HETATM 1057 C  C05   . J8F B 2 .  ? -3.120  -4.052  -4.406  1.00 35.49  ? 101 J8F A C05   1 
HETATM 1058 C  C06   . J8F B 2 .  ? -1.928  -4.436  -3.818  1.00 35.03  ? 101 J8F A C06   1 
HETATM 1059 C  C07   . J8F B 2 .  ? -0.787  -4.925  -4.694  1.00 31.90  ? 101 J8F A C07   1 
HETATM 1060 C  C09   . J8F B 2 .  ? -5.154  -3.079  -1.385  1.00 35.71  ? 101 J8F A C09   1 
HETATM 1061 C  C11   . J8F B 2 .  ? -6.409  -2.660  -2.145  1.00 37.81  ? 101 J8F A C11   1 
HETATM 1062 C  C14   . J8F B 2 .  ? -7.335  -2.416  0.716   1.00 36.39  ? 101 J8F A C14   1 
HETATM 1063 C  C16   . J8F B 2 .  ? -7.781  -1.983  3.043   1.00 35.02  ? 101 J8F A C16   1 
HETATM 1064 C  C18   . J8F B 2 .  ? -5.570  -2.608  2.340   1.00 32.76  ? 101 J8F A C18   1 
HETATM 1065 C  C19   . J8F B 2 .  ? -8.271  -1.061  5.340   1.00 35.24  ? 101 J8F A C19   1 
HETATM 1066 N  N08   . J8F B 2 .  ? 0.066   -5.287  -5.340  1.00 35.80  ? 101 J8F A N08   1 
HETATM 1067 N  N22   . J8F B 2 .  ? -8.732  -1.603  4.070   1.00 36.02  ? 101 J8F A N22   1 
HETATM 1068 O  O23   . J8F B 2 .  ? -8.289  -3.400  5.768   1.00 42.20  ? 101 J8F A O23   1 
HETATM 1069 MN MN    . MN  C 3 .  ? -13.799 -16.737 -8.980  1.00 37.67  ? 102 MN  A MN    1 
HETATM 1070 MN MN    . MN  D 3 .  ? -10.810 -9.973  -3.684  1.00 38.97  ? 103 MN  A MN    1 
HETATM 1071 MN MN    . MN  E 3 .  ? 4.013   -7.795  2.355   1.00 28.06  ? 104 MN  A MN    1 
HETATM 1072 MN MN    . MN  F 3 .  ? 6.624   2.597   11.744  1.00 27.10  ? 105 MN  A MN    1 
HETATM 1073 MN MN    . MN  G 3 .  ? 4.252   -5.170  12.898  1.00 26.41  ? 106 MN  A MN    1 
HETATM 1074 MN MN    . MN  H 3 .  ? -9.412  -6.055  6.090   1.00 42.26  ? 107 MN  A MN    1 
HETATM 1075 MG MG    . MG  I 4 .  ? 8.259   -7.919  -3.630  1.00 23.84  ? 108 MG  A MG    1 
HETATM 1076 MG MG    . MG  J 4 .  ? 2.393   6.151   -0.764  1.00 40.81  ? 109 MG  A MG    1 
HETATM 1077 O  O     . HOH K 5 .  ? 8.053   -0.549  4.453   1.00 23.98  ? 201 HOH A O     1 
HETATM 1078 O  O     . HOH K 5 .  ? -7.499  -5.095  6.659   1.00 38.56  ? 202 HOH A O     1 
HETATM 1079 O  O     . HOH K 5 .  ? 2.830   -8.276  17.349  1.00 42.93  ? 203 HOH A O     1 
HETATM 1080 O  O     . HOH K 5 .  ? -10.140 -10.081 -9.813  1.00 34.15  ? 204 HOH A O     1 
HETATM 1081 O  O     . HOH K 5 .  ? -6.374  -9.503  8.925   1.00 34.07  ? 205 HOH A O     1 
HETATM 1082 O  O     . HOH K 5 .  ? -2.428  -9.572  14.018  1.00 35.44  ? 206 HOH A O     1 
HETATM 1083 O  O     . HOH K 5 .  ? 3.317   6.749   2.271   1.00 41.63  ? 207 HOH A O     1 
HETATM 1084 O  O     . HOH K 5 .  ? -16.339 -7.739  3.741   1.00 25.72  ? 208 HOH A O     1 
HETATM 1085 O  O     . HOH K 5 .  ? -6.663  -9.671  -4.346  1.00 28.16  ? 209 HOH A O     1 
HETATM 1086 O  O     . HOH K 5 .  ? -13.856 -19.129 -8.511  1.00 33.98  ? 210 HOH A O     1 
HETATM 1087 O  O     . HOH K 5 .  ? -11.176 -14.634 7.533   1.00 30.35  ? 211 HOH A O     1 
HETATM 1088 O  O     . HOH K 5 .  ? -4.505  -3.550  11.789  1.00 28.56  ? 212 HOH A O     1 
HETATM 1089 O  O     . HOH K 5 .  ? 4.459   2.456   11.372  1.00 29.11  ? 213 HOH A O     1 
HETATM 1090 O  O     . HOH K 5 .  ? 4.604   0.568   8.681   1.00 24.26  ? 214 HOH A O     1 
HETATM 1091 O  O     . HOH K 5 .  ? -13.818 -14.718 -9.597  1.00 34.59  ? 215 HOH A O     1 
HETATM 1092 O  O     . HOH K 5 .  ? -14.455 -9.907  -14.344 1.00 44.88  ? 216 HOH A O     1 
HETATM 1093 O  O     . HOH K 5 .  ? 0.366   -1.025  -0.438  1.00 30.80  ? 217 HOH A O     1 
HETATM 1094 O  O     . HOH K 5 .  ? 5.147   3.634   7.960   1.00 25.46  ? 218 HOH A O     1 
HETATM 1095 O  O     . HOH K 5 .  ? 6.318   4.349   13.211  1.00 27.47  ? 219 HOH A O     1 
HETATM 1096 O  O     . HOH K 5 .  ? -10.683 -4.145  5.820   1.00 35.77  ? 220 HOH A O     1 
HETATM 1097 O  O     . HOH K 5 .  ? 5.229   6.514   12.000  1.00 31.01  ? 221 HOH A O     1 
HETATM 1098 O  O     . HOH K 5 .  ? -16.240 -11.183 -14.838 1.00 39.83  ? 222 HOH A O     1 
HETATM 1099 O  O     . HOH K 5 .  ? -10.165 -12.172 -3.769  1.00 30.61  ? 223 HOH A O     1 
HETATM 1100 O  O     . HOH K 5 .  ? 4.590   -6.954  7.126   1.00 32.54  ? 224 HOH A O     1 
HETATM 1101 O  O     . HOH K 5 .  ? -7.629  -10.636 -6.393  1.00 28.74  ? 225 HOH A O     1 
HETATM 1102 O  O     . HOH K 5 .  ? 2.375   -5.156  12.342  1.00 25.50  ? 226 HOH A O     1 
HETATM 1103 O  O     . HOH K 5 .  ? -12.479 -3.151  -4.119  1.00 32.76  ? 227 HOH A O     1 
HETATM 1104 O  O     . HOH K 5 .  ? -15.632 -17.906 2.263   1.00 21.50  ? 228 HOH A O     1 
HETATM 1105 O  O     . HOH K 5 .  ? 13.347  2.452   7.178   1.00 32.62  ? 229 HOH A O     1 
HETATM 1106 O  O     . HOH K 5 .  ? 7.725   -1.819  11.577  1.00 18.78  ? 230 HOH A O     1 
HETATM 1107 O  O     . HOH K 5 .  ? 8.277   -8.845  -1.950  1.00 30.53  ? 231 HOH A O     1 
HETATM 1108 O  O     . HOH K 5 .  ? 16.234  19.421  -1.978  1.00 60.54  ? 232 HOH A O     1 
HETATM 1109 O  O     . HOH K 5 .  ? -13.414 -15.910 -6.615  1.00 34.65  ? 233 HOH A O     1 
HETATM 1110 O  O     . HOH K 5 .  ? -2.677  3.282   11.502  1.00 35.21  ? 234 HOH A O     1 
HETATM 1111 O  O     . HOH K 5 .  ? -2.324  -0.469  1.485   1.00 29.74  ? 235 HOH A O     1 
HETATM 1112 O  O     . HOH K 5 .  ? -2.496  23.692  0.697   1.00 42.08  ? 236 HOH A O     1 
HETATM 1113 O  O     . HOH K 5 .  ? 1.214   -8.769  15.744  1.00 37.35  ? 237 HOH A O     1 
HETATM 1114 O  O     . HOH K 5 .  ? -17.106 -6.408  -6.689  1.00 44.81  ? 238 HOH A O     1 
HETATM 1115 O  O     . HOH K 5 .  ? -3.233  3.916   13.520  1.00 30.61  ? 239 HOH A O     1 
HETATM 1116 O  O     . HOH K 5 .  ? 6.070   -5.474  13.795  1.00 22.94  ? 240 HOH A O     1 
HETATM 1117 O  O     . HOH K 5 .  ? 6.994   3.716   9.962   1.00 28.08  ? 241 HOH A O     1 
HETATM 1118 O  O     . HOH K 5 .  ? -0.486  -2.018  10.363  1.00 27.47  ? 242 HOH A O     1 
HETATM 1119 O  O     . HOH K 5 .  ? 8.249   -5.295  17.220  1.00 30.15  ? 243 HOH A O     1 
HETATM 1120 O  O     . HOH K 5 .  ? -10.901 -7.698  5.113   1.00 35.81  ? 244 HOH A O     1 
HETATM 1121 O  O     . HOH K 5 .  ? 6.132   -6.228  -1.143  1.00 33.51  ? 245 HOH A O     1 
HETATM 1122 O  O     . HOH K 5 .  ? -16.225 -10.369 6.158   1.00 23.52  ? 246 HOH A O     1 
HETATM 1123 O  O     . HOH K 5 .  ? -1.752  -9.685  11.128  1.00 41.78  ? 247 HOH A O     1 
HETATM 1124 O  O     . HOH K 5 .  ? 5.223   -9.072  3.350   1.00 26.73  ? 248 HOH A O     1 
HETATM 1125 O  O     . HOH K 5 .  ? -8.831  -9.572  -2.551  1.00 29.63  ? 249 HOH A O     1 
HETATM 1126 O  O     . HOH K 5 .  ? -8.027  -10.640 -8.542  1.00 41.80  ? 250 HOH A O     1 
HETATM 1127 O  O     . HOH K 5 .  ? 6.233   1.320   13.388  1.00 22.85  ? 251 HOH A O     1 
HETATM 1128 O  O     . HOH K 5 .  ? 3.523   -6.868  4.296   1.00 23.21  ? 252 HOH A O     1 
HETATM 1129 O  O     . HOH K 5 .  ? 4.886   -5.361  10.958  1.00 24.37  ? 253 HOH A O     1 
HETATM 1130 O  O     . HOH K 5 .  ? -8.060  12.089  -8.188  1.00 41.82  ? 254 HOH A O     1 
HETATM 1131 O  O     . HOH K 5 .  ? 3.990   -1.871  10.347  1.00 26.64  ? 255 HOH A O     1 
HETATM 1132 O  O     . HOH K 5 .  ? -8.463  -7.953  6.855   1.00 28.38  ? 256 HOH A O     1 
HETATM 1133 O  O     . HOH K 5 .  ? 5.877   -6.776  1.987   1.00 26.89  ? 257 HOH A O     1 
HETATM 1134 O  O     . HOH K 5 .  ? -11.707 -10.656 -1.614  1.00 30.12  ? 258 HOH A O     1 
HETATM 1135 O  O     . HOH K 5 .  ? -14.305 -16.711 -11.154 1.00 32.37  ? 259 HOH A O     1 
HETATM 1136 O  O     . HOH K 5 .  ? -1.186  6.899   -10.400 1.00 45.78  ? 260 HOH A O     1 
HETATM 1137 O  O     . HOH K 5 .  ? -0.128  1.467   2.222   1.00 32.71  ? 261 HOH A O     1 
HETATM 1138 O  O     . HOH K 5 .  ? 0.587   6.173   -0.031  1.00 44.50  ? 262 HOH A O     1 
HETATM 1139 O  O     . HOH K 5 .  ? 6.728   0.760   10.616  1.00 25.43  ? 263 HOH A O     1 
HETATM 1140 O  O     . HOH K 5 .  ? 4.378   -7.331  13.168  1.00 28.46  ? 264 HOH A O     1 
HETATM 1141 O  O     . HOH K 5 .  ? -12.981 -10.580 -4.427  1.00 27.65  ? 265 HOH A O     1 
HETATM 1142 O  O     . HOH K 5 .  ? -14.001 -16.563 4.281   1.00 23.84  ? 266 HOH A O     1 
HETATM 1143 O  O     . HOH K 5 .  ? -14.596 -15.292 -13.070 1.00 31.89  ? 267 HOH A O     1 
HETATM 1144 O  O     . HOH K 5 .  ? 4.803   -3.100  12.383  1.00 24.89  ? 268 HOH A O     1 
HETATM 1145 O  O     . HOH K 5 .  ? -22.087 -10.076 -8.242  1.00 36.35  ? 269 HOH A O     1 
HETATM 1146 O  O     . HOH K 5 .  ? -4.756  3.065   12.488  1.00 34.27  ? 270 HOH A O     1 
HETATM 1147 O  O     . HOH K 5 .  ? 8.868   1.609   8.895   1.00 21.93  ? 271 HOH A O     1 
HETATM 1148 O  O     . HOH K 5 .  ? -6.468  -18.394 3.358   1.00 30.54  ? 272 HOH A O     1 
HETATM 1149 O  O     . HOH K 5 .  ? -12.954 -23.278 -5.162  1.00 32.69  ? 273 HOH A O     1 
HETATM 1150 O  O     . HOH K 5 .  ? -14.398 -6.451  -6.289  1.00 40.03  ? 274 HOH A O     1 
HETATM 1151 O  O     . HOH K 5 .  ? 3.171   5.277   0.667   1.00 46.56  ? 275 HOH A O     1 
HETATM 1152 O  O     . HOH K 5 .  ? 2.914   8.161   -0.974  1.00 52.51  ? 276 HOH A O     1 
HETATM 1153 O  O     . HOH K 5 .  ? -4.565  -10.656 11.209  1.00 36.30  ? 277 HOH A O     1 
HETATM 1154 O  O     . HOH K 5 .  ? -9.572  -10.219 -5.541  1.00 29.82  ? 278 HOH A O     1 
HETATM 1155 O  O     . HOH K 5 .  ? -0.324  5.920   -3.802  1.00 44.73  ? 279 HOH A O     1 
HETATM 1156 O  O     . HOH K 5 .  ? 1.342   4.734   -2.004  1.00 46.62  ? 280 HOH A O     1 
HETATM 1157 O  O     . HOH K 5 .  ? 6.770   -4.921  6.632   1.00 31.91  ? 281 HOH A O     1 
HETATM 1158 O  O     . HOH K 5 .  ? 1.767   4.357   -0.037  1.00 44.33  ? 282 HOH A O     1 
HETATM 1159 O  O     . HOH K 5 .  ? 3.812   4.469   -0.968  1.00 44.32  ? 283 HOH A O     1 
HETATM 1160 O  O     . HOH K 5 .  ? -10.936 -6.655  7.743   1.00 41.17  ? 284 HOH A O     1 
HETATM 1161 O  O     . HOH K 5 .  ? -11.669 -16.701 -9.116  1.00 39.85  ? 285 HOH A O     1 
# 
loop_
_pdbx_poly_seq_scheme.asym_id 
_pdbx_poly_seq_scheme.entity_id 
_pdbx_poly_seq_scheme.seq_id 
_pdbx_poly_seq_scheme.mon_id 
_pdbx_poly_seq_scheme.ndb_seq_num 
_pdbx_poly_seq_scheme.pdb_seq_num 
_pdbx_poly_seq_scheme.auth_seq_num 
_pdbx_poly_seq_scheme.pdb_mon_id 
_pdbx_poly_seq_scheme.auth_mon_id 
_pdbx_poly_seq_scheme.pdb_strand_id 
_pdbx_poly_seq_scheme.pdb_ins_code 
_pdbx_poly_seq_scheme.hetero 
A 1 1  G 1  1  1  G G A . n 
A 1 2  G 2  2  2  G G A . n 
A 1 3  C 3  3  3  C C A . n 
A 1 4  G 4  4  4  G G A . n 
A 1 5  C 5  5  5  C C A . n 
A 1 6  A 6  6  6  A A A . n 
A 1 7  C 7  7  7  C C A . n 
A 1 8  U 8  8  8  U U A . n 
A 1 9  G 9  9  9  G G A . n 
A 1 10 G 10 10 10 G G A . n 
A 1 11 C 11 11 11 C C A . n 
A 1 12 G 12 12 12 G G A . n 
A 1 13 C 13 13 13 C C A . n 
A 1 14 U 14 14 14 U U A . n 
A 1 15 G 15 15 15 G G A . n 
A 1 16 C 16 16 16 C C A . n 
A 1 17 G 17 17 17 G G A . n 
A 1 18 C 18 18 18 C C A . n 
A 1 19 C 19 19 19 C C A . n 
A 1 20 U 20 20 20 U U A . n 
A 1 21 U 21 21 21 U U A . n 
A 1 22 C 22 22 22 C C A . n 
A 1 23 G 23 23 23 G G A . n 
A 1 24 G 24 24 24 G G A . n 
A 1 25 G 25 25 25 G G A . n 
A 1 26 C 26 26 26 C C A . n 
A 1 27 G 27 27 27 G G A . n 
A 1 28 C 28 28 28 C C A . n 
A 1 29 C 29 29 29 C C A . n 
A 1 30 A 30 30 30 A A A . n 
A 1 31 A 31 31 31 A A A . n 
A 1 32 U 32 32 32 U U A . n 
A 1 33 C 33 33 33 C C A . n 
A 1 34 G 34 34 34 G G A . n 
A 1 35 U 35 35 35 U U A . n 
A 1 36 A 36 36 36 A A A . n 
A 1 37 G 37 37 37 G G A . n 
A 1 38 C 38 38 38 C C A . n 
A 1 39 G 39 39 39 G G A . n 
A 1 40 U 40 40 40 U U A . n 
A 1 41 G 41 41 41 G G A . n 
A 1 42 U 42 42 42 U U A . n 
A 1 43 C 43 43 43 C C A . n 
A 1 44 G 44 44 44 G G A . n 
A 1 45 G 45 45 45 G G A . n 
A 1 46 C 46 46 46 C C A . n 
A 1 47 G 47 47 47 G G A . n 
A 1 48 C 48 48 48 C C A . n 
A 1 49 C 49 49 49 C C A . n 
# 
loop_
_pdbx_nonpoly_scheme.asym_id 
_pdbx_nonpoly_scheme.entity_id 
_pdbx_nonpoly_scheme.mon_id 
_pdbx_nonpoly_scheme.ndb_seq_num 
_pdbx_nonpoly_scheme.pdb_seq_num 
_pdbx_nonpoly_scheme.auth_seq_num 
_pdbx_nonpoly_scheme.pdb_mon_id 
_pdbx_nonpoly_scheme.auth_mon_id 
_pdbx_nonpoly_scheme.pdb_strand_id 
_pdbx_nonpoly_scheme.pdb_ins_code 
B 2 J8F 1  101 1  J8F LIG A . 
C 3 MN  1  102 1  MN  MN  A . 
D 3 MN  1  103 2  MN  MN  A . 
E 3 MN  1  104 3  MN  MN  A . 
F 3 MN  1  105 4  MN  MN  A . 
G 3 MN  1  106 5  MN  MN  A . 
H 3 MN  1  107 6  MN  MN  A . 
I 4 MG  1  108 1  MG  MG  A . 
J 4 MG  1  109 2  MG  MG  A . 
K 5 HOH 1  201 3  HOH HOH A . 
K 5 HOH 2  202 85 HOH HOH A . 
K 5 HOH 3  203 78 HOH HOH A . 
K 5 HOH 4  204 57 HOH HOH A . 
K 5 HOH 5  205 76 HOH HOH A . 
K 5 HOH 6  206 4  HOH HOH A . 
K 5 HOH 7  207 35 HOH HOH A . 
K 5 HOH 8  208 59 HOH HOH A . 
K 5 HOH 9  209 43 HOH HOH A . 
K 5 HOH 10 210 8  HOH HOH A . 
K 5 HOH 11 211 69 HOH HOH A . 
K 5 HOH 12 212 65 HOH HOH A . 
K 5 HOH 13 213 21 HOH HOH A . 
K 5 HOH 14 214 64 HOH HOH A . 
K 5 HOH 15 215 7  HOH HOH A . 
K 5 HOH 16 216 32 HOH HOH A . 
K 5 HOH 17 217 34 HOH HOH A . 
K 5 HOH 18 218 36 HOH HOH A . 
K 5 HOH 19 219 24 HOH HOH A . 
K 5 HOH 20 220 1  HOH HOH A . 
K 5 HOH 21 221 77 HOH HOH A . 
K 5 HOH 22 222 56 HOH HOH A . 
K 5 HOH 23 223 14 HOH HOH A . 
K 5 HOH 24 224 81 HOH HOH A . 
K 5 HOH 25 225 44 HOH HOH A . 
K 5 HOH 26 226 28 HOH HOH A . 
K 5 HOH 27 227 45 HOH HOH A . 
K 5 HOH 28 228 42 HOH HOH A . 
K 5 HOH 29 229 5  HOH HOH A . 
K 5 HOH 30 230 38 HOH HOH A . 
K 5 HOH 31 231 49 HOH HOH A . 
K 5 HOH 32 232 67 HOH HOH A . 
K 5 HOH 33 233 10 HOH HOH A . 
K 5 HOH 34 234 63 HOH HOH A . 
K 5 HOH 35 235 60 HOH HOH A . 
K 5 HOH 36 236 40 HOH HOH A . 
K 5 HOH 37 237 39 HOH HOH A . 
K 5 HOH 38 238 41 HOH HOH A . 
K 5 HOH 39 239 53 HOH HOH A . 
K 5 HOH 40 240 27 HOH HOH A . 
K 5 HOH 41 241 22 HOH HOH A . 
K 5 HOH 42 242 62 HOH HOH A . 
K 5 HOH 43 243 80 HOH HOH A . 
K 5 HOH 44 244 83 HOH HOH A . 
K 5 HOH 45 245 61 HOH HOH A . 
K 5 HOH 46 246 47 HOH HOH A . 
K 5 HOH 47 247 50 HOH HOH A . 
K 5 HOH 48 248 18 HOH HOH A . 
K 5 HOH 49 249 12 HOH HOH A . 
K 5 HOH 50 250 54 HOH HOH A . 
K 5 HOH 51 251 23 HOH HOH A . 
K 5 HOH 52 252 16 HOH HOH A . 
K 5 HOH 53 253 26 HOH HOH A . 
K 5 HOH 54 254 20 HOH HOH A . 
K 5 HOH 55 255 37 HOH HOH A . 
K 5 HOH 56 256 46 HOH HOH A . 
K 5 HOH 57 257 17 HOH HOH A . 
K 5 HOH 58 258 15 HOH HOH A . 
K 5 HOH 59 259 6  HOH HOH A . 
K 5 HOH 60 260 19 HOH HOH A . 
K 5 HOH 61 261 33 HOH HOH A . 
K 5 HOH 62 262 66 HOH HOH A . 
K 5 HOH 63 263 25 HOH HOH A . 
K 5 HOH 64 264 30 HOH HOH A . 
K 5 HOH 65 265 13 HOH HOH A . 
K 5 HOH 66 266 75 HOH HOH A . 
K 5 HOH 67 267 55 HOH HOH A . 
K 5 HOH 68 268 29 HOH HOH A . 
K 5 HOH 69 269 74 HOH HOH A . 
K 5 HOH 70 270 82 HOH HOH A . 
K 5 HOH 71 271 68 HOH HOH A . 
K 5 HOH 72 272 79 HOH HOH A . 
K 5 HOH 73 273 2  HOH HOH A . 
K 5 HOH 74 274 58 HOH HOH A . 
K 5 HOH 75 275 71 HOH HOH A . 
K 5 HOH 76 276 52 HOH HOH A . 
K 5 HOH 77 277 48 HOH HOH A . 
K 5 HOH 78 278 11 HOH HOH A . 
K 5 HOH 79 279 51 HOH HOH A . 
K 5 HOH 80 280 70 HOH HOH A . 
K 5 HOH 81 281 31 HOH HOH A . 
K 5 HOH 82 282 73 HOH HOH A . 
K 5 HOH 83 283 72 HOH HOH A . 
K 5 HOH 84 284 84 HOH HOH A . 
K 5 HOH 85 285 9  HOH HOH A . 
# 
_pdbx_struct_assembly.id                   1 
_pdbx_struct_assembly.details              author_defined_assembly 
_pdbx_struct_assembly.method_details       ? 
_pdbx_struct_assembly.oligomeric_details   monomeric 
_pdbx_struct_assembly.oligomeric_count     1 
# 
_pdbx_struct_assembly_gen.assembly_id       1 
_pdbx_struct_assembly_gen.oper_expression   1 
_pdbx_struct_assembly_gen.asym_id_list      A,B,C,D,E,F,G,H,I,J,K 
# 
_pdbx_struct_oper_list.id                   1 
_pdbx_struct_oper_list.type                 'identity operation' 
_pdbx_struct_oper_list.name                 1_555 
_pdbx_struct_oper_list.symmetry_operation   x,y,z 
_pdbx_struct_oper_list.matrix[1][1]         1.0000000000 
_pdbx_struct_oper_list.matrix[1][2]         0.0000000000 
_pdbx_struct_oper_list.matrix[1][3]         0.0000000000 
_pdbx_struct_oper_list.vector[1]            0.0000000000 
_pdbx_struct_oper_list.matrix[2][1]         0.0000000000 
_pdbx_struct_oper_list.matrix[2][2]         1.0000000000 
_pdbx_struct_oper_list.matrix[2][3]         0.0000000000 
_pdbx_struct_oper_list.vector[2]            0.0000000000 
_pdbx_struct_oper_list.matrix[3][1]         0.0000000000 
_pdbx_struct_oper_list.matrix[3][2]         0.0000000000 
_pdbx_struct_oper_list.matrix[3][3]         1.0000000000 
_pdbx_struct_oper_list.vector[3]            0.0000000000 
# 
loop_
_pdbx_struct_conn_angle.id 
_pdbx_struct_conn_angle.ptnr1_label_atom_id 
_pdbx_struct_conn_angle.ptnr1_label_alt_id 
_pdbx_struct_conn_angle.ptnr1_label_asym_id 
_pdbx_struct_conn_angle.ptnr1_label_comp_id 
_pdbx_struct_conn_angle.ptnr1_label_seq_id 
_pdbx_struct_conn_angle.ptnr1_auth_atom_id 
_pdbx_struct_conn_angle.ptnr1_auth_asym_id 
_pdbx_struct_conn_angle.ptnr1_auth_comp_id 
_pdbx_struct_conn_angle.ptnr1_auth_seq_id 
_pdbx_struct_conn_angle.ptnr1_PDB_ins_code 
_pdbx_struct_conn_angle.ptnr1_symmetry 
_pdbx_struct_conn_angle.ptnr2_label_atom_id 
_pdbx_struct_conn_angle.ptnr2_label_alt_id 
_pdbx_struct_conn_angle.ptnr2_label_asym_id 
_pdbx_struct_conn_angle.ptnr2_label_comp_id 
_pdbx_struct_conn_angle.ptnr2_label_seq_id 
_pdbx_struct_conn_angle.ptnr2_auth_atom_id 
_pdbx_struct_conn_angle.ptnr2_auth_asym_id 
_pdbx_struct_conn_angle.ptnr2_auth_comp_id 
_pdbx_struct_conn_angle.ptnr2_auth_seq_id 
_pdbx_struct_conn_angle.ptnr2_PDB_ins_code 
_pdbx_struct_conn_angle.ptnr2_symmetry 
_pdbx_struct_conn_angle.ptnr3_label_atom_id 
_pdbx_struct_conn_angle.ptnr3_label_alt_id 
_pdbx_struct_conn_angle.ptnr3_label_asym_id 
_pdbx_struct_conn_angle.ptnr3_label_comp_id 
_pdbx_struct_conn_angle.ptnr3_label_seq_id 
_pdbx_struct_conn_angle.ptnr3_auth_atom_id 
_pdbx_struct_conn_angle.ptnr3_auth_asym_id 
_pdbx_struct_conn_angle.ptnr3_auth_comp_id 
_pdbx_struct_conn_angle.ptnr3_auth_seq_id 
_pdbx_struct_conn_angle.ptnr3_PDB_ins_code 
_pdbx_struct_conn_angle.ptnr3_symmetry 
_pdbx_struct_conn_angle.value 
_pdbx_struct_conn_angle.value_esd 
1   N7  ? A G   1  ? A G   1   ? 1_555 MN ? C MN . ? A MN 102 ? 1_555 O   ? K HOH .  ? A HOH 210 ? 1_555 97.0  ? 
2   N7  ? A G   1  ? A G   1   ? 1_555 MN ? C MN . ? A MN 102 ? 1_555 O   ? K HOH .  ? A HOH 215 ? 1_555 81.8  ? 
3   O   ? K HOH .  ? A HOH 210 ? 1_555 MN ? C MN . ? A MN 102 ? 1_555 O   ? K HOH .  ? A HOH 215 ? 1_555 173.8 ? 
4   N7  ? A G   1  ? A G   1   ? 1_555 MN ? C MN . ? A MN 102 ? 1_555 O   ? K HOH .  ? A HOH 233 ? 1_555 91.3  ? 
5   O   ? K HOH .  ? A HOH 210 ? 1_555 MN ? C MN . ? A MN 102 ? 1_555 O   ? K HOH .  ? A HOH 233 ? 1_555 98.3  ? 
6   O   ? K HOH .  ? A HOH 215 ? 1_555 MN ? C MN . ? A MN 102 ? 1_555 O   ? K HOH .  ? A HOH 233 ? 1_555 87.8  ? 
7   N7  ? A G   1  ? A G   1   ? 1_555 MN ? C MN . ? A MN 102 ? 1_555 O   ? K HOH .  ? A HOH 259 ? 1_555 81.4  ? 
8   O   ? K HOH .  ? A HOH 210 ? 1_555 MN ? C MN . ? A MN 102 ? 1_555 O   ? K HOH .  ? A HOH 259 ? 1_555 101.2 ? 
9   O   ? K HOH .  ? A HOH 215 ? 1_555 MN ? C MN . ? A MN 102 ? 1_555 O   ? K HOH .  ? A HOH 259 ? 1_555 72.7  ? 
10  O   ? K HOH .  ? A HOH 233 ? 1_555 MN ? C MN . ? A MN 102 ? 1_555 O   ? K HOH .  ? A HOH 259 ? 1_555 159.9 ? 
11  N7  ? A G   1  ? A G   1   ? 1_555 MN ? C MN . ? A MN 102 ? 1_555 O   ? K HOH .  ? A HOH 285 ? 1_555 169.6 ? 
12  O   ? K HOH .  ? A HOH 210 ? 1_555 MN ? C MN . ? A MN 102 ? 1_555 O   ? K HOH .  ? A HOH 285 ? 1_555 93.0  ? 
13  O   ? K HOH .  ? A HOH 215 ? 1_555 MN ? C MN . ? A MN 102 ? 1_555 O   ? K HOH .  ? A HOH 285 ? 1_555 88.5  ? 
14  O   ? K HOH .  ? A HOH 233 ? 1_555 MN ? C MN . ? A MN 102 ? 1_555 O   ? K HOH .  ? A HOH 285 ? 1_555 84.4  ? 
15  O   ? K HOH .  ? A HOH 259 ? 1_555 MN ? C MN . ? A MN 102 ? 1_555 O   ? K HOH .  ? A HOH 285 ? 1_555 99.4  ? 
16  OP2 ? A C   7  ? A C   7   ? 1_555 MN ? E MN . ? A MN 104 ? 1_555 OP2 ? A U   8  ? A U   8   ? 1_555 90.4  ? 
17  OP2 ? A C   7  ? A C   7   ? 1_555 MN ? E MN . ? A MN 104 ? 1_555 N7  ? A G   9  ? A G   9   ? 1_555 89.2  ? 
18  OP2 ? A U   8  ? A U   8   ? 1_555 MN ? E MN . ? A MN 104 ? 1_555 N7  ? A G   9  ? A G   9   ? 1_555 94.4  ? 
19  OP2 ? A C   7  ? A C   7   ? 1_555 MN ? E MN . ? A MN 104 ? 1_555 O   ? K HOH .  ? A HOH 248 ? 1_555 91.2  ? 
20  OP2 ? A U   8  ? A U   8   ? 1_555 MN ? E MN . ? A MN 104 ? 1_555 O   ? K HOH .  ? A HOH 248 ? 1_555 88.7  ? 
21  N7  ? A G   9  ? A G   9   ? 1_555 MN ? E MN . ? A MN 104 ? 1_555 O   ? K HOH .  ? A HOH 248 ? 1_555 176.8 ? 
22  OP2 ? A C   7  ? A C   7   ? 1_555 MN ? E MN . ? A MN 104 ? 1_555 O   ? K HOH .  ? A HOH 252 ? 1_555 83.9  ? 
23  OP2 ? A U   8  ? A U   8   ? 1_555 MN ? E MN . ? A MN 104 ? 1_555 O   ? K HOH .  ? A HOH 252 ? 1_555 173.4 ? 
24  N7  ? A G   9  ? A G   9   ? 1_555 MN ? E MN . ? A MN 104 ? 1_555 O   ? K HOH .  ? A HOH 252 ? 1_555 88.9  ? 
25  O   ? K HOH .  ? A HOH 248 ? 1_555 MN ? E MN . ? A MN 104 ? 1_555 O   ? K HOH .  ? A HOH 252 ? 1_555 88.0  ? 
26  OP2 ? A C   7  ? A C   7   ? 1_555 MN ? E MN . ? A MN 104 ? 1_555 O   ? K HOH .  ? A HOH 257 ? 1_555 173.0 ? 
27  OP2 ? A U   8  ? A U   8   ? 1_555 MN ? E MN . ? A MN 104 ? 1_555 O   ? K HOH .  ? A HOH 257 ? 1_555 86.9  ? 
28  N7  ? A G   9  ? A G   9   ? 1_555 MN ? E MN . ? A MN 104 ? 1_555 O   ? K HOH .  ? A HOH 257 ? 1_555 97.4  ? 
29  O   ? K HOH .  ? A HOH 248 ? 1_555 MN ? E MN . ? A MN 104 ? 1_555 O   ? K HOH .  ? A HOH 257 ? 1_555 82.2  ? 
30  O   ? K HOH .  ? A HOH 252 ? 1_555 MN ? E MN . ? A MN 104 ? 1_555 O   ? K HOH .  ? A HOH 257 ? 1_555 98.3  ? 
31  OP2 ? A G   9  ? A G   9   ? 1_555 MG ? I MG . ? A MG 108 ? 1_555 OP1 ? A C   33 ? A C   33  ? 1_555 58.4  ? 
32  OP2 ? A G   9  ? A G   9   ? 1_555 MG ? I MG . ? A MG 108 ? 1_555 O   ? K HOH .  ? A HOH 206 ? 4_555 68.0  ? 
33  OP1 ? A C   33 ? A C   33  ? 1_555 MG ? I MG . ? A MG 108 ? 1_555 O   ? K HOH .  ? A HOH 206 ? 4_555 126.4 ? 
34  OP2 ? A G   9  ? A G   9   ? 1_555 MG ? I MG . ? A MG 108 ? 1_555 O   ? K HOH .  ? A HOH 231 ? 1_555 95.4  ? 
35  OP1 ? A C   33 ? A C   33  ? 1_555 MG ? I MG . ? A MG 108 ? 1_555 O   ? K HOH .  ? A HOH 231 ? 1_555 42.9  ? 
36  O   ? K HOH .  ? A HOH 206 ? 4_555 MG ? I MG . ? A MG 108 ? 1_555 O   ? K HOH .  ? A HOH 231 ? 1_555 153.2 ? 
37  OP2 ? A G   9  ? A G   9   ? 1_555 MG ? I MG . ? A MG 108 ? 1_555 O   ? K HOH .  ? A HOH 247 ? 4_555 164.2 ? 
38  OP1 ? A C   33 ? A C   33  ? 1_555 MG ? I MG . ? A MG 108 ? 1_555 O   ? K HOH .  ? A HOH 247 ? 4_555 137.1 ? 
39  O   ? K HOH .  ? A HOH 206 ? 4_555 MG ? I MG . ? A MG 108 ? 1_555 O   ? K HOH .  ? A HOH 247 ? 4_555 96.4  ? 
40  O   ? K HOH .  ? A HOH 231 ? 1_555 MG ? I MG . ? A MG 108 ? 1_555 O   ? K HOH .  ? A HOH 247 ? 4_555 100.1 ? 
41  OP2 ? A G   9  ? A G   9   ? 1_555 MG ? I MG . ? A MG 108 ? 1_555 O   ? K HOH .  ? A HOH 277 ? 4_555 103.4 ? 
42  OP1 ? A C   33 ? A C   33  ? 1_555 MG ? I MG . ? A MG 108 ? 1_555 O   ? K HOH .  ? A HOH 277 ? 4_555 68.5  ? 
43  O   ? K HOH .  ? A HOH 206 ? 4_555 MG ? I MG . ? A MG 108 ? 1_555 O   ? K HOH .  ? A HOH 277 ? 4_555 127.4 ? 
44  O   ? K HOH .  ? A HOH 231 ? 1_555 MG ? I MG . ? A MG 108 ? 1_555 O   ? K HOH .  ? A HOH 277 ? 4_555 75.6  ? 
45  O   ? K HOH .  ? A HOH 247 ? 4_555 MG ? I MG . ? A MG 108 ? 1_555 O   ? K HOH .  ? A HOH 277 ? 4_555 83.7  ? 
46  OP2 ? A A   30 ? A A   30  ? 1_555 MN ? F MN . ? A MN 105 ? 1_555 O   ? K HOH .  ? A HOH 213 ? 1_555 173.9 ? 
47  OP2 ? A A   30 ? A A   30  ? 1_555 MN ? F MN . ? A MN 105 ? 1_555 O   ? K HOH .  ? A HOH 219 ? 1_555 93.7  ? 
48  O   ? K HOH .  ? A HOH 213 ? 1_555 MN ? F MN . ? A MN 105 ? 1_555 O   ? K HOH .  ? A HOH 219 ? 1_555 91.5  ? 
49  OP2 ? A A   30 ? A A   30  ? 1_555 MN ? F MN . ? A MN 105 ? 1_555 O   ? K HOH .  ? A HOH 241 ? 1_555 82.5  ? 
50  O   ? K HOH .  ? A HOH 213 ? 1_555 MN ? F MN . ? A MN 105 ? 1_555 O   ? K HOH .  ? A HOH 241 ? 1_555 93.6  ? 
51  O   ? K HOH .  ? A HOH 219 ? 1_555 MN ? F MN . ? A MN 105 ? 1_555 O   ? K HOH .  ? A HOH 241 ? 1_555 99.0  ? 
52  OP2 ? A A   30 ? A A   30  ? 1_555 MN ? F MN . ? A MN 105 ? 1_555 O   ? K HOH .  ? A HOH 251 ? 1_555 98.5  ? 
53  O   ? K HOH .  ? A HOH 213 ? 1_555 MN ? F MN . ? A MN 105 ? 1_555 O   ? K HOH .  ? A HOH 251 ? 1_555 84.9  ? 
54  O   ? K HOH .  ? A HOH 219 ? 1_555 MN ? F MN . ? A MN 105 ? 1_555 O   ? K HOH .  ? A HOH 251 ? 1_555 86.6  ? 
55  O   ? K HOH .  ? A HOH 241 ? 1_555 MN ? F MN . ? A MN 105 ? 1_555 O   ? K HOH .  ? A HOH 251 ? 1_555 174.3 ? 
56  OP2 ? A A   30 ? A A   30  ? 1_555 MN ? F MN . ? A MN 105 ? 1_555 O   ? K HOH .  ? A HOH 263 ? 1_555 90.8  ? 
57  O   ? K HOH .  ? A HOH 213 ? 1_555 MN ? F MN . ? A MN 105 ? 1_555 O   ? K HOH .  ? A HOH 263 ? 1_555 84.5  ? 
58  O   ? K HOH .  ? A HOH 219 ? 1_555 MN ? F MN . ? A MN 105 ? 1_555 O   ? K HOH .  ? A HOH 263 ? 1_555 170.4 ? 
59  O   ? K HOH .  ? A HOH 241 ? 1_555 MN ? F MN . ? A MN 105 ? 1_555 O   ? K HOH .  ? A HOH 263 ? 1_555 90.1  ? 
60  O   ? K HOH .  ? A HOH 251 ? 1_555 MN ? F MN . ? A MN 105 ? 1_555 O   ? K HOH .  ? A HOH 263 ? 1_555 84.4  ? 
61  OP2 ? A U   32 ? A U   32  ? 1_555 MN ? G MN . ? A MN 106 ? 1_555 O   ? K HOH .  ? A HOH 226 ? 1_555 90.7  ? 
62  OP2 ? A U   32 ? A U   32  ? 1_555 MN ? G MN . ? A MN 106 ? 1_555 O   ? K HOH .  ? A HOH 240 ? 1_555 80.9  ? 
63  O   ? K HOH .  ? A HOH 226 ? 1_555 MN ? G MN . ? A MN 106 ? 1_555 O   ? K HOH .  ? A HOH 240 ? 1_555 167.3 ? 
64  OP2 ? A U   32 ? A U   32  ? 1_555 MN ? G MN . ? A MN 106 ? 1_555 O   ? K HOH .  ? A HOH 253 ? 1_555 176.3 ? 
65  O   ? K HOH .  ? A HOH 226 ? 1_555 MN ? G MN . ? A MN 106 ? 1_555 O   ? K HOH .  ? A HOH 253 ? 1_555 91.6  ? 
66  O   ? K HOH .  ? A HOH 240 ? 1_555 MN ? G MN . ? A MN 106 ? 1_555 O   ? K HOH .  ? A HOH 253 ? 1_555 97.2  ? 
67  OP2 ? A U   32 ? A U   32  ? 1_555 MN ? G MN . ? A MN 106 ? 1_555 O   ? K HOH .  ? A HOH 264 ? 1_555 92.2  ? 
68  O   ? K HOH .  ? A HOH 226 ? 1_555 MN ? G MN . ? A MN 106 ? 1_555 O   ? K HOH .  ? A HOH 264 ? 1_555 95.6  ? 
69  O   ? K HOH .  ? A HOH 240 ? 1_555 MN ? G MN . ? A MN 106 ? 1_555 O   ? K HOH .  ? A HOH 264 ? 1_555 75.4  ? 
70  O   ? K HOH .  ? A HOH 253 ? 1_555 MN ? G MN . ? A MN 106 ? 1_555 O   ? K HOH .  ? A HOH 264 ? 1_555 90.4  ? 
71  OP2 ? A U   32 ? A U   32  ? 1_555 MN ? G MN . ? A MN 106 ? 1_555 O   ? K HOH .  ? A HOH 268 ? 1_555 98.9  ? 
72  O   ? K HOH .  ? A HOH 226 ? 1_555 MN ? G MN . ? A MN 106 ? 1_555 O   ? K HOH .  ? A HOH 268 ? 1_555 99.6  ? 
73  O   ? K HOH .  ? A HOH 240 ? 1_555 MN ? G MN . ? A MN 106 ? 1_555 O   ? K HOH .  ? A HOH 268 ? 1_555 91.1  ? 
74  O   ? K HOH .  ? A HOH 253 ? 1_555 MN ? G MN . ? A MN 106 ? 1_555 O   ? K HOH .  ? A HOH 268 ? 1_555 77.8  ? 
75  O   ? K HOH .  ? A HOH 264 ? 1_555 MN ? G MN . ? A MN 106 ? 1_555 O   ? K HOH .  ? A HOH 268 ? 1_555 160.9 ? 
76  N7  ? A G   41 ? A G   41  ? 1_555 MN ? H MN . ? A MN 107 ? 1_555 O   ? K HOH .  ? A HOH 202 ? 1_555 77.7  ? 
77  N7  ? A G   41 ? A G   41  ? 1_555 MN ? H MN . ? A MN 107 ? 1_555 O   ? K HOH .  ? A HOH 220 ? 1_555 85.8  ? 
78  O   ? K HOH .  ? A HOH 202 ? 1_555 MN ? H MN . ? A MN 107 ? 1_555 O   ? K HOH .  ? A HOH 220 ? 1_555 98.4  ? 
79  N7  ? A G   41 ? A G   41  ? 1_555 MN ? H MN . ? A MN 107 ? 1_555 O   ? K HOH .  ? A HOH 244 ? 1_555 92.3  ? 
80  O   ? K HOH .  ? A HOH 202 ? 1_555 MN ? H MN . ? A MN 107 ? 1_555 O   ? K HOH .  ? A HOH 244 ? 1_555 158.2 ? 
81  O   ? K HOH .  ? A HOH 220 ? 1_555 MN ? H MN . ? A MN 107 ? 1_555 O   ? K HOH .  ? A HOH 244 ? 1_555 100.1 ? 
82  N7  ? A G   41 ? A G   41  ? 1_555 MN ? H MN . ? A MN 107 ? 1_555 O   ? K HOH .  ? A HOH 256 ? 1_555 109.0 ? 
83  O   ? K HOH .  ? A HOH 202 ? 1_555 MN ? H MN . ? A MN 107 ? 1_555 O   ? K HOH .  ? A HOH 256 ? 1_555 85.1  ? 
84  O   ? K HOH .  ? A HOH 220 ? 1_555 MN ? H MN . ? A MN 107 ? 1_555 O   ? K HOH .  ? A HOH 256 ? 1_555 165.2 ? 
85  O   ? K HOH .  ? A HOH 244 ? 1_555 MN ? H MN . ? A MN 107 ? 1_555 O   ? K HOH .  ? A HOH 256 ? 1_555 79.9  ? 
86  N7  ? A G   41 ? A G   41  ? 1_555 MN ? H MN . ? A MN 107 ? 1_555 O   ? K HOH .  ? A HOH 284 ? 1_555 161.9 ? 
87  O   ? K HOH .  ? A HOH 202 ? 1_555 MN ? H MN . ? A MN 107 ? 1_555 O   ? K HOH .  ? A HOH 284 ? 1_555 119.7 ? 
88  O   ? K HOH .  ? A HOH 220 ? 1_555 MN ? H MN . ? A MN 107 ? 1_555 O   ? K HOH .  ? A HOH 284 ? 1_555 86.3  ? 
89  O   ? K HOH .  ? A HOH 244 ? 1_555 MN ? H MN . ? A MN 107 ? 1_555 O   ? K HOH .  ? A HOH 284 ? 1_555 73.1  ? 
90  O   ? K HOH .  ? A HOH 256 ? 1_555 MN ? H MN . ? A MN 107 ? 1_555 O   ? K HOH .  ? A HOH 284 ? 1_555 79.5  ? 
91  OP2 ? A U   42 ? A U   42  ? 1_555 MN ? D MN . ? A MN 103 ? 1_555 O   ? K HOH .  ? A HOH 223 ? 1_555 178.1 ? 
92  OP2 ? A U   42 ? A U   42  ? 1_555 MN ? D MN . ? A MN 103 ? 1_555 O   ? K HOH .  ? A HOH 249 ? 1_555 93.3  ? 
93  O   ? K HOH .  ? A HOH 223 ? 1_555 MN ? D MN . ? A MN 103 ? 1_555 O   ? K HOH .  ? A HOH 249 ? 1_555 86.8  ? 
94  OP2 ? A U   42 ? A U   42  ? 1_555 MN ? D MN . ? A MN 103 ? 1_555 O   ? K HOH .  ? A HOH 258 ? 1_555 96.1  ? 
95  O   ? K HOH .  ? A HOH 223 ? 1_555 MN ? D MN . ? A MN 103 ? 1_555 O   ? K HOH .  ? A HOH 258 ? 1_555 82.1  ? 
96  O   ? K HOH .  ? A HOH 249 ? 1_555 MN ? D MN . ? A MN 103 ? 1_555 O   ? K HOH .  ? A HOH 258 ? 1_555 86.9  ? 
97  OP2 ? A U   42 ? A U   42  ? 1_555 MN ? D MN . ? A MN 103 ? 1_555 O   ? K HOH .  ? A HOH 265 ? 1_555 89.5  ? 
98  O   ? K HOH .  ? A HOH 223 ? 1_555 MN ? D MN . ? A MN 103 ? 1_555 O   ? K HOH .  ? A HOH 265 ? 1_555 90.0  ? 
99  O   ? K HOH .  ? A HOH 249 ? 1_555 MN ? D MN . ? A MN 103 ? 1_555 O   ? K HOH .  ? A HOH 265 ? 1_555 168.3 ? 
100 O   ? K HOH .  ? A HOH 258 ? 1_555 MN ? D MN . ? A MN 103 ? 1_555 O   ? K HOH .  ? A HOH 265 ? 1_555 81.5  ? 
101 OP2 ? A U   42 ? A U   42  ? 1_555 MN ? D MN . ? A MN 103 ? 1_555 O   ? K HOH .  ? A HOH 278 ? 1_555 108.8 ? 
102 O   ? K HOH .  ? A HOH 223 ? 1_555 MN ? D MN . ? A MN 103 ? 1_555 O   ? K HOH .  ? A HOH 278 ? 1_555 73.1  ? 
103 O   ? K HOH .  ? A HOH 249 ? 1_555 MN ? D MN . ? A MN 103 ? 1_555 O   ? K HOH .  ? A HOH 278 ? 1_555 87.3  ? 
104 O   ? K HOH .  ? A HOH 258 ? 1_555 MN ? D MN . ? A MN 103 ? 1_555 O   ? K HOH .  ? A HOH 278 ? 1_555 154.8 ? 
105 O   ? K HOH .  ? A HOH 265 ? 1_555 MN ? D MN . ? A MN 103 ? 1_555 O   ? K HOH .  ? A HOH 278 ? 1_555 102.5 ? 
106 O   ? K HOH .  ? A HOH 262 ? 1_555 MG ? J MG . ? A MG 109 ? 1_555 O   ? K HOH .  ? A HOH 275 ? 1_555 96.0  ? 
107 O   ? K HOH .  ? A HOH 262 ? 1_555 MG ? J MG . ? A MG 109 ? 1_555 O   ? K HOH .  ? A HOH 276 ? 1_555 105.0 ? 
108 O   ? K HOH .  ? A HOH 275 ? 1_555 MG ? J MG . ? A MG 109 ? 1_555 O   ? K HOH .  ? A HOH 276 ? 1_555 115.4 ? 
109 O   ? K HOH .  ? A HOH 262 ? 1_555 MG ? J MG . ? A MG 109 ? 1_555 O   ? K HOH .  ? A HOH 280 ? 1_555 76.8  ? 
110 O   ? K HOH .  ? A HOH 275 ? 1_555 MG ? J MG . ? A MG 109 ? 1_555 O   ? K HOH .  ? A HOH 280 ? 1_555 109.9 ? 
111 O   ? K HOH .  ? A HOH 276 ? 1_555 MG ? J MG . ? A MG 109 ? 1_555 O   ? K HOH .  ? A HOH 280 ? 1_555 134.1 ? 
112 O   ? K HOH .  ? A HOH 262 ? 1_555 MG ? J MG . ? A MG 109 ? 1_555 O   ? K HOH .  ? A HOH 282 ? 1_555 65.8  ? 
113 O   ? K HOH .  ? A HOH 275 ? 1_555 MG ? J MG . ? A MG 109 ? 1_555 O   ? K HOH .  ? A HOH 282 ? 1_555 55.7  ? 
114 O   ? K HOH .  ? A HOH 276 ? 1_555 MG ? J MG . ? A MG 109 ? 1_555 O   ? K HOH .  ? A HOH 282 ? 1_555 164.2 ? 
115 O   ? K HOH .  ? A HOH 280 ? 1_555 MG ? J MG . ? A MG 109 ? 1_555 O   ? K HOH .  ? A HOH 282 ? 1_555 58.4  ? 
116 O   ? K HOH .  ? A HOH 262 ? 1_555 MG ? J MG . ? A MG 109 ? 1_555 O   ? K HOH .  ? A HOH 283 ? 1_555 129.7 ? 
117 O   ? K HOH .  ? A HOH 275 ? 1_555 MG ? J MG . ? A MG 109 ? 1_555 O   ? K HOH .  ? A HOH 283 ? 1_555 56.0  ? 
118 O   ? K HOH .  ? A HOH 276 ? 1_555 MG ? J MG . ? A MG 109 ? 1_555 O   ? K HOH .  ? A HOH 283 ? 1_555 124.3 ? 
119 O   ? K HOH .  ? A HOH 280 ? 1_555 MG ? J MG . ? A MG 109 ? 1_555 O   ? K HOH .  ? A HOH 283 ? 1_555 76.1  ? 
120 O   ? K HOH .  ? A HOH 282 ? 1_555 MG ? J MG . ? A MG 109 ? 1_555 O   ? K HOH .  ? A HOH 283 ? 1_555 63.9  ? 
# 
loop_
_pdbx_audit_revision_history.ordinal 
_pdbx_audit_revision_history.data_content_type 
_pdbx_audit_revision_history.major_revision 
_pdbx_audit_revision_history.minor_revision 
_pdbx_audit_revision_history.revision_date 
1 'Structure model' 1 0 2021-11-24 
2 'Structure model' 1 1 2022-02-16 
3 'Structure model' 1 2 2023-11-29 
# 
_pdbx_audit_revision_details.ordinal             1 
_pdbx_audit_revision_details.revision_ordinal    1 
_pdbx_audit_revision_details.data_content_type   'Structure model' 
_pdbx_audit_revision_details.provider            repository 
_pdbx_audit_revision_details.type                'Initial release' 
_pdbx_audit_revision_details.description         ? 
_pdbx_audit_revision_details.details             ? 
# 
loop_
_pdbx_audit_revision_group.ordinal 
_pdbx_audit_revision_group.revision_ordinal 
_pdbx_audit_revision_group.data_content_type 
_pdbx_audit_revision_group.group 
1 2 'Structure model' 'Database references'    
2 3 'Structure model' 'Data collection'        
3 3 'Structure model' 'Refinement description' 
# 
loop_
_pdbx_audit_revision_category.ordinal 
_pdbx_audit_revision_category.revision_ordinal 
_pdbx_audit_revision_category.data_content_type 
_pdbx_audit_revision_category.category 
1 2 'Structure model' citation                      
2 2 'Structure model' citation_author               
3 3 'Structure model' chem_comp_atom                
4 3 'Structure model' chem_comp_bond                
5 3 'Structure model' pdbx_initial_refinement_model 
# 
loop_
_pdbx_audit_revision_item.ordinal 
_pdbx_audit_revision_item.revision_ordinal 
_pdbx_audit_revision_item.data_content_type 
_pdbx_audit_revision_item.item 
1 2 'Structure model' '_citation.journal_volume'          
2 2 'Structure model' '_citation.page_first'              
3 2 'Structure model' '_citation.page_last'               
4 2 'Structure model' '_citation_author.identifier_ORCID' 
# 
loop_
_software.citation_id 
_software.classification 
_software.compiler_name 
_software.compiler_version 
_software.contact_author 
_software.contact_author_email 
_software.date 
_software.description 
_software.dependencies 
_software.hardware 
_software.language 
_software.location 
_software.mods 
_software.name 
_software.os 
_software.os_version 
_software.type 
_software.version 
_software.pdbx_ordinal 
? 'data scaling'    ? ? ? ? ? ? ? ? ? ? ? HKL-2000    ? ? ? .         1 
? refinement        ? ? ? ? ? ? ? ? ? ? ? PHENIX      ? ? ? 1.14_3260 2 
? 'data extraction' ? ? ? ? ? ? ? ? ? ? ? PDB_EXTRACT ? ? ? 3.27      3 
? 'data reduction'  ? ? ? ? ? ? ? ? ? ? ? HKL-3000    ? ? ? .         4 
? phasing           ? ? ? ? ? ? ? ? ? ? ? PHASER      ? ? ? .         5 
# 
_pdbx_entry_details.entry_id                 7EOI 
_pdbx_entry_details.has_ligand_of_interest   Y 
_pdbx_entry_details.compound_details         ? 
_pdbx_entry_details.source_details           ? 
_pdbx_entry_details.nonpolymer_details       ? 
_pdbx_entry_details.sequence_details         ? 
# 
loop_
_pdbx_validate_close_contact.id 
_pdbx_validate_close_contact.PDB_model_num 
_pdbx_validate_close_contact.auth_atom_id_1 
_pdbx_validate_close_contact.auth_asym_id_1 
_pdbx_validate_close_contact.auth_comp_id_1 
_pdbx_validate_close_contact.auth_seq_id_1 
_pdbx_validate_close_contact.PDB_ins_code_1 
_pdbx_validate_close_contact.label_alt_id_1 
_pdbx_validate_close_contact.auth_atom_id_2 
_pdbx_validate_close_contact.auth_asym_id_2 
_pdbx_validate_close_contact.auth_comp_id_2 
_pdbx_validate_close_contact.auth_seq_id_2 
_pdbx_validate_close_contact.PDB_ins_code_2 
_pdbx_validate_close_contact.label_alt_id_2 
_pdbx_validate_close_contact.dist 
1  1 O   A HOH 275 ? ? O A HOH 282 ? ? 1.82 
2  1 O   A HOH 275 ? ? O A HOH 283 ? ? 1.93 
3  1 O   A HOH 239 ? ? O A HOH 270 ? ? 2.03 
4  1 OP1 A U   35  ? ? O A HOH 201 ? ? 2.04 
5  1 O   A HOH 280 ? ? O A HOH 282 ? ? 2.05 
6  1 O23 A J8F 101 ? ? O A HOH 202 ? ? 2.07 
7  1 O   A HOH 225 ? ? O A HOH 278 ? ? 2.16 
8  1 O   A HOH 262 ? ? O A HOH 282 ? ? 2.17 
9  1 OP1 A U   32  ? ? O A HOH 203 ? ? 2.17 
10 1 O   A HOH 207 ? ? O A HOH 275 ? ? 2.18 
11 1 O   A HOH 225 ? ? O A HOH 250 ? ? 2.19 
12 1 O   A HOH 234 ? ? O A HOH 239 ? ? 2.19 
# 
loop_
_pdbx_validate_symm_contact.id 
_pdbx_validate_symm_contact.PDB_model_num 
_pdbx_validate_symm_contact.auth_atom_id_1 
_pdbx_validate_symm_contact.auth_asym_id_1 
_pdbx_validate_symm_contact.auth_comp_id_1 
_pdbx_validate_symm_contact.auth_seq_id_1 
_pdbx_validate_symm_contact.PDB_ins_code_1 
_pdbx_validate_symm_contact.label_alt_id_1 
_pdbx_validate_symm_contact.site_symmetry_1 
_pdbx_validate_symm_contact.auth_atom_id_2 
_pdbx_validate_symm_contact.auth_asym_id_2 
_pdbx_validate_symm_contact.auth_comp_id_2 
_pdbx_validate_symm_contact.auth_seq_id_2 
_pdbx_validate_symm_contact.PDB_ins_code_2 
_pdbx_validate_symm_contact.label_alt_id_2 
_pdbx_validate_symm_contact.site_symmetry_2 
_pdbx_validate_symm_contact.dist 
1 1 O A HOH 201 ? ? 1_555 O A HOH 211 ? ? 4_555 1.97 
2 1 O A HOH 267 ? ? 1_555 O A HOH 273 ? ? 2_554 1.98 
3 1 O A HOH 222 ? ? 1_555 O A HOH 236 ? ? 2_555 2.18 
# 
loop_
_chem_comp_atom.comp_id 
_chem_comp_atom.atom_id 
_chem_comp_atom.type_symbol 
_chem_comp_atom.pdbx_aromatic_flag 
_chem_comp_atom.pdbx_stereo_config 
_chem_comp_atom.pdbx_ordinal 
A   OP3    O  N N 1   
A   P      P  N N 2   
A   OP1    O  N N 3   
A   OP2    O  N N 4   
A   "O5'"  O  N N 5   
A   "C5'"  C  N N 6   
A   "C4'"  C  N R 7   
A   "O4'"  O  N N 8   
A   "C3'"  C  N S 9   
A   "O3'"  O  N N 10  
A   "C2'"  C  N R 11  
A   "O2'"  O  N N 12  
A   "C1'"  C  N R 13  
A   N9     N  Y N 14  
A   C8     C  Y N 15  
A   N7     N  Y N 16  
A   C5     C  Y N 17  
A   C6     C  Y N 18  
A   N6     N  N N 19  
A   N1     N  Y N 20  
A   C2     C  Y N 21  
A   N3     N  Y N 22  
A   C4     C  Y N 23  
A   HOP3   H  N N 24  
A   HOP2   H  N N 25  
A   "H5'"  H  N N 26  
A   "H5''" H  N N 27  
A   "H4'"  H  N N 28  
A   "H3'"  H  N N 29  
A   "HO3'" H  N N 30  
A   "H2'"  H  N N 31  
A   "HO2'" H  N N 32  
A   "H1'"  H  N N 33  
A   H8     H  N N 34  
A   H61    H  N N 35  
A   H62    H  N N 36  
A   H2     H  N N 37  
C   OP3    O  N N 38  
C   P      P  N N 39  
C   OP1    O  N N 40  
C   OP2    O  N N 41  
C   "O5'"  O  N N 42  
C   "C5'"  C  N N 43  
C   "C4'"  C  N R 44  
C   "O4'"  O  N N 45  
C   "C3'"  C  N S 46  
C   "O3'"  O  N N 47  
C   "C2'"  C  N R 48  
C   "O2'"  O  N N 49  
C   "C1'"  C  N R 50  
C   N1     N  N N 51  
C   C2     C  N N 52  
C   O2     O  N N 53  
C   N3     N  N N 54  
C   C4     C  N N 55  
C   N4     N  N N 56  
C   C5     C  N N 57  
C   C6     C  N N 58  
C   HOP3   H  N N 59  
C   HOP2   H  N N 60  
C   "H5'"  H  N N 61  
C   "H5''" H  N N 62  
C   "H4'"  H  N N 63  
C   "H3'"  H  N N 64  
C   "HO3'" H  N N 65  
C   "H2'"  H  N N 66  
C   "HO2'" H  N N 67  
C   "H1'"  H  N N 68  
C   H41    H  N N 69  
C   H42    H  N N 70  
C   H5     H  N N 71  
C   H6     H  N N 72  
G   OP3    O  N N 73  
G   P      P  N N 74  
G   OP1    O  N N 75  
G   OP2    O  N N 76  
G   "O5'"  O  N N 77  
G   "C5'"  C  N N 78  
G   "C4'"  C  N R 79  
G   "O4'"  O  N N 80  
G   "C3'"  C  N S 81  
G   "O3'"  O  N N 82  
G   "C2'"  C  N R 83  
G   "O2'"  O  N N 84  
G   "C1'"  C  N R 85  
G   N9     N  Y N 86  
G   C8     C  Y N 87  
G   N7     N  Y N 88  
G   C5     C  Y N 89  
G   C6     C  N N 90  
G   O6     O  N N 91  
G   N1     N  N N 92  
G   C2     C  N N 93  
G   N2     N  N N 94  
G   N3     N  N N 95  
G   C4     C  Y N 96  
G   HOP3   H  N N 97  
G   HOP2   H  N N 98  
G   "H5'"  H  N N 99  
G   "H5''" H  N N 100 
G   "H4'"  H  N N 101 
G   "H3'"  H  N N 102 
G   "HO3'" H  N N 103 
G   "H2'"  H  N N 104 
G   "HO2'" H  N N 105 
G   "H1'"  H  N N 106 
G   H8     H  N N 107 
G   H1     H  N N 108 
G   H21    H  N N 109 
G   H22    H  N N 110 
HOH O      O  N N 111 
HOH H1     H  N N 112 
HOH H2     H  N N 113 
J8F C10    C  N N 114 
J8F N12    N  N N 115 
J8F C13    C  Y N 116 
J8F C15    C  Y N 117 
J8F C17    C  Y N 118 
J8F C20    C  N N 119 
J8F C21    C  N N 120 
J8F C01    C  Y N 121 
J8F C02    C  Y N 122 
J8F C03    C  Y N 123 
J8F C04    C  Y N 124 
J8F C05    C  Y N 125 
J8F C06    C  Y N 126 
J8F C07    C  N N 127 
J8F C09    C  N N 128 
J8F C11    C  N N 129 
J8F C14    C  Y N 130 
J8F C16    C  Y N 131 
J8F C18    C  Y N 132 
J8F C19    C  N N 133 
J8F N08    N  N N 134 
J8F N22    N  N N 135 
J8F O23    O  N N 136 
J8F H1     H  N N 137 
J8F H2     H  N N 138 
J8F H3     H  N N 139 
J8F H4     H  N N 140 
J8F H5     H  N N 141 
J8F H6     H  N N 142 
J8F H7     H  N N 143 
J8F H8     H  N N 144 
J8F H9     H  N N 145 
J8F H10    H  N N 146 
J8F H11    H  N N 147 
J8F H12    H  N N 148 
J8F H13    H  N N 149 
J8F H14    H  N N 150 
J8F H15    H  N N 151 
J8F H16    H  N N 152 
J8F H17    H  N N 153 
MG  MG     MG N N 154 
MN  MN     MN N N 155 
U   OP3    O  N N 156 
U   P      P  N N 157 
U   OP1    O  N N 158 
U   OP2    O  N N 159 
U   "O5'"  O  N N 160 
U   "C5'"  C  N N 161 
U   "C4'"  C  N R 162 
U   "O4'"  O  N N 163 
U   "C3'"  C  N S 164 
U   "O3'"  O  N N 165 
U   "C2'"  C  N R 166 
U   "O2'"  O  N N 167 
U   "C1'"  C  N R 168 
U   N1     N  N N 169 
U   C2     C  N N 170 
U   O2     O  N N 171 
U   N3     N  N N 172 
U   C4     C  N N 173 
U   O4     O  N N 174 
U   C5     C  N N 175 
U   C6     C  N N 176 
U   HOP3   H  N N 177 
U   HOP2   H  N N 178 
U   "H5'"  H  N N 179 
U   "H5''" H  N N 180 
U   "H4'"  H  N N 181 
U   "H3'"  H  N N 182 
U   "HO3'" H  N N 183 
U   "H2'"  H  N N 184 
U   "HO2'" H  N N 185 
U   "H1'"  H  N N 186 
U   H3     H  N N 187 
U   H5     H  N N 188 
U   H6     H  N N 189 
# 
loop_
_chem_comp_bond.comp_id 
_chem_comp_bond.atom_id_1 
_chem_comp_bond.atom_id_2 
_chem_comp_bond.value_order 
_chem_comp_bond.pdbx_aromatic_flag 
_chem_comp_bond.pdbx_stereo_config 
_chem_comp_bond.pdbx_ordinal 
A   OP3   P      sing N N 1   
A   OP3   HOP3   sing N N 2   
A   P     OP1    doub N N 3   
A   P     OP2    sing N N 4   
A   P     "O5'"  sing N N 5   
A   OP2   HOP2   sing N N 6   
A   "O5'" "C5'"  sing N N 7   
A   "C5'" "C4'"  sing N N 8   
A   "C5'" "H5'"  sing N N 9   
A   "C5'" "H5''" sing N N 10  
A   "C4'" "O4'"  sing N N 11  
A   "C4'" "C3'"  sing N N 12  
A   "C4'" "H4'"  sing N N 13  
A   "O4'" "C1'"  sing N N 14  
A   "C3'" "O3'"  sing N N 15  
A   "C3'" "C2'"  sing N N 16  
A   "C3'" "H3'"  sing N N 17  
A   "O3'" "HO3'" sing N N 18  
A   "C2'" "O2'"  sing N N 19  
A   "C2'" "C1'"  sing N N 20  
A   "C2'" "H2'"  sing N N 21  
A   "O2'" "HO2'" sing N N 22  
A   "C1'" N9     sing N N 23  
A   "C1'" "H1'"  sing N N 24  
A   N9    C8     sing Y N 25  
A   N9    C4     sing Y N 26  
A   C8    N7     doub Y N 27  
A   C8    H8     sing N N 28  
A   N7    C5     sing Y N 29  
A   C5    C6     sing Y N 30  
A   C5    C4     doub Y N 31  
A   C6    N6     sing N N 32  
A   C6    N1     doub Y N 33  
A   N6    H61    sing N N 34  
A   N6    H62    sing N N 35  
A   N1    C2     sing Y N 36  
A   C2    N3     doub Y N 37  
A   C2    H2     sing N N 38  
A   N3    C4     sing Y N 39  
C   OP3   P      sing N N 40  
C   OP3   HOP3   sing N N 41  
C   P     OP1    doub N N 42  
C   P     OP2    sing N N 43  
C   P     "O5'"  sing N N 44  
C   OP2   HOP2   sing N N 45  
C   "O5'" "C5'"  sing N N 46  
C   "C5'" "C4'"  sing N N 47  
C   "C5'" "H5'"  sing N N 48  
C   "C5'" "H5''" sing N N 49  
C   "C4'" "O4'"  sing N N 50  
C   "C4'" "C3'"  sing N N 51  
C   "C4'" "H4'"  sing N N 52  
C   "O4'" "C1'"  sing N N 53  
C   "C3'" "O3'"  sing N N 54  
C   "C3'" "C2'"  sing N N 55  
C   "C3'" "H3'"  sing N N 56  
C   "O3'" "HO3'" sing N N 57  
C   "C2'" "O2'"  sing N N 58  
C   "C2'" "C1'"  sing N N 59  
C   "C2'" "H2'"  sing N N 60  
C   "O2'" "HO2'" sing N N 61  
C   "C1'" N1     sing N N 62  
C   "C1'" "H1'"  sing N N 63  
C   N1    C2     sing N N 64  
C   N1    C6     sing N N 65  
C   C2    O2     doub N N 66  
C   C2    N3     sing N N 67  
C   N3    C4     doub N N 68  
C   C4    N4     sing N N 69  
C   C4    C5     sing N N 70  
C   N4    H41    sing N N 71  
C   N4    H42    sing N N 72  
C   C5    C6     doub N N 73  
C   C5    H5     sing N N 74  
C   C6    H6     sing N N 75  
G   OP3   P      sing N N 76  
G   OP3   HOP3   sing N N 77  
G   P     OP1    doub N N 78  
G   P     OP2    sing N N 79  
G   P     "O5'"  sing N N 80  
G   OP2   HOP2   sing N N 81  
G   "O5'" "C5'"  sing N N 82  
G   "C5'" "C4'"  sing N N 83  
G   "C5'" "H5'"  sing N N 84  
G   "C5'" "H5''" sing N N 85  
G   "C4'" "O4'"  sing N N 86  
G   "C4'" "C3'"  sing N N 87  
G   "C4'" "H4'"  sing N N 88  
G   "O4'" "C1'"  sing N N 89  
G   "C3'" "O3'"  sing N N 90  
G   "C3'" "C2'"  sing N N 91  
G   "C3'" "H3'"  sing N N 92  
G   "O3'" "HO3'" sing N N 93  
G   "C2'" "O2'"  sing N N 94  
G   "C2'" "C1'"  sing N N 95  
G   "C2'" "H2'"  sing N N 96  
G   "O2'" "HO2'" sing N N 97  
G   "C1'" N9     sing N N 98  
G   "C1'" "H1'"  sing N N 99  
G   N9    C8     sing Y N 100 
G   N9    C4     sing Y N 101 
G   C8    N7     doub Y N 102 
G   C8    H8     sing N N 103 
G   N7    C5     sing Y N 104 
G   C5    C6     sing N N 105 
G   C5    C4     doub Y N 106 
G   C6    O6     doub N N 107 
G   C6    N1     sing N N 108 
G   N1    C2     sing N N 109 
G   N1    H1     sing N N 110 
G   C2    N2     sing N N 111 
G   C2    N3     doub N N 112 
G   N2    H21    sing N N 113 
G   N2    H22    sing N N 114 
G   N3    C4     sing N N 115 
HOH O     H1     sing N N 116 
HOH O     H2     sing N N 117 
J8F C19   C21    sing N N 118 
J8F C19   N22    sing N N 119 
J8F C21   O23    sing N N 120 
J8F C17   C18    doub Y N 121 
J8F C17   C16    sing Y N 122 
J8F N22   C16    sing N N 123 
J8F N22   C20    sing N N 124 
J8F C18   C13    sing Y N 125 
J8F C16   C15    doub Y N 126 
J8F C13   C10    sing N N 127 
J8F C13   C14    doub Y N 128 
J8F C15   C14    sing Y N 129 
J8F C10   C09    doub N Z 130 
J8F C02   C01    doub Y N 131 
J8F C02   C03    sing Y N 132 
J8F C01   C06    sing Y N 133 
J8F C09   C03    sing N N 134 
J8F C09   C11    sing N N 135 
J8F C03   C04    doub Y N 136 
J8F C06   C07    sing N N 137 
J8F C06   C05    doub Y N 138 
J8F C11   N12    trip N N 139 
J8F C07   N08    trip N N 140 
J8F C04   C05    sing Y N 141 
J8F C10   H1     sing N N 142 
J8F C15   H2     sing N N 143 
J8F C17   H3     sing N N 144 
J8F C20   H4     sing N N 145 
J8F C20   H5     sing N N 146 
J8F C20   H6     sing N N 147 
J8F C21   H7     sing N N 148 
J8F C21   H8     sing N N 149 
J8F C01   H9     sing N N 150 
J8F C02   H10    sing N N 151 
J8F C04   H11    sing N N 152 
J8F C05   H12    sing N N 153 
J8F C14   H13    sing N N 154 
J8F C18   H14    sing N N 155 
J8F C19   H15    sing N N 156 
J8F C19   H16    sing N N 157 
J8F O23   H17    sing N N 158 
U   OP3   P      sing N N 159 
U   OP3   HOP3   sing N N 160 
U   P     OP1    doub N N 161 
U   P     OP2    sing N N 162 
U   P     "O5'"  sing N N 163 
U   OP2   HOP2   sing N N 164 
U   "O5'" "C5'"  sing N N 165 
U   "C5'" "C4'"  sing N N 166 
U   "C5'" "H5'"  sing N N 167 
U   "C5'" "H5''" sing N N 168 
U   "C4'" "O4'"  sing N N 169 
U   "C4'" "C3'"  sing N N 170 
U   "C4'" "H4'"  sing N N 171 
U   "O4'" "C1'"  sing N N 172 
U   "C3'" "O3'"  sing N N 173 
U   "C3'" "C2'"  sing N N 174 
U   "C3'" "H3'"  sing N N 175 
U   "O3'" "HO3'" sing N N 176 
U   "C2'" "O2'"  sing N N 177 
U   "C2'" "C1'"  sing N N 178 
U   "C2'" "H2'"  sing N N 179 
U   "O2'" "HO2'" sing N N 180 
U   "C1'" N1     sing N N 181 
U   "C1'" "H1'"  sing N N 182 
U   N1    C2     sing N N 183 
U   N1    C6     sing N N 184 
U   C2    O2     doub N N 185 
U   C2    N3     sing N N 186 
U   N3    C4     sing N N 187 
U   N3    H3     sing N N 188 
U   C4    O4     doub N N 189 
U   C4    C5     sing N N 190 
U   C5    C6     doub N N 191 
U   C5    H5     sing N N 192 
U   C6    H6     sing N N 193 
# 
loop_
_ndb_struct_conf_na.entry_id 
_ndb_struct_conf_na.feature 
7EOI 'double helix'         
7EOI 'a-form double helix'  
7EOI 'hairpin loop'         
7EOI 'bulge loop'           
7EOI 'mismatched base pair' 
7EOI 'internal loop'        
7EOI 'triple helix'         
# 
loop_
_ndb_struct_na_base_pair.model_number 
_ndb_struct_na_base_pair.i_label_asym_id 
_ndb_struct_na_base_pair.i_label_comp_id 
_ndb_struct_na_base_pair.i_label_seq_id 
_ndb_struct_na_base_pair.i_symmetry 
_ndb_struct_na_base_pair.j_label_asym_id 
_ndb_struct_na_base_pair.j_label_comp_id 
_ndb_struct_na_base_pair.j_label_seq_id 
_ndb_struct_na_base_pair.j_symmetry 
_ndb_struct_na_base_pair.shear 
_ndb_struct_na_base_pair.stretch 
_ndb_struct_na_base_pair.stagger 
_ndb_struct_na_base_pair.buckle 
_ndb_struct_na_base_pair.propeller 
_ndb_struct_na_base_pair.opening 
_ndb_struct_na_base_pair.pair_number 
_ndb_struct_na_base_pair.pair_name 
_ndb_struct_na_base_pair.i_auth_asym_id 
_ndb_struct_na_base_pair.i_auth_seq_id 
_ndb_struct_na_base_pair.i_PDB_ins_code 
_ndb_struct_na_base_pair.j_auth_asym_id 
_ndb_struct_na_base_pair.j_auth_seq_id 
_ndb_struct_na_base_pair.j_PDB_ins_code 
_ndb_struct_na_base_pair.hbond_type_28 
_ndb_struct_na_base_pair.hbond_type_12 
1 A G 1  1_555 A C 49 1_555 0.018  0.035  0.159  1.779   -6.700  1.930   1  A_G1:C49_A  A 1  ? A 49 ? 19 1 
1 A G 2  1_555 A C 48 1_555 -0.321 -0.196 -0.146 2.876   -18.189 0.714   2  A_G2:C48_A  A 2  ? A 48 ? 19 1 
1 A C 3  1_555 A G 47 1_555 0.595  -0.124 -0.145 9.721   -12.208 1.845   3  A_C3:G47_A  A 3  ? A 47 ? 19 1 
1 A G 4  1_555 A C 46 1_555 -0.204 -0.199 0.039  -8.836  -18.420 1.673   4  A_G4:C46_A  A 4  ? A 46 ? 19 1 
1 A C 5  1_555 A G 45 1_555 0.202  -0.136 0.376  -13.911 -16.073 -3.615  5  A_C5:G45_A  A 5  ? A 45 ? 19 1 
1 A C 7  1_555 A G 44 1_555 0.182  0.059  -0.010 -4.382  -1.949  5.362   6  A_C7:G44_A  A 7  ? A 44 ? 19 1 
1 A U 8  1_555 A U 42 1_555 2.217  -1.843 0.346  -4.925  -16.427 9.248   7  A_U8:U42_A  A 8  ? A 42 ? 16 1 
1 A G 9  1_555 A C 33 1_555 -0.033 5.292  0.384  21.413  24.366  126.564 8  A_G9:C33_A  A 9  ? A 33 ? 22 2 
1 A G 10 1_555 A U 40 1_555 -2.522 -0.727 0.125  7.779   -1.888  -8.917  9  A_G10:U40_A A 10 ? A 40 ? 28 1 
1 A C 11 1_555 A G 39 1_555 0.023  -0.146 -0.076 11.900  -12.341 -1.173  10 A_C11:G39_A A 11 ? A 39 ? 19 1 
1 A G 12 1_555 A C 38 1_555 -0.520 -0.360 -0.406 -4.979  -16.493 -0.331  11 A_G12:C38_A A 12 ? A 38 ? 19 1 
1 A C 13 1_555 A G 37 1_555 0.276  0.017  0.301  -6.207  -18.400 4.000   12 A_C13:G37_A A 13 ? A 37 ? 19 1 
1 A U 14 1_555 A A 36 1_555 0.429  0.052  0.400  -7.018  -10.315 -1.738  13 A_U14:A36_A A 14 ? A 36 ? 20 1 
1 A G 15 1_555 A C 28 1_555 -0.293 0.022  0.491  5.467   -4.265  5.521   14 A_G15:C28_A A 15 ? A 28 ? 19 1 
1 A C 16 1_555 A G 27 1_555 0.438  -0.132 -0.128 5.339   -14.746 3.969   15 A_C16:G27_A A 16 ? A 27 ? 19 1 
1 A G 17 1_555 A C 26 1_555 0.057  -0.338 -0.023 -3.983  -15.733 -0.047  16 A_G17:C26_A A 17 ? A 26 ? 19 1 
1 A C 18 1_555 A G 25 1_555 1.221  -0.271 0.214  0.300   -9.489  4.594   17 A_C18:G25_A A 18 ? A 25 ? 19 1 
1 A C 19 1_555 A G 24 1_555 -0.299 -0.343 0.575  -3.792  -18.990 -6.441  18 A_C19:G24_A A 19 ? A 24 ? 19 1 
1 A U 20 1_555 A C 22 1_555 -0.422 2.698  -1.844 -34.677 2.331   -68.641 19 A_U20:C22_A A 20 ? A 22 ? ?  ? 
1 A U 32 1_555 A U 35 1_555 3.415  -0.107 -0.418 40.478  13.228  -89.102 20 A_U32:U35_A A 32 ? A 35 ? ?  ? 
# 
loop_
_ndb_struct_na_base_pair_step.model_number 
_ndb_struct_na_base_pair_step.i_label_asym_id_1 
_ndb_struct_na_base_pair_step.i_label_comp_id_1 
_ndb_struct_na_base_pair_step.i_label_seq_id_1 
_ndb_struct_na_base_pair_step.i_symmetry_1 
_ndb_struct_na_base_pair_step.j_label_asym_id_1 
_ndb_struct_na_base_pair_step.j_label_comp_id_1 
_ndb_struct_na_base_pair_step.j_label_seq_id_1 
_ndb_struct_na_base_pair_step.j_symmetry_1 
_ndb_struct_na_base_pair_step.i_label_asym_id_2 
_ndb_struct_na_base_pair_step.i_label_comp_id_2 
_ndb_struct_na_base_pair_step.i_label_seq_id_2 
_ndb_struct_na_base_pair_step.i_symmetry_2 
_ndb_struct_na_base_pair_step.j_label_asym_id_2 
_ndb_struct_na_base_pair_step.j_label_comp_id_2 
_ndb_struct_na_base_pair_step.j_label_seq_id_2 
_ndb_struct_na_base_pair_step.j_symmetry_2 
_ndb_struct_na_base_pair_step.shift 
_ndb_struct_na_base_pair_step.slide 
_ndb_struct_na_base_pair_step.rise 
_ndb_struct_na_base_pair_step.tilt 
_ndb_struct_na_base_pair_step.roll 
_ndb_struct_na_base_pair_step.twist 
_ndb_struct_na_base_pair_step.x_displacement 
_ndb_struct_na_base_pair_step.y_displacement 
_ndb_struct_na_base_pair_step.helical_rise 
_ndb_struct_na_base_pair_step.inclination 
_ndb_struct_na_base_pair_step.tip 
_ndb_struct_na_base_pair_step.helical_twist 
_ndb_struct_na_base_pair_step.step_number 
_ndb_struct_na_base_pair_step.step_name 
_ndb_struct_na_base_pair_step.i_auth_asym_id_1 
_ndb_struct_na_base_pair_step.i_auth_seq_id_1 
_ndb_struct_na_base_pair_step.i_PDB_ins_code_1 
_ndb_struct_na_base_pair_step.j_auth_asym_id_1 
_ndb_struct_na_base_pair_step.j_auth_seq_id_1 
_ndb_struct_na_base_pair_step.j_PDB_ins_code_1 
_ndb_struct_na_base_pair_step.i_auth_asym_id_2 
_ndb_struct_na_base_pair_step.i_auth_seq_id_2 
_ndb_struct_na_base_pair_step.i_PDB_ins_code_2 
_ndb_struct_na_base_pair_step.j_auth_asym_id_2 
_ndb_struct_na_base_pair_step.j_auth_seq_id_2 
_ndb_struct_na_base_pair_step.j_PDB_ins_code_2 
1 A G 1  1_555 A C 49 1_555 A G 2  1_555 A C 48 1_555 -0.253 -1.158 3.268 -0.637  11.234  32.597  -3.608  0.334  2.736  19.311  
1.094   34.435  1  AA_G1G2:C48C49_AA   A 1  ? A 49 ? A 2  ? A 48 ? 
1 A G 2  1_555 A C 48 1_555 A C 3  1_555 A G 47 1_555 0.424  -1.428 3.085 -0.509  4.505   34.260  -3.041  -0.785 2.873  7.607   
0.859   34.549  2  AA_G2C3:G47C48_AA   A 2  ? A 48 ? A 3  ? A 47 ? 
1 A C 3  1_555 A G 47 1_555 A G 4  1_555 A C 46 1_555 0.250  -1.874 3.496 2.401   15.564  29.676  -5.654  -0.062 2.272  28.040  
-4.326  33.512  3  AA_C3G4:C46G47_AA   A 3  ? A 47 ? A 4  ? A 46 ? 
1 A G 4  1_555 A C 46 1_555 A C 5  1_555 A G 45 1_555 -0.474 -1.312 3.265 -2.069  11.616  34.247  -3.653  0.489  2.714  19.039  
3.390   36.165  4  AA_G4C5:G45C46_AA   A 4  ? A 46 ? A 5  ? A 45 ? 
1 A C 5  1_555 A G 45 1_555 A C 7  1_555 A G 44 1_555 -1.121 -1.762 3.063 6.912   5.279   50.391  -2.369  1.726  2.712  6.147   
-8.049  51.088  5  AA_C5C7:G44G45_AA   A 5  ? A 45 ? A 7  ? A 44 ? 
1 A C 7  1_555 A G 44 1_555 A U 8  1_555 A U 42 1_555 2.342  -0.044 3.359 3.504   3.680   62.388  -0.216  -2.089 3.466  3.546   
-3.376  62.574  6  AA_C7U8:U42G44_AA   A 7  ? A 44 ? A 8  ? A 42 ? 
1 A U 8  1_555 A U 42 1_555 A G 9  1_555 A C 33 1_555 4.954  -1.899 4.467 -34.244 19.749  -10.001 -3.195  -3.154 6.192  -38.151 
-66.153 -40.727 7  AA_U8G9:C33U42_AA   A 8  ? A 42 ? A 9  ? A 33 ? 
1 A G 9  1_555 A C 33 1_555 A G 10 1_555 A U 40 1_555 -4.916 -3.091 0.704 33.918  -28.603 28.939  -3.627  5.388  -1.060 -37.715 
-44.722 52.570  8  AA_G9G10:U40C33_AA  A 9  ? A 33 ? A 10 ? A 40 ? 
1 A C 11 1_555 A G 39 1_555 A G 12 1_555 A C 38 1_555 -0.726 -1.877 3.637 0.418   12.762  30.602  -5.451  1.344  2.654  22.965  
-0.752  33.100  9  AA_C11G12:C38G39_AA A 11 ? A 39 ? A 12 ? A 38 ? 
1 A G 12 1_555 A C 38 1_555 A C 13 1_555 A G 37 1_555 0.506  -1.180 3.302 -2.141  6.467   35.468  -2.795  -1.112 3.013  10.496  
3.476   36.095  10 AA_G12C13:G37C38_AA A 12 ? A 38 ? A 13 ? A 37 ? 
1 A C 13 1_555 A G 37 1_555 A U 14 1_555 A A 36 1_555 -0.294 -1.141 3.087 -0.427  13.238  33.604  -3.503  0.421  2.480  21.871  
0.705   36.049  11 AA_C13U14:A36G37_AA A 13 ? A 37 ? A 14 ? A 36 ? 
1 A U 14 1_555 A A 36 1_555 A G 15 1_555 A C 28 1_555 -0.958 -3.350 2.619 0.100   9.444   2.216   -19.560 5.664  -2.672 76.820  
-0.814  9.701   12 AA_U14G15:C28A36_AA A 14 ? A 36 ? A 15 ? A 28 ? 
1 A G 15 1_555 A C 28 1_555 A C 16 1_555 A G 27 1_555 -0.330 -1.604 3.245 4.002   7.599   37.088  -3.369  0.985  2.824  11.754  
-6.190  38.035  13 AA_G15C16:G27C28_AA A 15 ? A 28 ? A 16 ? A 27 ? 
1 A C 16 1_555 A G 27 1_555 A G 17 1_555 A C 26 1_555 -0.260 -1.880 3.534 -0.759  9.705   24.906  -6.537  0.370  2.634  21.483  
1.681   26.713  14 AA_C16G17:C26G27_AA A 16 ? A 27 ? A 17 ? A 26 ? 
1 A G 17 1_555 A C 26 1_555 A C 18 1_555 A G 25 1_555 0.444  -1.536 3.092 -0.888  1.268   37.342  -2.553  -0.802 3.030  1.980   
1.387   37.373  15 AA_G17C18:G25C26_AA A 17 ? A 26 ? A 18 ? A 25 ? 
1 A C 18 1_555 A G 25 1_555 A C 19 1_555 A G 24 1_555 0.505  -1.763 3.036 6.200   8.852   28.881  -4.821  0.101  2.455  17.014  
-11.917 30.796  16 AA_C18C19:G24G25_AA A 18 ? A 25 ? A 19 ? A 24 ? 
1 A C 19 1_555 A G 24 1_555 A U 20 1_555 A C 22 1_555 -0.316 -2.493 4.592 13.329  6.618   57.835  -2.963  1.230  4.153  6.721   
-13.538 59.558  17 AA_C19U20:C22G24_AA A 19 ? A 24 ? A 20 ? A 22 ? 
# 
_pdbx_audit_support.funding_organization   'National Natural Science Foundation of China (NSFC)' 
_pdbx_audit_support.country                China 
_pdbx_audit_support.grant_number           ? 
_pdbx_audit_support.ordinal                1 
# 
loop_
_pdbx_entity_instance_feature.ordinal 
_pdbx_entity_instance_feature.comp_id 
_pdbx_entity_instance_feature.asym_id 
_pdbx_entity_instance_feature.seq_num 
_pdbx_entity_instance_feature.auth_comp_id 
_pdbx_entity_instance_feature.auth_asym_id 
_pdbx_entity_instance_feature.auth_seq_num 
_pdbx_entity_instance_feature.feature_type 
_pdbx_entity_instance_feature.details 
1 J8F ? ? J8F ? ? 'SUBJECT OF INVESTIGATION' ? 
2 MN  ? ? MN  ? ? 'SUBJECT OF INVESTIGATION' ? 
# 
loop_
_pdbx_entity_nonpoly.entity_id 
_pdbx_entity_nonpoly.name 
_pdbx_entity_nonpoly.comp_id 
2 '4-[(~{Z})-1-cyano-2-[4-[2-hydroxyethyl(methyl)amino]phenyl]ethenyl]benzenecarbonitrile' J8F 
3 'MANGANESE (II) ION'                                                                     MN  
4 'MAGNESIUM ION'                                                                          MG  
5 water                                                                                    HOH 
# 
_pdbx_initial_refinement_model.id               1 
_pdbx_initial_refinement_model.entity_id_list   ? 
_pdbx_initial_refinement_model.type             'experimental model' 
_pdbx_initial_refinement_model.source_name      PDB 
_pdbx_initial_refinement_model.accession_code   7EOG 
_pdbx_initial_refinement_model.details          ? 
# 
_pdbx_struct_assembly_auth_evidence.id                     1 
_pdbx_struct_assembly_auth_evidence.assembly_id            1 
_pdbx_struct_assembly_auth_evidence.experimental_support   none 
_pdbx_struct_assembly_auth_evidence.details                ? 
# 
